data_3CDD
#
_entry.id   3CDD
#
_cell.length_a   96.345
_cell.length_b   82.445
_cell.length_c   151.832
_cell.angle_alpha   90.00
_cell.angle_beta   100.20
_cell.angle_gamma   90.00
#
_symmetry.space_group_name_H-M   'P 1 21 1'
#
loop_
_entity.id
_entity.type
_entity.pdbx_description
1 polymer 'Prophage MuSo2, 43 kDa tail protein'
2 water water
#
_entity_poly.entity_id   1
_entity_poly.type   'polypeptide(L)'
_entity_poly.pdbx_seq_one_letter_code
;QGHSEEIVLKAGGKIYQGWTKIGITRSLEA(MSE)SGAFDLE(MSE)TYKFLGNDAQYKAFIEPIKQGQACTVDIGGERV
ITGYVDDWVPSYDESTITISVSGRDKTADLVDCSIDYPSGQFNNQTLTQIADIVCKPFGIKVIVNTDVGEPFQRIQIEQG
ETPHELLARLAKQRGVLLTSDTFGNLVITRASKTKAGVSLILGDNVKAARGRFSWRQRFSKFTIKAAGAAHGQWDSAGLP
TVGGIKADVTDSEIGRYRPLIIVNEEVTTAEGAAKRGQWERQRSIGKSN(MSE)AEYTVTGWRIPQTGKLWNINTLVPVI
DEI(MSE)GLDEE(MSE)LIASILFSEDDAGRLAVISVVRPDA(MSE)DIPAQIVKDTKLGGSTW
;
_entity_poly.pdbx_strand_id   A,B,C,D,E,F
#
# COMPACT_ATOMS: atom_id res chain seq x y z
N SER A 4 -8.81 -14.35 -6.61
CA SER A 4 -7.65 -14.83 -7.44
C SER A 4 -6.35 -14.57 -6.70
N GLU A 5 -5.99 -13.28 -6.54
CA GLU A 5 -4.91 -12.83 -5.66
C GLU A 5 -4.91 -13.71 -4.42
N GLU A 6 -3.74 -14.16 -4.00
CA GLU A 6 -3.67 -15.00 -2.81
C GLU A 6 -3.28 -14.17 -1.59
N ILE A 7 -3.69 -14.68 -0.43
CA ILE A 7 -3.37 -14.04 0.85
C ILE A 7 -2.26 -14.81 1.58
N VAL A 8 -1.15 -14.10 1.88
CA VAL A 8 0.05 -14.74 2.40
C VAL A 8 0.52 -14.13 3.73
N LEU A 9 0.73 -14.98 4.71
CA LEU A 9 1.41 -14.60 5.92
C LEU A 9 2.87 -14.99 5.79
N LYS A 10 3.75 -14.02 6.03
CA LYS A 10 5.18 -14.24 6.10
C LYS A 10 5.64 -14.04 7.55
N ALA A 11 6.35 -15.03 8.09
CA ALA A 11 6.96 -14.96 9.41
C ALA A 11 8.16 -15.89 9.45
N GLY A 12 9.30 -15.40 9.95
CA GLY A 12 10.49 -16.25 10.08
C GLY A 12 11.16 -16.70 8.78
N GLY A 13 11.03 -15.89 7.73
CA GLY A 13 11.59 -16.24 6.43
C GLY A 13 10.74 -17.30 5.72
N LYS A 14 9.58 -17.60 6.31
CA LYS A 14 8.67 -18.61 5.78
C LYS A 14 7.39 -17.98 5.23
N ILE A 15 6.72 -18.71 4.35
CA ILE A 15 5.54 -18.22 3.68
C ILE A 15 4.41 -19.22 3.95
N TYR A 16 3.29 -18.70 4.39
CA TYR A 16 2.14 -19.47 4.82
C TYR A 16 0.92 -19.01 4.04
N GLN A 17 0.45 -19.88 3.16
CA GLN A 17 -0.72 -19.61 2.36
C GLN A 17 -1.60 -20.84 2.48
N GLY A 18 -2.89 -20.66 2.25
CA GLY A 18 -3.82 -21.79 2.25
C GLY A 18 -4.60 -21.86 3.54
N TRP A 19 -4.63 -20.76 4.27
CA TRP A 19 -5.39 -20.63 5.50
C TRP A 19 -6.86 -20.93 5.23
N THR A 20 -7.53 -21.50 6.23
CA THR A 20 -8.92 -21.88 6.10
C THR A 20 -9.85 -20.82 6.69
N LYS A 21 -9.31 -19.97 7.57
CA LYS A 21 -10.05 -18.82 8.11
C LYS A 21 -9.10 -17.65 8.40
N ILE A 22 -9.43 -16.47 7.87
CA ILE A 22 -8.61 -15.26 8.02
C ILE A 22 -9.53 -14.15 8.48
N GLY A 23 -9.13 -13.41 9.54
CA GLY A 23 -9.83 -12.20 9.95
C GLY A 23 -8.80 -11.11 10.21
N ILE A 24 -8.89 -9.96 9.53
CA ILE A 24 -7.95 -8.86 9.83
C ILE A 24 -8.77 -7.60 10.09
N THR A 25 -8.56 -6.97 11.25
CA THR A 25 -9.19 -5.69 11.51
C THR A 25 -8.20 -4.54 11.32
N ARG A 26 -8.62 -3.55 10.54
CA ARG A 26 -8.01 -2.22 10.56
C ARG A 26 -9.05 -1.27 11.18
N SER A 27 -8.60 -0.40 12.08
CA SER A 27 -9.54 0.44 12.80
C SER A 27 -8.98 1.80 13.18
N LEU A 28 -9.82 2.82 13.15
CA LEU A 28 -9.44 4.16 13.63
C LEU A 28 -9.65 4.32 15.13
N GLU A 29 -10.37 3.39 15.76
CA GLU A 29 -10.74 3.58 17.18
C GLU A 29 -10.11 2.55 18.11
N ALA A 30 -9.24 1.71 17.59
CA ALA A 30 -8.62 0.69 18.40
C ALA A 30 -7.19 0.49 17.90
N MSE A 31 -6.23 1.13 18.59
CA MSE A 31 -4.82 1.14 18.15
C MSE A 31 -4.29 -0.26 17.91
O MSE A 31 -4.39 -1.11 18.79
CB MSE A 31 -3.93 1.87 19.17
CG MSE A 31 -2.42 2.01 18.71
SE MSE A 31 -2.13 2.93 17.01
CE MSE A 31 -2.90 4.62 17.56
N SER A 32 -3.76 -0.48 16.69
CA SER A 32 -3.04 -1.70 16.29
C SER A 32 -3.88 -2.81 15.64
N GLY A 33 -5.20 -2.64 15.63
CA GLY A 33 -6.13 -3.56 15.00
C GLY A 33 -5.84 -5.00 15.38
N ALA A 34 -5.91 -5.92 14.41
CA ALA A 34 -5.82 -7.34 14.78
C ALA A 34 -5.70 -8.21 13.57
N PHE A 35 -5.00 -9.32 13.69
CA PHE A 35 -5.12 -10.40 12.73
C PHE A 35 -5.32 -11.74 13.44
N ASP A 36 -6.04 -12.65 12.77
N ASP A 36 -6.03 -12.64 12.76
CA ASP A 36 -6.21 -14.02 13.26
CA ASP A 36 -6.22 -14.01 13.21
C ASP A 36 -6.26 -14.92 12.02
C ASP A 36 -6.22 -14.90 11.97
N LEU A 37 -5.35 -15.91 11.98
CA LEU A 37 -5.27 -16.84 10.88
C LEU A 37 -5.32 -18.25 11.41
N GLU A 38 -6.15 -19.07 10.78
CA GLU A 38 -6.33 -20.43 11.19
C GLU A 38 -6.28 -21.38 9.97
N MSE A 39 -5.65 -22.54 10.18
CA MSE A 39 -5.60 -23.61 9.18
C MSE A 39 -6.03 -24.90 9.85
O MSE A 39 -5.37 -25.38 10.76
CB MSE A 39 -4.17 -23.75 8.63
CG MSE A 39 -4.04 -24.19 7.16
SE MSE A 39 -2.13 -24.31 6.72
CE MSE A 39 -1.55 -22.45 6.68
N THR A 40 -7.16 -25.46 9.41
CA THR A 40 -7.74 -26.71 9.96
C THR A 40 -7.68 -27.87 8.96
N TYR A 41 -6.89 -28.88 9.27
CA TYR A 41 -6.86 -30.09 8.47
C TYR A 41 -7.64 -31.21 9.15
N LYS A 42 -8.39 -31.96 8.34
CA LYS A 42 -9.04 -33.20 8.78
C LYS A 42 -8.37 -34.43 8.13
N PHE A 43 -8.06 -35.42 8.96
CA PHE A 43 -7.43 -36.66 8.51
C PHE A 43 -8.38 -37.82 8.72
N LEU A 44 -8.98 -38.29 7.62
CA LEU A 44 -10.05 -39.29 7.68
C LEU A 44 -9.57 -40.70 8.03
N GLY A 45 -8.26 -40.94 7.88
CA GLY A 45 -7.65 -42.17 8.38
C GLY A 45 -7.46 -42.16 9.90
N ASN A 46 -7.90 -41.10 10.57
CA ASN A 46 -7.89 -41.01 12.04
C ASN A 46 -6.44 -41.09 12.53
N ASP A 47 -5.54 -40.50 11.74
CA ASP A 47 -4.11 -40.62 11.95
C ASP A 47 -3.45 -39.24 11.95
N ALA A 48 -4.20 -38.23 12.35
CA ALA A 48 -3.72 -36.86 12.44
C ALA A 48 -2.45 -36.73 13.28
N GLN A 49 -2.36 -37.50 14.36
CA GLN A 49 -1.26 -37.34 15.30
C GLN A 49 0.08 -37.86 14.76
N TYR A 50 0.02 -38.62 13.66
CA TYR A 50 1.24 -39.10 12.98
C TYR A 50 1.57 -38.28 11.72
N LYS A 51 0.89 -37.14 11.55
CA LYS A 51 0.91 -36.39 10.28
C LYS A 51 1.06 -34.88 10.44
N ALA A 52 1.80 -34.47 11.49
CA ALA A 52 2.21 -33.08 11.69
C ALA A 52 2.87 -32.54 10.41
N PHE A 53 2.52 -31.31 10.05
CA PHE A 53 2.84 -30.77 8.71
C PHE A 53 3.77 -29.55 8.73
N ILE A 54 3.39 -28.49 9.45
CA ILE A 54 4.28 -27.32 9.58
C ILE A 54 4.93 -27.22 10.94
N GLU A 55 6.13 -26.65 10.93
CA GLU A 55 6.84 -26.30 12.15
C GLU A 55 6.10 -25.11 12.77
N PRO A 56 5.94 -25.09 14.11
CA PRO A 56 5.26 -23.98 14.75
C PRO A 56 5.66 -22.58 14.26
N ILE A 57 4.71 -21.65 14.26
CA ILE A 57 5.01 -20.24 14.15
C ILE A 57 5.23 -19.79 15.59
N LYS A 58 6.44 -19.35 15.90
CA LYS A 58 6.75 -18.92 17.25
C LYS A 58 6.01 -17.64 17.58
N GLN A 59 5.31 -17.65 18.72
CA GLN A 59 4.80 -16.42 19.34
C GLN A 59 5.93 -15.38 19.46
N GLY A 60 5.63 -14.11 19.25
CA GLY A 60 6.66 -13.08 19.26
C GLY A 60 7.24 -12.69 17.92
N GLN A 61 7.12 -13.57 16.94
CA GLN A 61 7.71 -13.40 15.60
C GLN A 61 7.17 -12.17 14.86
N ALA A 62 8.05 -11.41 14.20
CA ALA A 62 7.61 -10.38 13.24
C ALA A 62 6.89 -11.04 12.07
N CYS A 63 5.88 -10.32 11.57
CA CYS A 63 4.80 -10.92 10.82
C CYS A 63 4.26 -9.91 9.78
N THR A 64 3.96 -10.37 8.57
CA THR A 64 3.19 -9.56 7.59
C THR A 64 2.10 -10.38 6.91
N VAL A 65 0.99 -9.72 6.62
CA VAL A 65 -0.03 -10.33 5.78
C VAL A 65 -0.19 -9.49 4.53
N ASP A 66 -0.08 -10.15 3.37
CA ASP A 66 -0.23 -9.55 2.04
C ASP A 66 -1.36 -10.20 1.22
N ILE A 67 -2.01 -9.39 0.41
CA ILE A 67 -2.97 -9.87 -0.59
C ILE A 67 -2.44 -9.44 -1.95
N GLY A 68 -2.12 -10.41 -2.81
CA GLY A 68 -1.56 -10.11 -4.14
C GLY A 68 -0.25 -9.35 -4.07
N GLY A 69 0.53 -9.58 -3.02
CA GLY A 69 1.77 -8.86 -2.81
C GLY A 69 1.60 -7.50 -2.15
N GLU A 70 0.36 -7.07 -1.93
CA GLU A 70 0.10 -5.77 -1.28
C GLU A 70 -0.09 -5.96 0.22
N ARG A 71 0.57 -5.09 0.99
CA ARG A 71 0.55 -5.16 2.44
C ARG A 71 -0.82 -4.82 3.02
N VAL A 72 -1.29 -5.67 3.92
CA VAL A 72 -2.54 -5.45 4.61
C VAL A 72 -2.27 -5.06 6.06
N ILE A 73 -1.32 -5.75 6.69
CA ILE A 73 -0.99 -5.56 8.11
C ILE A 73 0.44 -6.01 8.39
N THR A 74 1.13 -5.22 9.23
CA THR A 74 2.51 -5.47 9.61
C THR A 74 2.61 -5.40 11.14
N GLY A 75 3.03 -6.51 11.74
CA GLY A 75 3.17 -6.55 13.20
C GLY A 75 3.90 -7.77 13.73
N TYR A 76 3.38 -8.32 14.82
CA TYR A 76 3.99 -9.44 15.51
C TYR A 76 2.95 -10.45 15.92
N VAL A 77 3.36 -11.71 15.99
CA VAL A 77 2.52 -12.76 16.51
C VAL A 77 2.42 -12.59 18.00
N ASP A 78 1.19 -12.45 18.49
CA ASP A 78 0.95 -12.43 19.93
C ASP A 78 0.87 -13.86 20.44
N ASP A 79 0.03 -14.66 19.78
CA ASP A 79 -0.33 -16.00 20.23
C ASP A 79 -0.12 -17.06 19.14
N TRP A 80 0.50 -18.16 19.53
CA TRP A 80 0.57 -19.38 18.77
C TRP A 80 -0.43 -20.35 19.43
N VAL A 81 -1.35 -20.89 18.64
CA VAL A 81 -2.53 -21.59 19.19
C VAL A 81 -2.72 -22.94 18.49
N PRO A 82 -1.93 -23.95 18.87
CA PRO A 82 -2.10 -25.28 18.28
C PRO A 82 -3.15 -26.11 19.00
N SER A 83 -3.81 -27.00 18.27
CA SER A 83 -4.70 -28.01 18.84
C SER A 83 -4.80 -29.16 17.87
N TYR A 84 -5.22 -30.33 18.36
CA TYR A 84 -5.46 -31.45 17.47
C TYR A 84 -6.31 -32.48 18.21
N ASP A 85 -6.84 -33.44 17.46
CA ASP A 85 -7.36 -34.69 18.03
C ASP A 85 -7.00 -35.84 17.10
N GLU A 86 -7.78 -36.92 17.06
CA GLU A 86 -7.35 -38.07 16.27
C GLU A 86 -7.54 -37.89 14.76
N SER A 87 -8.38 -36.93 14.37
CA SER A 87 -8.66 -36.70 12.96
C SER A 87 -8.59 -35.22 12.55
N THR A 88 -7.90 -34.41 13.37
CA THR A 88 -7.88 -32.95 13.22
C THR A 88 -6.54 -32.41 13.64
N ILE A 89 -6.01 -31.49 12.85
CA ILE A 89 -4.92 -30.61 13.30
C ILE A 89 -5.32 -29.18 12.94
N THR A 90 -5.37 -28.33 13.96
CA THR A 90 -5.71 -26.93 13.78
C THR A 90 -4.55 -26.11 14.32
N ILE A 91 -3.99 -25.26 13.47
CA ILE A 91 -3.01 -24.28 13.92
C ILE A 91 -3.57 -22.89 13.65
N SER A 92 -3.39 -21.98 14.59
CA SER A 92 -3.76 -20.59 14.34
C SER A 92 -2.81 -19.70 15.08
N VAL A 93 -2.59 -18.52 14.49
CA VAL A 93 -1.87 -17.43 15.14
C VAL A 93 -2.82 -16.23 15.24
N SER A 94 -2.56 -15.41 16.25
CA SER A 94 -3.25 -14.13 16.44
CA SER A 94 -3.22 -14.11 16.35
C SER A 94 -2.17 -13.08 16.74
N GLY A 95 -2.51 -11.82 16.53
CA GLY A 95 -1.61 -10.73 16.85
C GLY A 95 -2.20 -9.38 16.47
N ARG A 96 -1.32 -8.40 16.42
CA ARG A 96 -1.70 -7.00 16.24
C ARG A 96 -0.59 -6.39 15.38
N ASP A 97 -0.81 -5.20 14.84
CA ASP A 97 0.23 -4.50 14.10
C ASP A 97 1.32 -3.96 15.07
N LYS A 98 2.44 -3.48 14.53
CA LYS A 98 3.60 -3.04 15.33
C LYS A 98 3.28 -2.07 16.48
N THR A 99 2.29 -1.20 16.27
CA THR A 99 1.95 -0.19 17.29
C THR A 99 1.45 -0.80 18.59
N ALA A 100 1.24 -2.12 18.60
CA ALA A 100 0.81 -2.79 19.83
C ALA A 100 1.86 -2.66 20.93
N ASP A 101 3.14 -2.60 20.57
CA ASP A 101 4.21 -2.35 21.53
C ASP A 101 4.00 -1.02 22.26
N LEU A 102 3.46 -0.03 21.52
CA LEU A 102 3.17 1.30 22.08
C LEU A 102 2.03 1.25 23.07
N VAL A 103 1.16 0.25 22.94
CA VAL A 103 0.00 0.09 23.79
C VAL A 103 0.36 -0.71 25.04
N ASP A 104 1.22 -1.72 24.86
CA ASP A 104 1.58 -2.66 25.94
C ASP A 104 2.66 -2.16 26.90
N CYS A 105 3.61 -1.41 26.37
CA CYS A 105 4.89 -1.17 27.07
C CYS A 105 5.01 0.21 27.70
N SER A 106 5.93 0.34 28.67
CA SER A 106 6.16 1.59 29.37
C SER A 106 7.09 2.50 28.57
N ILE A 107 6.97 3.80 28.80
CA ILE A 107 7.92 4.77 28.26
C ILE A 107 9.14 4.79 29.16
N ASP A 108 10.31 4.53 28.58
CA ASP A 108 11.56 4.71 29.29
C ASP A 108 12.32 5.93 28.74
N TYR A 109 11.83 7.12 29.09
CA TYR A 109 12.52 8.36 28.77
C TYR A 109 13.00 8.96 30.10
N PRO A 110 14.27 8.66 30.47
CA PRO A 110 14.80 8.89 31.81
C PRO A 110 14.65 10.30 32.39
N SER A 111 14.74 11.35 31.56
CA SER A 111 14.53 12.70 32.07
C SER A 111 13.07 12.95 32.49
N GLY A 112 12.18 12.08 32.02
CA GLY A 112 10.78 12.01 32.49
C GLY A 112 9.86 13.17 32.13
N GLN A 113 10.32 14.04 31.23
CA GLN A 113 9.51 15.19 30.81
C GLN A 113 9.97 15.79 29.49
N PHE A 114 9.02 16.30 28.72
CA PHE A 114 9.31 16.95 27.44
C PHE A 114 9.06 18.44 27.55
N ASN A 115 10.01 19.23 27.05
CA ASN A 115 9.99 20.69 27.16
C ASN A 115 9.82 21.35 25.80
N ASN A 116 8.73 22.08 25.64
CA ASN A 116 8.49 22.90 24.43
C ASN A 116 8.51 22.08 23.14
N GLN A 117 7.93 20.88 23.23
CA GLN A 117 7.90 19.93 22.14
C GLN A 117 6.50 19.84 21.57
N THR A 118 6.42 19.71 20.25
CA THR A 118 5.16 19.37 19.62
C THR A 118 4.82 17.89 19.85
N LEU A 119 3.57 17.54 19.54
CA LEU A 119 3.11 16.16 19.55
C LEU A 119 4.01 15.28 18.68
N THR A 120 4.41 15.82 17.52
CA THR A 120 5.23 15.07 16.58
C THR A 120 6.64 14.82 17.13
N GLN A 121 7.25 15.82 17.74
CA GLN A 121 8.55 15.60 18.35
C GLN A 121 8.47 14.58 19.49
N ILE A 122 7.43 14.67 20.32
CA ILE A 122 7.29 13.70 21.40
C ILE A 122 7.11 12.28 20.83
N ALA A 123 6.23 12.13 19.84
CA ALA A 123 5.93 10.83 19.24
C ALA A 123 7.19 10.22 18.60
N ASP A 124 8.01 11.05 17.93
CA ASP A 124 9.31 10.60 17.40
C ASP A 124 10.19 9.99 18.50
N ILE A 125 10.23 10.66 19.66
CA ILE A 125 11.02 10.20 20.82
C ILE A 125 10.56 8.86 21.39
N VAL A 126 9.29 8.77 21.81
CA VAL A 126 8.80 7.55 22.47
C VAL A 126 8.69 6.32 21.56
N CYS A 127 8.60 6.56 20.24
CA CYS A 127 8.39 5.51 19.22
C CYS A 127 9.70 4.87 18.74
N LYS A 128 10.77 5.66 18.78
CA LYS A 128 12.06 5.28 18.22
C LYS A 128 12.66 3.97 18.76
N PRO A 129 12.72 3.77 20.11
CA PRO A 129 13.34 2.51 20.58
C PRO A 129 12.51 1.27 20.21
N PHE A 130 11.26 1.47 19.80
CA PHE A 130 10.42 0.39 19.29
C PHE A 130 10.57 0.21 17.76
N GLY A 131 11.41 1.06 17.16
CA GLY A 131 11.60 1.05 15.70
C GLY A 131 10.30 1.25 14.93
N ILE A 132 9.50 2.20 15.40
CA ILE A 132 8.23 2.53 14.79
C ILE A 132 8.33 3.96 14.24
N LYS A 133 8.06 4.11 12.94
CA LYS A 133 8.04 5.43 12.30
C LYS A 133 6.76 6.19 12.61
N VAL A 134 6.87 7.51 12.67
CA VAL A 134 5.73 8.39 12.91
C VAL A 134 5.42 9.18 11.63
N ILE A 135 4.24 8.94 11.06
CA ILE A 135 3.78 9.62 9.86
C ILE A 135 2.81 10.73 10.29
N VAL A 136 3.06 11.95 9.82
CA VAL A 136 2.21 13.11 10.13
C VAL A 136 1.47 13.61 8.89
N ASN A 137 0.14 13.60 8.97
CA ASN A 137 -0.77 13.95 7.88
C ASN A 137 -1.72 15.10 8.23
N THR A 138 -1.37 15.91 9.21
CA THR A 138 -2.24 17.00 9.64
C THR A 138 -1.42 17.97 10.46
N ASP A 139 -2.01 19.14 10.74
CA ASP A 139 -1.35 20.15 11.54
C ASP A 139 -1.47 19.77 13.02
N VAL A 140 -0.33 19.56 13.67
CA VAL A 140 -0.31 19.15 15.10
C VAL A 140 -0.35 20.36 16.04
N GLY A 141 -0.31 21.55 15.46
CA GLY A 141 -0.44 22.80 16.20
C GLY A 141 0.73 23.06 17.13
N GLU A 142 0.45 23.81 18.20
CA GLU A 142 1.48 24.41 19.04
C GLU A 142 2.27 23.37 19.82
N PRO A 143 3.54 23.69 20.17
CA PRO A 143 4.28 22.88 21.13
C PRO A 143 3.58 22.81 22.49
N PHE A 144 3.88 21.80 23.30
CA PHE A 144 3.48 21.78 24.71
C PHE A 144 4.64 22.34 25.55
N GLN A 145 4.35 23.29 26.43
CA GLN A 145 5.43 23.86 27.24
C GLN A 145 6.14 22.82 28.10
N ARG A 146 5.37 22.07 28.89
CA ARG A 146 5.92 21.04 29.76
C ARG A 146 4.94 19.89 29.98
N ILE A 147 5.41 18.69 29.63
CA ILE A 147 4.65 17.44 29.73
C ILE A 147 5.44 16.46 30.59
N GLN A 148 4.82 15.99 31.66
CA GLN A 148 5.44 14.97 32.48
C GLN A 148 4.84 13.58 32.27
N ILE A 149 5.72 12.59 32.06
CA ILE A 149 5.29 11.21 31.97
C ILE A 149 4.68 10.77 33.28
N GLU A 150 3.41 10.35 33.25
CA GLU A 150 2.78 9.76 34.42
C GLU A 150 3.44 8.40 34.71
N GLN A 151 3.31 7.94 35.94
CA GLN A 151 3.97 6.70 36.36
C GLN A 151 3.47 5.52 35.53
N GLY A 152 4.39 4.90 34.78
CA GLY A 152 4.07 3.66 34.05
C GLY A 152 3.24 3.90 32.80
N GLU A 153 3.07 5.17 32.45
CA GLU A 153 2.36 5.56 31.24
C GLU A 153 3.00 4.91 30.01
N THR A 154 2.17 4.41 29.11
CA THR A 154 2.66 3.82 27.88
C THR A 154 2.79 4.90 26.79
N PRO A 155 3.62 4.66 25.75
CA PRO A 155 3.71 5.60 24.62
C PRO A 155 2.34 5.96 24.00
N HIS A 156 1.47 4.96 23.82
CA HIS A 156 0.10 5.25 23.34
C HIS A 156 -0.75 6.14 24.27
N GLU A 157 -0.77 5.84 25.56
CA GLU A 157 -1.54 6.67 26.49
C GLU A 157 -1.05 8.12 26.54
N LEU A 158 0.26 8.32 26.47
CA LEU A 158 0.80 9.67 26.42
C LEU A 158 0.42 10.39 25.14
N LEU A 159 0.63 9.73 24.01
CA LEU A 159 0.37 10.35 22.71
C LEU A 159 -1.10 10.64 22.54
N ALA A 160 -1.94 9.74 23.05
CA ALA A 160 -3.39 9.88 22.92
C ALA A 160 -3.90 11.09 23.74
N ARG A 161 -3.40 11.27 24.96
CA ARG A 161 -3.80 12.45 25.74
C ARG A 161 -3.33 13.77 25.12
N LEU A 162 -2.10 13.81 24.63
CA LEU A 162 -1.61 14.96 23.87
C LEU A 162 -2.46 15.24 22.63
N ALA A 163 -2.73 14.18 21.85
CA ALA A 163 -3.55 14.26 20.64
C ALA A 163 -4.89 14.96 20.92
N LYS A 164 -5.45 14.66 22.08
CA LYS A 164 -6.79 15.13 22.44
C LYS A 164 -6.76 16.63 22.72
N GLN A 165 -5.63 17.14 23.17
CA GLN A 165 -5.43 18.57 23.42
C GLN A 165 -5.07 19.34 22.16
N ARG A 166 -4.94 18.63 21.03
CA ARG A 166 -4.62 19.25 19.74
C ARG A 166 -5.66 18.96 18.65
N GLY A 167 -6.74 18.29 19.05
CA GLY A 167 -7.82 17.89 18.14
C GLY A 167 -7.39 17.04 16.97
N VAL A 168 -6.44 16.13 17.20
CA VAL A 168 -5.99 15.21 16.17
C VAL A 168 -6.21 13.75 16.60
N LEU A 169 -6.07 12.84 15.65
CA LEU A 169 -6.27 11.41 15.87
C LEU A 169 -4.98 10.64 15.68
N LEU A 170 -4.81 9.57 16.46
CA LEU A 170 -3.72 8.60 16.28
C LEU A 170 -4.24 7.32 15.63
N THR A 171 -3.57 6.84 14.59
CA THR A 171 -3.90 5.53 14.00
C THR A 171 -2.62 4.84 13.51
N SER A 172 -2.73 3.87 12.63
CA SER A 172 -1.55 3.25 12.06
C SER A 172 -1.80 3.01 10.58
N ASP A 173 -0.75 2.72 9.82
CA ASP A 173 -0.94 2.42 8.40
C ASP A 173 -0.69 0.94 8.17
N THR A 174 -0.78 0.47 6.91
CA THR A 174 -0.60 -0.96 6.65
C THR A 174 0.81 -1.46 6.98
N PHE A 175 1.75 -0.53 7.12
CA PHE A 175 3.14 -0.88 7.43
C PHE A 175 3.44 -0.81 8.93
N GLY A 176 2.40 -0.58 9.73
CA GLY A 176 2.55 -0.56 11.19
C GLY A 176 3.29 0.66 11.69
N ASN A 177 3.28 1.72 10.89
CA ASN A 177 3.82 3.01 11.30
C ASN A 177 2.75 3.70 12.11
N LEU A 178 3.13 4.50 13.10
CA LEU A 178 2.17 5.42 13.78
C LEU A 178 1.75 6.58 12.88
N VAL A 179 0.44 6.79 12.74
CA VAL A 179 -0.11 7.88 11.92
C VAL A 179 -0.82 8.94 12.76
N ILE A 180 -0.39 10.18 12.59
CA ILE A 180 -1.06 11.33 13.18
C ILE A 180 -1.87 12.08 12.12
N THR A 181 -3.18 12.07 12.31
CA THR A 181 -4.07 12.62 11.30
C THR A 181 -5.34 13.26 11.88
N ARG A 182 -6.26 13.61 11.00
CA ARG A 182 -7.60 14.05 11.38
C ARG A 182 -8.55 13.33 10.46
N ALA A 183 -9.84 13.35 10.77
CA ALA A 183 -10.85 12.79 9.86
C ALA A 183 -10.62 13.31 8.45
N SER A 184 -10.49 12.39 7.50
CA SER A 184 -10.04 12.71 6.15
C SER A 184 -11.11 13.35 5.26
N LYS A 185 -10.66 14.07 4.23
CA LYS A 185 -11.52 14.58 3.16
C LYS A 185 -11.40 13.67 1.95
N THR A 186 -10.43 12.75 2.01
CA THR A 186 -10.17 11.78 0.93
C THR A 186 -11.33 10.80 0.75
N LYS A 187 -11.73 10.63 -0.50
CA LYS A 187 -12.88 9.79 -0.82
C LYS A 187 -12.44 8.36 -1.17
N ALA A 188 -13.20 7.38 -0.71
CA ALA A 188 -12.90 6.00 -1.07
C ALA A 188 -12.90 5.79 -2.59
N GLY A 189 -13.56 6.69 -3.32
CA GLY A 189 -13.77 6.55 -4.76
C GLY A 189 -14.90 5.60 -5.09
N VAL A 190 -15.80 5.38 -4.14
CA VAL A 190 -16.90 4.44 -4.29
C VAL A 190 -18.04 4.84 -3.35
N SER A 191 -19.27 4.48 -3.73
CA SER A 191 -20.43 4.59 -2.85
C SER A 191 -20.88 3.20 -2.41
N LEU A 192 -21.47 3.14 -1.23
CA LEU A 192 -22.16 1.95 -0.79
C LEU A 192 -23.66 2.15 -1.05
N ILE A 193 -24.16 1.46 -2.08
CA ILE A 193 -25.52 1.67 -2.59
C ILE A 193 -26.34 0.39 -2.42
N LEU A 194 -27.34 0.49 -1.53
CA LEU A 194 -28.37 -0.54 -1.37
C LEU A 194 -28.94 -0.98 -2.73
N GLY A 195 -28.77 -2.26 -3.03
CA GLY A 195 -29.18 -2.82 -4.32
C GLY A 195 -28.08 -2.89 -5.39
N ASP A 196 -26.90 -2.38 -5.07
CA ASP A 196 -25.78 -2.33 -6.01
CA ASP A 196 -25.80 -2.34 -6.02
C ASP A 196 -24.60 -3.14 -5.49
N ASN A 197 -23.82 -2.57 -4.57
CA ASN A 197 -22.63 -3.26 -4.08
C ASN A 197 -22.69 -3.73 -2.62
N VAL A 198 -23.86 -3.59 -2.00
CA VAL A 198 -24.04 -4.04 -0.64
C VAL A 198 -24.63 -5.45 -0.60
N LYS A 199 -23.82 -6.40 -0.12
CA LYS A 199 -24.26 -7.77 0.02
C LYS A 199 -25.19 -7.92 1.23
N ALA A 200 -24.82 -7.33 2.35
CA ALA A 200 -25.65 -7.34 3.55
C ALA A 200 -25.28 -6.16 4.41
N ALA A 201 -26.13 -5.82 5.37
CA ALA A 201 -25.85 -4.71 6.28
C ALA A 201 -26.61 -4.81 7.58
N ARG A 202 -26.14 -4.05 8.54
CA ARG A 202 -26.63 -4.14 9.89
C ARG A 202 -26.47 -2.78 10.56
N GLY A 203 -27.42 -2.37 11.40
CA GLY A 203 -27.34 -1.07 12.08
C GLY A 203 -27.93 -1.11 13.48
N ARG A 204 -27.57 -0.14 14.30
CA ARG A 204 -28.21 0.04 15.60
C ARG A 204 -28.18 1.52 15.92
N PHE A 205 -29.34 2.10 16.10
CA PHE A 205 -29.49 3.53 16.34
C PHE A 205 -30.28 3.71 17.61
N SER A 206 -29.62 4.25 18.63
CA SER A 206 -30.15 4.21 19.98
C SER A 206 -30.14 5.57 20.65
N TRP A 207 -31.06 5.78 21.61
CA TRP A 207 -30.98 6.90 22.54
C TRP A 207 -30.64 6.50 23.99
N ARG A 208 -30.32 5.25 24.27
CA ARG A 208 -30.03 4.82 25.65
C ARG A 208 -28.95 5.71 26.28
N GLN A 209 -27.99 6.14 25.47
CA GLN A 209 -26.86 6.92 25.98
C GLN A 209 -26.85 8.34 25.46
N ARG A 210 -28.00 8.76 24.92
CA ARG A 210 -28.22 10.10 24.39
C ARG A 210 -28.94 10.95 25.40
N PHE A 211 -28.56 12.23 25.46
CA PHE A 211 -29.15 13.15 26.46
C PHE A 211 -29.45 14.49 25.82
N SER A 212 -30.44 15.20 26.37
CA SER A 212 -30.90 16.49 25.83
C SER A 212 -29.99 17.63 26.24
N LYS A 213 -29.34 17.48 27.39
CA LYS A 213 -28.47 18.50 27.95
C LYS A 213 -27.33 17.87 28.74
N PHE A 214 -26.10 18.26 28.42
CA PHE A 214 -24.92 17.85 29.19
C PHE A 214 -24.45 19.02 30.05
N THR A 215 -24.57 18.90 31.37
CA THR A 215 -24.04 19.90 32.29
CA THR A 215 -24.05 19.91 32.29
C THR A 215 -22.71 19.42 32.87
N ILE A 216 -21.64 20.17 32.59
CA ILE A 216 -20.30 19.83 33.06
C ILE A 216 -19.91 20.75 34.20
N LYS A 217 -19.57 20.16 35.35
CA LYS A 217 -19.22 20.91 36.57
C LYS A 217 -17.76 20.68 36.92
N ALA A 218 -17.06 21.77 37.25
CA ALA A 218 -15.76 21.65 37.89
C ALA A 218 -15.99 21.22 39.34
N ALA A 219 -15.01 20.51 39.92
CA ALA A 219 -15.05 20.09 41.33
C ALA A 219 -13.68 19.57 41.76
N LYS A 238 -19.76 25.79 36.04
CA LYS A 238 -20.42 24.81 35.17
C LYS A 238 -20.62 25.36 33.75
N ALA A 239 -21.25 24.53 32.90
CA ALA A 239 -21.61 24.88 31.52
C ALA A 239 -22.55 23.82 30.92
N ASP A 240 -23.60 24.29 30.23
CA ASP A 240 -24.53 23.41 29.52
C ASP A 240 -24.13 23.27 28.06
N VAL A 241 -24.15 22.04 27.58
CA VAL A 241 -24.09 21.75 26.15
C VAL A 241 -25.37 21.00 25.75
N THR A 242 -26.16 21.64 24.89
CA THR A 242 -27.40 21.09 24.41
C THR A 242 -27.17 20.11 23.26
N ASP A 243 -27.96 19.05 23.24
CA ASP A 243 -28.05 18.19 22.08
C ASP A 243 -29.48 18.26 21.59
N SER A 244 -29.68 19.04 20.54
CA SER A 244 -30.99 19.33 19.98
C SER A 244 -31.63 18.16 19.22
N GLU A 245 -30.86 17.10 18.97
CA GLU A 245 -31.42 15.89 18.36
C GLU A 245 -32.38 15.17 19.31
N ILE A 246 -32.18 15.37 20.61
CA ILE A 246 -32.91 14.63 21.64
C ILE A 246 -34.04 15.49 22.17
N GLY A 247 -35.27 15.21 21.69
CA GLY A 247 -36.41 16.10 21.94
C GLY A 247 -37.28 15.86 23.17
N ARG A 248 -36.77 15.08 24.11
CA ARG A 248 -37.41 14.81 25.39
C ARG A 248 -36.43 15.30 26.45
N TYR A 249 -36.93 15.70 27.60
CA TYR A 249 -36.10 16.10 28.73
C TYR A 249 -35.28 14.91 29.23
N ARG A 250 -33.97 14.94 28.95
CA ARG A 250 -33.07 13.89 29.40
C ARG A 250 -31.75 14.53 29.84
N PRO A 251 -31.68 15.02 31.10
CA PRO A 251 -30.46 15.66 31.56
C PRO A 251 -29.35 14.72 32.06
N LEU A 252 -28.11 15.06 31.71
CA LEU A 252 -26.93 14.45 32.30
C LEU A 252 -25.96 15.48 32.91
N ILE A 253 -25.75 15.37 34.23
CA ILE A 253 -24.77 16.16 34.97
C ILE A 253 -23.47 15.36 35.16
N ILE A 254 -22.32 16.00 34.91
CA ILE A 254 -21.02 15.32 35.00
C ILE A 254 -19.94 16.17 35.68
N VAL A 255 -19.32 15.64 36.72
CA VAL A 255 -18.06 16.20 37.26
C VAL A 255 -16.86 15.75 36.41
N ASN A 256 -16.02 16.70 36.02
CA ASN A 256 -14.79 16.37 35.29
C ASN A 256 -13.66 17.26 35.79
N GLU A 257 -12.93 16.76 36.78
CA GLU A 257 -11.94 17.53 37.56
C GLU A 257 -10.73 18.06 36.77
N GLU A 258 -10.71 17.80 35.46
CA GLU A 258 -9.66 18.32 34.57
C GLU A 258 -9.91 19.78 34.14
N VAL A 259 -11.16 20.23 34.30
CA VAL A 259 -11.62 21.54 33.82
C VAL A 259 -10.87 22.73 34.43
N THR A 261 -12.37 26.33 33.89
CA THR A 261 -12.70 27.24 32.78
C THR A 261 -14.13 27.03 32.30
N ALA A 262 -14.84 28.13 32.04
CA ALA A 262 -16.21 28.08 31.49
C ALA A 262 -16.18 27.68 30.01
N GLU A 263 -15.13 28.11 29.31
CA GLU A 263 -14.87 27.71 27.92
C GLU A 263 -14.40 26.25 27.84
N GLY A 264 -13.65 25.87 28.95
CA GLY A 264 -13.11 24.52 29.06
C GLY A 264 -14.20 23.49 29.30
N ALA A 265 -15.12 23.82 30.20
CA ALA A 265 -16.27 22.97 30.50
C ALA A 265 -17.22 22.83 29.30
N ALA A 266 -17.37 23.92 28.53
CA ALA A 266 -18.16 23.90 27.30
C ALA A 266 -17.54 22.99 26.25
N LYS A 267 -16.21 23.00 26.15
CA LYS A 267 -15.45 22.12 25.25
C LYS A 267 -15.56 20.64 25.65
N ARG A 268 -15.53 20.37 26.97
CA ARG A 268 -15.64 19.02 27.52
C ARG A 268 -17.07 18.51 27.42
N GLY A 269 -18.03 19.44 27.52
CA GLY A 269 -19.42 19.13 27.25
C GLY A 269 -19.65 18.78 25.79
N GLN A 270 -19.02 19.53 24.89
CA GLN A 270 -19.11 19.29 23.45
C GLN A 270 -18.50 17.94 23.08
N TRP A 271 -17.36 17.62 23.70
CA TRP A 271 -16.73 16.30 23.57
C TRP A 271 -17.67 15.20 24.07
N GLU A 272 -18.45 15.52 25.10
CA GLU A 272 -19.35 14.57 25.73
C GLU A 272 -20.53 14.25 24.82
N ARG A 273 -21.12 15.30 24.22
CA ARG A 273 -22.20 15.17 23.24
C ARG A 273 -21.70 14.37 22.03
N GLN A 274 -20.49 14.70 21.57
CA GLN A 274 -19.92 14.04 20.41
C GLN A 274 -19.63 12.57 20.65
N ARG A 275 -19.21 12.23 21.88
CA ARG A 275 -18.93 10.84 22.23
C ARG A 275 -20.20 9.99 22.35
N SER A 276 -21.27 10.57 22.88
CA SER A 276 -22.52 9.85 23.08
C SER A 276 -23.20 9.58 21.74
N ILE A 277 -23.01 10.49 20.79
CA ILE A 277 -23.52 10.32 19.44
C ILE A 277 -22.84 9.14 18.74
N GLY A 278 -21.51 9.11 18.73
CA GLY A 278 -20.77 7.99 18.15
C GLY A 278 -21.03 6.64 18.81
N LYS A 279 -21.29 6.66 20.11
CA LYS A 279 -21.55 5.46 20.89
C LYS A 279 -23.00 4.96 20.72
N SER A 280 -23.83 5.79 20.10
CA SER A 280 -25.25 5.48 19.97
CA SER A 280 -25.27 5.52 19.96
C SER A 280 -25.66 5.09 18.56
N ASN A 281 -24.72 5.22 17.61
CA ASN A 281 -24.98 4.86 16.23
C ASN A 281 -23.97 3.83 15.73
N MSE A 282 -24.46 2.82 15.02
CA MSE A 282 -23.59 1.83 14.38
C MSE A 282 -24.22 1.50 13.04
O MSE A 282 -25.44 1.38 12.95
CB MSE A 282 -23.43 0.57 15.26
CG MSE A 282 -22.60 -0.61 14.69
SE MSE A 282 -23.64 -1.87 13.54
CE MSE A 282 -24.55 -2.79 14.92
N ALA A 283 -23.39 1.42 11.99
CA ALA A 283 -23.82 0.90 10.70
C ALA A 283 -22.64 0.15 10.06
N GLU A 284 -22.88 -1.09 9.65
CA GLU A 284 -21.84 -1.97 9.13
C GLU A 284 -22.31 -2.60 7.85
N TYR A 285 -21.51 -2.41 6.80
CA TYR A 285 -21.82 -2.88 5.46
C TYR A 285 -20.89 -4.00 5.06
N THR A 286 -21.46 -5.13 4.67
CA THR A 286 -20.72 -6.27 4.20
C THR A 286 -20.69 -6.21 2.67
N VAL A 287 -19.48 -6.17 2.11
CA VAL A 287 -19.28 -6.20 0.67
C VAL A 287 -18.43 -7.44 0.28
N THR A 288 -18.49 -7.81 -1.00
CA THR A 288 -17.71 -8.89 -1.56
C THR A 288 -16.32 -8.37 -1.95
N GLY A 289 -15.27 -9.11 -1.57
CA GLY A 289 -13.90 -8.71 -1.92
C GLY A 289 -13.30 -7.74 -0.93
N TRP A 290 -11.98 -7.78 -0.79
CA TRP A 290 -11.25 -6.83 0.05
C TRP A 290 -10.89 -5.56 -0.76
N ARG A 291 -11.03 -5.68 -2.09
CA ARG A 291 -10.72 -4.59 -3.01
C ARG A 291 -11.97 -3.94 -3.57
N ILE A 292 -11.90 -2.62 -3.72
CA ILE A 292 -12.94 -1.84 -4.36
C ILE A 292 -12.82 -2.14 -5.86
N PRO A 293 -13.86 -2.74 -6.47
CA PRO A 293 -13.75 -3.11 -7.92
C PRO A 293 -13.53 -1.93 -8.87
N GLN A 294 -14.07 -0.75 -8.53
CA GLN A 294 -13.89 0.42 -9.40
C GLN A 294 -12.43 0.86 -9.47
N THR A 295 -11.84 0.99 -8.29
CA THR A 295 -10.51 1.55 -8.08
CA THR A 295 -10.50 1.55 -8.16
C THR A 295 -9.41 0.47 -8.04
N GLY A 296 -9.81 -0.74 -7.63
CA GLY A 296 -8.85 -1.85 -7.44
C GLY A 296 -7.99 -1.65 -6.21
N LYS A 297 -8.36 -0.69 -5.37
CA LYS A 297 -7.63 -0.41 -4.15
C LYS A 297 -8.31 -1.10 -2.99
N LEU A 298 -7.51 -1.55 -2.02
CA LEU A 298 -8.04 -2.08 -0.77
C LEU A 298 -8.96 -1.05 -0.12
N TRP A 299 -10.07 -1.49 0.46
CA TRP A 299 -10.88 -0.64 1.33
C TRP A 299 -9.98 -0.08 2.42
N ASN A 300 -10.15 1.20 2.76
CA ASN A 300 -9.19 1.90 3.62
C ASN A 300 -9.90 2.70 4.68
N ILE A 301 -9.40 2.66 5.92
CA ILE A 301 -9.99 3.45 7.01
C ILE A 301 -9.74 4.93 6.75
N ASN A 302 -10.54 5.79 7.39
CA ASN A 302 -10.40 7.24 7.26
C ASN A 302 -10.48 7.68 5.80
N THR A 303 -11.46 7.12 5.10
CA THR A 303 -11.84 7.64 3.81
C THR A 303 -13.35 7.81 3.80
N LEU A 304 -13.83 8.71 2.94
CA LEU A 304 -15.24 9.05 2.89
C LEU A 304 -15.95 8.24 1.80
N VAL A 305 -17.16 7.78 2.13
CA VAL A 305 -17.95 6.94 1.25
C VAL A 305 -19.43 7.40 1.27
N PRO A 306 -19.99 7.83 0.12
CA PRO A 306 -21.43 8.10 0.16
C PRO A 306 -22.24 6.85 0.54
N VAL A 307 -23.29 7.03 1.32
CA VAL A 307 -24.10 5.88 1.74
C VAL A 307 -25.53 6.21 1.34
N ILE A 308 -26.13 5.37 0.48
CA ILE A 308 -27.57 5.47 0.14
C ILE A 308 -28.24 4.18 0.62
N ASP A 309 -29.00 4.28 1.70
CA ASP A 309 -29.61 3.11 2.30
C ASP A 309 -30.98 3.47 2.88
N GLU A 310 -32.01 3.15 2.10
CA GLU A 310 -33.41 3.43 2.36
C GLU A 310 -33.90 2.60 3.54
N ILE A 311 -33.45 1.34 3.63
CA ILE A 311 -33.90 0.42 4.68
C ILE A 311 -33.51 0.94 6.07
N MSE A 312 -32.25 1.33 6.17
CA MSE A 312 -31.63 1.79 7.41
C MSE A 312 -31.98 3.23 7.72
O MSE A 312 -32.17 3.62 8.89
CB MSE A 312 -30.11 1.64 7.26
CG MSE A 312 -29.38 1.50 8.54
SE MSE A 312 -28.16 -0.01 8.53
CE MSE A 312 -29.37 -1.46 8.13
N GLY A 313 -32.07 4.04 6.66
CA GLY A 313 -32.44 5.45 6.75
C GLY A 313 -31.18 6.30 6.65
N LEU A 314 -30.26 5.90 5.78
CA LEU A 314 -29.05 6.67 5.56
C LEU A 314 -28.95 7.24 4.15
N ASP A 315 -28.61 8.53 4.10
CA ASP A 315 -28.34 9.23 2.86
C ASP A 315 -27.42 10.40 3.17
N GLU A 316 -26.14 10.08 3.37
CA GLU A 316 -25.09 11.06 3.69
C GLU A 316 -23.72 10.44 3.37
N GLU A 317 -22.70 11.28 3.28
CA GLU A 317 -21.35 10.78 3.04
C GLU A 317 -20.83 10.40 4.41
N MSE A 318 -20.30 9.19 4.53
N MSE A 318 -20.29 9.19 4.52
CA MSE A 318 -19.85 8.68 5.82
CA MSE A 318 -19.85 8.66 5.80
C MSE A 318 -18.38 8.31 5.84
C MSE A 318 -18.35 8.46 5.83
O MSE A 318 -17.79 7.97 4.81
O MSE A 318 -17.70 8.39 4.77
CB MSE A 318 -20.72 7.49 6.24
CB MSE A 318 -20.56 7.34 6.10
CG MSE A 318 -22.22 7.77 6.26
CG MSE A 318 -22.08 7.43 5.99
SE MSE A 318 -23.33 7.09 7.29
SE MSE A 318 -22.94 8.00 7.60
CE MSE A 318 -22.93 6.87 9.14
CE MSE A 318 -23.44 6.26 8.22
N LEU A 319 -17.78 8.36 7.03
CA LEU A 319 -16.36 8.07 7.19
C LEU A 319 -16.17 6.59 7.53
N ILE A 320 -15.27 5.92 6.83
CA ILE A 320 -14.93 4.54 7.23
C ILE A 320 -14.07 4.56 8.48
N ALA A 321 -14.62 4.05 9.57
CA ALA A 321 -13.94 3.99 10.86
C ALA A 321 -13.21 2.65 11.09
N SER A 322 -13.74 1.58 10.53
CA SER A 322 -13.14 0.28 10.76
C SER A 322 -13.44 -0.64 9.62
N ILE A 323 -12.58 -1.63 9.40
CA ILE A 323 -12.83 -2.63 8.40
C ILE A 323 -12.47 -3.98 8.96
N LEU A 324 -13.38 -4.96 8.85
CA LEU A 324 -12.96 -6.36 9.04
C LEU A 324 -12.82 -7.07 7.68
N PHE A 325 -11.58 -7.42 7.34
CA PHE A 325 -11.31 -8.17 6.15
C PHE A 325 -11.35 -9.64 6.53
N SER A 326 -12.22 -10.42 5.91
CA SER A 326 -12.29 -11.83 6.26
C SER A 326 -12.27 -12.75 5.05
N GLU A 327 -11.84 -13.99 5.26
CA GLU A 327 -11.92 -15.06 4.26
C GLU A 327 -12.22 -16.38 4.96
N ASP A 328 -13.15 -17.14 4.37
CA ASP A 328 -13.39 -18.55 4.67
C ASP A 328 -13.69 -19.32 3.35
N ASP A 329 -14.28 -20.52 3.50
CA ASP A 329 -14.77 -21.32 2.36
C ASP A 329 -15.78 -20.59 1.46
N ALA A 330 -16.62 -19.77 2.10
CA ALA A 330 -17.68 -18.98 1.45
C ALA A 330 -17.14 -17.85 0.54
N GLY A 331 -15.96 -17.33 0.87
CA GLY A 331 -15.31 -16.30 0.07
C GLY A 331 -14.71 -15.15 0.88
N ARG A 332 -14.17 -14.18 0.15
CA ARG A 332 -13.62 -12.96 0.73
C ARG A 332 -14.69 -11.91 0.93
N LEU A 333 -14.68 -11.31 2.11
CA LEU A 333 -15.65 -10.29 2.46
C LEU A 333 -14.95 -9.16 3.16
N ALA A 334 -15.54 -7.98 3.13
CA ALA A 334 -15.05 -6.87 3.94
C ALA A 334 -16.24 -6.28 4.65
N VAL A 335 -16.10 -6.08 5.96
CA VAL A 335 -17.15 -5.44 6.68
C VAL A 335 -16.71 -4.01 7.00
N ILE A 336 -17.43 -3.04 6.47
CA ILE A 336 -17.06 -1.63 6.57
C ILE A 336 -17.99 -0.99 7.60
N SER A 337 -17.41 -0.55 8.73
CA SER A 337 -18.09 0.20 9.77
CA SER A 337 -18.14 0.19 9.74
C SER A 337 -17.99 1.70 9.48
N VAL A 338 -19.12 2.38 9.30
CA VAL A 338 -19.12 3.79 8.89
C VAL A 338 -19.73 4.68 9.95
N VAL A 339 -19.20 5.90 10.08
CA VAL A 339 -19.68 6.85 11.09
C VAL A 339 -19.88 8.20 10.40
N ARG A 340 -20.71 9.07 11.00
CA ARG A 340 -20.84 10.46 10.56
C ARG A 340 -19.46 11.12 10.66
N PRO A 341 -19.02 11.78 9.56
CA PRO A 341 -17.63 12.19 9.39
C PRO A 341 -17.15 13.18 10.42
N ASP A 342 -18.06 13.81 11.13
CA ASP A 342 -17.69 14.77 12.18
C ASP A 342 -17.93 14.17 13.56
N ALA A 343 -18.06 12.85 13.60
CA ALA A 343 -18.24 12.10 14.84
C ALA A 343 -16.88 11.87 15.48
N MSE A 344 -15.85 11.88 14.64
CA MSE A 344 -14.46 11.75 15.10
C MSE A 344 -13.68 13.04 14.86
O MSE A 344 -12.52 13.00 14.45
CB MSE A 344 -13.78 10.58 14.39
CG MSE A 344 -14.47 9.26 14.55
SE MSE A 344 -13.22 7.85 14.14
CE MSE A 344 -11.91 8.12 15.56
N ASP A 345 -14.31 14.17 15.10
CA ASP A 345 -13.65 15.46 14.98
C ASP A 345 -13.87 16.27 16.24
N ILE A 346 -12.80 16.52 16.97
CA ILE A 346 -12.84 17.31 18.21
C ILE A 346 -11.92 18.54 18.11
N PRO A 347 -11.77 19.27 19.22
CA PRO A 347 -11.06 20.56 19.23
C PRO A 347 -9.77 20.57 20.06
N ALA A 348 -9.91 20.37 21.36
CA ALA A 348 -8.79 20.35 22.29
C ALA A 348 -9.28 20.17 23.72
N GLN A 349 -8.36 19.80 24.61
CA GLN A 349 -8.67 19.62 26.02
C GLN A 349 -8.37 20.89 26.84
N ILE A 350 -8.38 20.76 28.17
CA ILE A 350 -8.17 21.89 29.08
C ILE A 350 -6.72 22.40 29.09
N GLU B 5 -16.80 -49.08 37.97
CA GLU B 5 -16.71 -48.26 39.21
C GLU B 5 -17.69 -47.08 39.11
N GLU B 6 -18.55 -46.96 40.12
CA GLU B 6 -19.51 -45.87 40.12
C GLU B 6 -18.88 -44.60 40.70
N ILE B 7 -19.49 -43.47 40.34
CA ILE B 7 -19.28 -42.21 41.01
C ILE B 7 -20.45 -42.13 41.97
N VAL B 8 -20.15 -41.99 43.25
CA VAL B 8 -21.20 -42.02 44.25
C VAL B 8 -21.23 -40.71 45.01
N LEU B 9 -22.39 -40.05 44.99
CA LEU B 9 -22.67 -38.93 45.89
C LEU B 9 -23.44 -39.46 47.10
N LYS B 10 -22.92 -39.17 48.29
CA LYS B 10 -23.57 -39.50 49.55
C LYS B 10 -23.93 -38.22 50.27
N ALA B 11 -25.21 -38.07 50.60
CA ALA B 11 -25.71 -36.89 51.31
C ALA B 11 -27.02 -37.18 52.05
N GLY B 12 -27.17 -36.61 53.24
CA GLY B 12 -28.42 -36.72 54.01
C GLY B 12 -28.91 -38.14 54.25
N GLY B 13 -27.98 -39.03 54.60
CA GLY B 13 -28.30 -40.45 54.82
C GLY B 13 -28.62 -41.19 53.54
N LYS B 14 -28.56 -40.50 52.40
CA LYS B 14 -28.86 -41.10 51.09
C LYS B 14 -27.65 -41.21 50.18
N ILE B 15 -27.75 -42.10 49.19
CA ILE B 15 -26.67 -42.44 48.27
C ILE B 15 -27.19 -42.34 46.84
N TYR B 16 -26.42 -41.63 46.00
CA TYR B 16 -26.83 -41.43 44.63
C TYR B 16 -25.70 -41.84 43.70
N GLN B 17 -26.04 -42.65 42.70
CA GLN B 17 -25.15 -43.02 41.61
C GLN B 17 -25.95 -43.12 40.31
N GLY B 18 -25.30 -43.53 39.22
CA GLY B 18 -25.96 -43.65 37.90
C GLY B 18 -26.29 -42.28 37.29
N TRP B 19 -25.35 -41.34 37.42
CA TRP B 19 -25.46 -40.00 36.85
C TRP B 19 -25.27 -40.13 35.35
N THR B 20 -25.99 -39.30 34.59
CA THR B 20 -25.83 -39.28 33.13
C THR B 20 -24.78 -38.28 32.63
N LYS B 21 -24.45 -37.30 33.47
CA LYS B 21 -23.38 -36.37 33.17
C LYS B 21 -22.68 -35.97 34.47
N ILE B 22 -21.34 -35.97 34.41
CA ILE B 22 -20.44 -35.72 35.54
C ILE B 22 -19.32 -34.77 35.14
N GLY B 23 -18.95 -33.87 36.05
CA GLY B 23 -17.76 -33.04 35.86
C GLY B 23 -17.20 -32.83 37.24
N ILE B 24 -16.00 -33.34 37.49
CA ILE B 24 -15.32 -33.17 38.78
C ILE B 24 -13.96 -32.52 38.53
N THR B 25 -13.74 -31.36 39.15
CA THR B 25 -12.53 -30.60 38.91
C THR B 25 -11.74 -30.53 40.20
N ARG B 26 -10.47 -30.91 40.09
CA ARG B 26 -9.51 -30.69 41.17
C ARG B 26 -8.28 -29.97 40.64
N SER B 27 -7.80 -28.99 41.39
CA SER B 27 -6.76 -28.09 40.93
C SER B 27 -5.79 -27.68 42.03
N LEU B 28 -4.51 -27.59 41.68
CA LEU B 28 -3.47 -27.14 42.61
C LEU B 28 -3.63 -25.65 42.93
N GLU B 29 -4.22 -24.94 41.99
CA GLU B 29 -4.45 -23.51 42.10
C GLU B 29 -5.76 -23.12 42.79
N ALA B 30 -6.67 -24.08 42.97
CA ALA B 30 -7.99 -23.75 43.49
C ALA B 30 -8.10 -23.95 45.01
N MSE B 31 -8.95 -23.17 45.66
CA MSE B 31 -9.21 -23.35 47.08
C MSE B 31 -10.10 -24.55 47.43
O MSE B 31 -10.08 -25.02 48.58
CB MSE B 31 -9.75 -22.08 47.72
CG MSE B 31 -8.64 -21.13 48.10
SE MSE B 31 -7.53 -21.75 49.60
CE MSE B 31 -8.90 -21.83 50.97
N SER B 32 -10.87 -25.04 46.45
CA SER B 32 -11.71 -26.21 46.68
C SER B 32 -11.93 -27.02 45.42
N GLY B 33 -12.00 -28.34 45.58
CA GLY B 33 -12.48 -29.21 44.49
C GLY B 33 -13.95 -28.88 44.18
N ALA B 34 -14.39 -29.19 42.96
CA ALA B 34 -15.77 -28.90 42.55
C ALA B 34 -16.39 -30.09 41.81
N PHE B 35 -17.68 -30.25 41.99
CA PHE B 35 -18.41 -31.24 41.22
C PHE B 35 -19.70 -30.69 40.61
N ASP B 36 -20.11 -31.33 39.51
CA ASP B 36 -21.39 -31.10 38.83
CA ASP B 36 -21.40 -31.10 38.88
C ASP B 36 -21.91 -32.48 38.47
N LEU B 37 -23.09 -32.84 38.96
CA LEU B 37 -23.65 -34.15 38.68
C LEU B 37 -25.10 -34.02 38.23
N GLU B 38 -25.41 -34.67 37.12
CA GLU B 38 -26.71 -34.56 36.46
C GLU B 38 -27.34 -35.93 36.17
N MSE B 39 -28.63 -36.06 36.44
CA MSE B 39 -29.47 -37.16 35.95
C MSE B 39 -30.57 -36.60 35.05
O MSE B 39 -31.42 -35.80 35.50
CB MSE B 39 -30.13 -37.92 37.11
CG MSE B 39 -29.20 -38.59 38.12
SE MSE B 39 -30.12 -39.57 39.58
CE MSE B 39 -28.58 -40.26 40.58
N THR B 40 -30.57 -37.03 33.78
CA THR B 40 -31.62 -36.68 32.81
C THR B 40 -32.30 -37.92 32.21
N TYR B 41 -33.59 -37.79 31.93
CA TYR B 41 -34.35 -38.78 31.17
C TYR B 41 -35.10 -38.02 30.08
N LYS B 42 -34.97 -38.50 28.84
CA LYS B 42 -35.55 -37.89 27.64
C LYS B 42 -36.60 -38.82 27.02
N PHE B 43 -37.30 -38.29 26.00
CA PHE B 43 -38.37 -38.99 25.25
C PHE B 43 -39.42 -39.63 26.14
N LEU B 44 -39.84 -38.91 27.18
CA LEU B 44 -40.73 -39.49 28.16
C LEU B 44 -42.15 -39.65 27.62
N GLY B 45 -42.76 -40.79 27.96
CA GLY B 45 -44.14 -41.09 27.59
C GLY B 45 -45.14 -40.11 28.20
N ASN B 46 -46.42 -40.30 27.88
CA ASN B 46 -47.45 -39.35 28.28
C ASN B 46 -47.70 -39.39 29.79
N ASP B 47 -47.63 -40.59 30.35
CA ASP B 47 -47.83 -40.76 31.78
C ASP B 47 -46.54 -40.57 32.60
N ALA B 48 -45.39 -40.83 31.97
CA ALA B 48 -44.06 -40.59 32.59
C ALA B 48 -43.64 -39.11 32.75
N GLN B 49 -44.14 -38.24 31.88
CA GLN B 49 -43.81 -36.81 31.91
C GLN B 49 -44.31 -36.12 33.19
N TYR B 50 -43.61 -35.07 33.63
CA TYR B 50 -44.04 -34.27 34.80
C TYR B 50 -44.18 -35.09 36.09
N LYS B 51 -43.33 -36.10 36.26
CA LYS B 51 -43.35 -36.94 37.45
C LYS B 51 -41.94 -37.02 38.02
N ALA B 52 -41.78 -36.71 39.29
CA ALA B 52 -40.47 -36.84 39.96
C ALA B 52 -40.02 -38.30 40.05
N PHE B 53 -38.76 -38.55 39.69
CA PHE B 53 -38.15 -39.87 39.87
C PHE B 53 -37.34 -39.91 41.16
N ILE B 54 -37.08 -38.75 41.73
CA ILE B 54 -36.32 -38.65 42.97
C ILE B 54 -36.82 -37.53 43.87
N GLU B 55 -36.79 -37.77 45.18
CA GLU B 55 -37.00 -36.74 46.18
C GLU B 55 -35.93 -35.67 45.97
N PRO B 56 -36.30 -34.39 46.02
CA PRO B 56 -35.29 -33.33 45.84
C PRO B 56 -34.11 -33.45 46.81
N ILE B 57 -32.90 -33.36 46.27
CA ILE B 57 -31.68 -33.32 47.05
C ILE B 57 -31.57 -31.90 47.61
N LYS B 58 -31.60 -31.73 48.93
CA LYS B 58 -31.56 -30.38 49.53
C LYS B 58 -30.16 -29.76 49.45
N GLN B 59 -30.10 -28.51 48.99
CA GLN B 59 -28.87 -27.70 49.00
C GLN B 59 -28.37 -27.44 50.44
N GLY B 60 -27.04 -27.40 50.58
CA GLY B 60 -26.40 -27.14 51.87
C GLY B 60 -25.97 -28.36 52.67
N GLN B 61 -26.40 -29.54 52.26
CA GLN B 61 -26.12 -30.78 52.99
C GLN B 61 -24.64 -31.11 52.88
N ALA B 62 -24.07 -31.59 53.98
CA ALA B 62 -22.74 -32.19 53.94
C ALA B 62 -22.77 -33.39 52.98
N CYS B 63 -21.72 -33.53 52.19
CA CYS B 63 -21.65 -34.64 51.26
C CYS B 63 -20.22 -35.08 50.94
N THR B 64 -20.14 -36.26 50.34
CA THR B 64 -18.88 -36.77 49.83
C THR B 64 -19.15 -37.25 48.43
N VAL B 65 -18.15 -37.14 47.56
CA VAL B 65 -18.16 -37.83 46.26
C VAL B 65 -16.99 -38.79 46.21
N ASP B 66 -17.26 -40.04 45.80
CA ASP B 66 -16.29 -41.09 45.69
C ASP B 66 -16.27 -41.57 44.26
N ILE B 67 -15.08 -41.90 43.76
CA ILE B 67 -14.95 -42.62 42.47
C ILE B 67 -14.35 -43.98 42.74
N GLY B 68 -15.12 -45.03 42.48
CA GLY B 68 -14.71 -46.39 42.78
C GLY B 68 -14.33 -46.59 44.24
N GLY B 69 -15.04 -45.93 45.15
CA GLY B 69 -14.73 -45.97 46.58
C GLY B 69 -13.67 -44.99 47.08
N GLU B 70 -13.00 -44.30 46.16
CA GLU B 70 -11.94 -43.35 46.53
C GLU B 70 -12.46 -41.91 46.56
N ARG B 71 -12.30 -41.26 47.70
CA ARG B 71 -12.78 -39.89 47.91
C ARG B 71 -12.18 -38.90 46.92
N VAL B 72 -13.03 -38.04 46.37
CA VAL B 72 -12.57 -36.99 45.47
CA VAL B 72 -12.56 -36.97 45.49
C VAL B 72 -13.09 -35.60 45.92
N ILE B 73 -14.18 -35.59 46.69
CA ILE B 73 -14.80 -34.40 47.24
C ILE B 73 -15.36 -34.69 48.63
N THR B 74 -15.01 -33.81 49.59
CA THR B 74 -15.63 -33.82 50.91
C THR B 74 -16.05 -32.38 51.15
N GLY B 75 -17.35 -32.13 51.09
CA GLY B 75 -17.88 -30.79 51.33
C GLY B 75 -19.37 -30.67 51.57
N TYR B 76 -20.00 -29.91 50.69
CA TYR B 76 -21.39 -29.53 50.83
C TYR B 76 -21.99 -29.42 49.43
N VAL B 77 -23.27 -29.80 49.31
CA VAL B 77 -24.08 -29.43 48.12
C VAL B 77 -24.35 -27.92 48.15
N ASP B 78 -23.86 -27.21 47.13
CA ASP B 78 -24.18 -25.80 46.99
C ASP B 78 -25.56 -25.61 46.37
N ASP B 79 -25.81 -26.30 45.25
CA ASP B 79 -26.95 -26.00 44.36
C ASP B 79 -27.83 -27.21 44.08
N TRP B 80 -29.13 -26.99 44.19
CA TRP B 80 -30.09 -27.94 43.69
C TRP B 80 -30.73 -27.30 42.44
N VAL B 81 -30.58 -27.99 41.30
CA VAL B 81 -30.93 -27.48 39.99
C VAL B 81 -31.87 -28.45 39.21
N PRO B 82 -33.17 -28.40 39.51
CA PRO B 82 -34.16 -29.22 38.79
C PRO B 82 -34.75 -28.52 37.55
N SER B 83 -35.09 -29.32 36.53
CA SER B 83 -35.71 -28.77 35.32
C SER B 83 -36.43 -29.85 34.52
N TYR B 84 -37.40 -29.42 33.69
CA TYR B 84 -38.23 -30.35 32.93
C TYR B 84 -39.02 -29.64 31.87
N ASP B 85 -39.50 -30.42 30.92
CA ASP B 85 -40.40 -29.94 29.90
C ASP B 85 -41.33 -31.07 29.52
N GLU B 86 -41.94 -30.98 28.34
CA GLU B 86 -42.93 -31.95 27.90
C GLU B 86 -42.39 -33.38 27.70
N SER B 87 -41.11 -33.52 27.32
CA SER B 87 -40.58 -34.86 27.08
C SER B 87 -39.31 -35.21 27.88
N THR B 88 -38.95 -34.34 28.84
CA THR B 88 -37.70 -34.43 29.58
C THR B 88 -37.86 -34.05 31.05
N ILE B 89 -37.06 -34.69 31.90
CA ILE B 89 -36.82 -34.26 33.30
C ILE B 89 -35.32 -34.33 33.58
N THR B 90 -34.75 -33.24 34.09
CA THR B 90 -33.34 -33.17 34.47
C THR B 90 -33.15 -32.71 35.93
N ILE B 91 -32.35 -33.45 36.68
CA ILE B 91 -31.97 -32.97 38.02
C ILE B 91 -30.48 -32.90 38.11
N SER B 92 -29.99 -31.83 38.72
CA SER B 92 -28.58 -31.61 38.79
C SER B 92 -28.21 -31.04 40.16
N VAL B 93 -27.08 -31.47 40.68
CA VAL B 93 -26.51 -30.92 41.90
C VAL B 93 -25.08 -30.51 41.65
N SER B 94 -24.66 -29.43 42.31
CA SER B 94 -23.27 -29.03 42.27
C SER B 94 -22.78 -28.61 43.67
N GLY B 95 -21.47 -28.69 43.87
CA GLY B 95 -20.91 -28.38 45.15
C GLY B 95 -19.41 -28.35 45.14
N ARG B 96 -18.85 -28.24 46.35
CA ARG B 96 -17.46 -27.89 46.57
C ARG B 96 -16.94 -28.54 47.84
N ASP B 97 -15.61 -28.60 47.98
CA ASP B 97 -14.99 -29.04 49.24
C ASP B 97 -15.41 -28.08 50.35
N LYS B 98 -15.31 -28.53 51.59
CA LYS B 98 -15.57 -27.71 52.77
C LYS B 98 -14.83 -26.39 52.73
N THR B 99 -13.64 -26.37 52.12
CA THR B 99 -12.81 -25.17 52.08
C THR B 99 -13.47 -24.03 51.29
N ALA B 100 -14.62 -24.30 50.68
CA ALA B 100 -15.48 -23.27 50.09
C ALA B 100 -15.90 -22.22 51.10
N ASP B 101 -16.16 -22.64 52.32
CA ASP B 101 -16.53 -21.73 53.40
C ASP B 101 -15.46 -20.65 53.68
N LEU B 102 -14.21 -20.98 53.41
CA LEU B 102 -13.10 -20.05 53.61
C LEU B 102 -13.05 -18.99 52.51
N VAL B 103 -13.63 -19.32 51.35
CA VAL B 103 -13.74 -18.41 50.23
C VAL B 103 -14.94 -17.48 50.37
N ASP B 104 -16.08 -18.04 50.78
CA ASP B 104 -17.35 -17.33 50.88
C ASP B 104 -17.48 -16.40 52.11
N CYS B 105 -16.89 -16.76 53.24
CA CYS B 105 -17.27 -16.17 54.55
C CYS B 105 -16.23 -15.24 55.16
N SER B 106 -16.69 -14.37 56.08
CA SER B 106 -15.81 -13.40 56.73
C SER B 106 -15.05 -14.01 57.89
N ILE B 107 -13.85 -13.48 58.15
CA ILE B 107 -13.10 -13.82 59.35
C ILE B 107 -13.77 -13.09 60.50
N ASP B 108 -14.15 -13.86 61.51
CA ASP B 108 -14.67 -13.31 62.75
C ASP B 108 -13.63 -13.57 63.84
N TYR B 109 -12.84 -12.56 64.13
CA TYR B 109 -11.77 -12.68 65.11
C TYR B 109 -11.64 -11.36 65.87
N PRO B 110 -12.40 -11.22 66.98
CA PRO B 110 -12.62 -9.99 67.74
C PRO B 110 -11.43 -9.04 67.84
N SER B 111 -10.23 -9.57 68.09
CA SER B 111 -9.02 -8.75 68.24
C SER B 111 -8.53 -8.14 66.92
N GLY B 112 -8.83 -8.82 65.80
CA GLY B 112 -8.51 -8.33 64.45
C GLY B 112 -7.03 -8.36 64.09
N GLN B 113 -6.24 -9.10 64.86
CA GLN B 113 -4.79 -9.09 64.69
C GLN B 113 -4.10 -10.35 65.18
N PHE B 114 -3.03 -10.71 64.48
CA PHE B 114 -2.17 -11.82 64.88
C PHE B 114 -0.77 -11.28 65.14
N ASN B 115 -0.14 -11.79 66.22
CA ASN B 115 1.21 -11.33 66.58
C ASN B 115 2.22 -12.49 66.74
N ASN B 116 3.31 -12.40 65.97
CA ASN B 116 4.38 -13.40 65.99
C ASN B 116 3.92 -14.83 65.69
N GLN B 117 2.90 -14.92 64.86
CA GLN B 117 2.33 -16.18 64.42
C GLN B 117 2.86 -16.49 63.02
N THR B 118 3.06 -17.78 62.76
CA THR B 118 3.39 -18.25 61.40
C THR B 118 2.12 -18.37 60.56
N LEU B 119 2.29 -18.62 59.26
CA LEU B 119 1.18 -18.91 58.34
C LEU B 119 0.32 -20.05 58.86
N THR B 120 0.97 -21.12 59.29
CA THR B 120 0.30 -22.29 59.86
C THR B 120 -0.56 -21.98 61.09
N GLN B 121 0.00 -21.25 62.06
CA GLN B 121 -0.73 -20.87 63.27
C GLN B 121 -1.95 -20.01 62.95
N ILE B 122 -1.74 -18.99 62.11
CA ILE B 122 -2.83 -18.16 61.63
C ILE B 122 -3.89 -18.98 60.88
N ALA B 123 -3.45 -19.87 59.99
CA ALA B 123 -4.37 -20.76 59.27
C ALA B 123 -5.22 -21.61 60.21
N ASP B 124 -4.58 -22.19 61.22
CA ASP B 124 -5.27 -23.00 62.24
C ASP B 124 -6.41 -22.25 62.91
N ILE B 125 -6.11 -21.03 63.34
CA ILE B 125 -7.10 -20.15 63.97
C ILE B 125 -8.30 -19.84 63.07
N VAL B 126 -8.06 -19.31 61.87
CA VAL B 126 -9.17 -18.89 61.01
C VAL B 126 -10.03 -20.04 60.45
N CYS B 127 -9.43 -21.22 60.31
CA CYS B 127 -10.17 -22.40 59.79
C CYS B 127 -10.99 -23.09 60.85
N LYS B 128 -10.52 -22.99 62.09
CA LYS B 128 -11.10 -23.69 63.26
C LYS B 128 -12.63 -23.68 63.37
N PRO B 129 -13.26 -22.46 63.40
CA PRO B 129 -14.72 -22.45 63.56
C PRO B 129 -15.52 -23.01 62.38
N PHE B 130 -14.90 -23.13 61.21
CA PHE B 130 -15.53 -23.82 60.07
C PHE B 130 -15.35 -25.34 60.16
N GLY B 131 -14.61 -25.80 61.18
CA GLY B 131 -14.28 -27.22 61.34
C GLY B 131 -13.41 -27.74 60.21
N ILE B 132 -12.53 -26.88 59.71
CA ILE B 132 -11.60 -27.23 58.66
C ILE B 132 -10.20 -27.46 59.25
N LYS B 133 -9.55 -28.54 58.84
CA LYS B 133 -8.18 -28.86 59.28
C LYS B 133 -7.14 -28.31 58.32
N VAL B 134 -5.98 -27.96 58.88
CA VAL B 134 -4.86 -27.47 58.10
C VAL B 134 -3.79 -28.58 58.01
N ILE B 135 -3.39 -28.90 56.79
CA ILE B 135 -2.34 -29.87 56.50
C ILE B 135 -1.16 -29.10 55.91
N VAL B 136 -0.02 -29.16 56.58
CA VAL B 136 1.17 -28.42 56.16
C VAL B 136 2.16 -29.37 55.49
N ASN B 137 2.51 -29.04 54.25
CA ASN B 137 3.23 -29.95 53.36
C ASN B 137 4.58 -29.40 52.90
N THR B 138 4.93 -28.20 53.38
CA THR B 138 6.11 -27.48 52.92
C THR B 138 6.67 -26.56 54.01
N ASP B 139 7.80 -25.91 53.73
CA ASP B 139 8.43 -24.93 54.63
C ASP B 139 7.65 -23.62 54.65
N VAL B 140 7.02 -23.35 55.78
CA VAL B 140 6.14 -22.20 55.96
C VAL B 140 6.90 -20.91 56.32
N GLY B 141 8.16 -21.07 56.71
CA GLY B 141 9.07 -19.95 56.88
C GLY B 141 8.90 -19.22 58.19
N GLU B 142 9.38 -17.99 58.22
CA GLU B 142 9.37 -17.16 59.41
C GLU B 142 7.96 -16.77 59.84
N PRO B 143 7.75 -16.59 61.17
CA PRO B 143 6.54 -15.97 61.68
C PRO B 143 6.39 -14.54 61.15
N PHE B 144 5.16 -14.04 61.17
CA PHE B 144 4.90 -12.66 60.82
C PHE B 144 4.86 -11.86 62.11
N GLN B 145 5.57 -10.74 62.14
CA GLN B 145 5.62 -9.92 63.34
C GLN B 145 4.22 -9.49 63.77
N ARG B 146 3.49 -8.84 62.86
CA ARG B 146 2.13 -8.39 63.16
C ARG B 146 1.29 -8.44 61.89
N ILE B 147 0.13 -9.06 61.99
CA ILE B 147 -0.82 -9.11 60.87
C ILE B 147 -2.19 -8.61 61.30
N GLN B 148 -2.73 -7.65 60.55
CA GLN B 148 -4.06 -7.13 60.80
C GLN B 148 -5.08 -7.75 59.83
N ILE B 149 -6.26 -8.08 60.34
CA ILE B 149 -7.35 -8.50 59.48
C ILE B 149 -8.01 -7.26 58.86
N GLU B 150 -8.05 -7.23 57.53
CA GLU B 150 -8.68 -6.14 56.82
C GLU B 150 -10.21 -6.27 56.84
N GLN B 151 -10.90 -5.16 56.64
CA GLN B 151 -12.35 -5.09 56.82
C GLN B 151 -13.11 -6.02 55.87
N GLY B 152 -13.83 -6.97 56.46
CA GLY B 152 -14.61 -7.96 55.72
C GLY B 152 -13.75 -9.06 55.10
N GLU B 153 -12.48 -9.11 55.46
CA GLU B 153 -11.55 -10.08 54.89
C GLU B 153 -11.94 -11.52 55.19
N THR B 154 -11.83 -12.38 54.18
CA THR B 154 -12.18 -13.80 54.29
C THR B 154 -10.94 -14.58 54.71
N PRO B 155 -11.14 -15.81 55.25
CA PRO B 155 -9.98 -16.64 55.57
C PRO B 155 -9.11 -16.86 54.34
N HIS B 156 -9.72 -17.10 53.17
CA HIS B 156 -8.96 -17.28 51.94
C HIS B 156 -8.13 -16.05 51.58
N GLU B 157 -8.75 -14.87 51.59
CA GLU B 157 -8.02 -13.64 51.25
C GLU B 157 -6.82 -13.40 52.17
N LEU B 158 -7.00 -13.61 53.47
CA LEU B 158 -5.91 -13.42 54.43
C LEU B 158 -4.76 -14.40 54.20
N LEU B 159 -5.08 -15.69 54.22
CA LEU B 159 -4.09 -16.72 54.01
C LEU B 159 -3.41 -16.64 52.65
N ALA B 160 -4.12 -16.15 51.65
CA ALA B 160 -3.57 -15.98 50.31
C ALA B 160 -2.39 -15.00 50.27
N ARG B 161 -2.59 -13.80 50.81
CA ARG B 161 -1.54 -12.79 50.83
C ARG B 161 -0.35 -13.16 51.72
N LEU B 162 -0.61 -13.93 52.78
CA LEU B 162 0.46 -14.49 53.61
C LEU B 162 1.30 -15.53 52.86
N ALA B 163 0.64 -16.37 52.08
CA ALA B 163 1.31 -17.39 51.26
C ALA B 163 2.14 -16.76 50.14
N LYS B 164 1.61 -15.70 49.54
CA LYS B 164 2.33 -14.88 48.56
C LYS B 164 3.65 -14.34 49.14
N GLN B 165 3.59 -13.85 50.37
CA GLN B 165 4.78 -13.39 51.08
C GLN B 165 5.81 -14.49 51.35
N ARG B 166 5.35 -15.72 51.55
CA ARG B 166 6.24 -16.83 51.92
C ARG B 166 6.60 -17.75 50.77
N GLY B 167 5.99 -17.54 49.61
CA GLY B 167 6.28 -18.33 48.42
C GLY B 167 5.73 -19.76 48.42
N VAL B 168 4.58 -19.95 49.08
CA VAL B 168 3.95 -21.26 49.18
C VAL B 168 2.58 -21.25 48.50
N LEU B 169 1.99 -22.44 48.33
CA LEU B 169 0.68 -22.57 47.66
C LEU B 169 -0.39 -23.07 48.62
N LEU B 170 -1.60 -22.55 48.44
CA LEU B 170 -2.77 -22.99 49.19
C LEU B 170 -3.70 -23.75 48.26
N THR B 171 -4.17 -24.90 48.73
CA THR B 171 -5.13 -25.72 47.99
C THR B 171 -5.93 -26.53 49.00
N SER B 172 -6.70 -27.49 48.53
CA SER B 172 -7.37 -28.43 49.43
C SER B 172 -6.96 -29.85 49.09
N ASP B 173 -7.34 -30.80 49.95
CA ASP B 173 -7.24 -32.20 49.57
C ASP B 173 -8.65 -32.74 49.34
N THR B 174 -8.73 -34.03 49.04
CA THR B 174 -10.01 -34.65 48.75
C THR B 174 -10.92 -34.77 49.99
N PHE B 175 -10.36 -34.48 51.17
CA PHE B 175 -11.10 -34.57 52.44
C PHE B 175 -11.59 -33.22 52.94
N GLY B 176 -11.43 -32.18 52.12
CA GLY B 176 -11.90 -30.84 52.48
C GLY B 176 -10.99 -30.17 53.50
N ASN B 177 -9.72 -30.59 53.55
CA ASN B 177 -8.74 -29.93 54.44
C ASN B 177 -8.03 -28.85 53.65
N LEU B 178 -7.61 -27.79 54.34
CA LEU B 178 -6.73 -26.80 53.76
C LEU B 178 -5.32 -27.37 53.71
N VAL B 179 -4.72 -27.30 52.53
CA VAL B 179 -3.38 -27.83 52.31
C VAL B 179 -2.47 -26.65 51.96
N ILE B 180 -1.37 -26.53 52.70
CA ILE B 180 -0.31 -25.56 52.39
C ILE B 180 0.87 -26.37 51.84
N THR B 181 1.24 -26.07 50.61
CA THR B 181 2.19 -26.90 49.89
C THR B 181 3.04 -26.10 48.92
N ARG B 182 3.92 -26.78 48.19
CA ARG B 182 4.70 -26.20 47.11
C ARG B 182 4.58 -27.18 45.94
N ALA B 183 4.94 -26.73 44.74
CA ALA B 183 5.07 -27.63 43.58
C ALA B 183 6.01 -28.78 43.91
N SER B 184 5.55 -30.01 43.71
CA SER B 184 6.34 -31.20 44.03
C SER B 184 7.17 -31.67 42.84
N LYS B 185 8.04 -32.64 43.10
CA LYS B 185 8.79 -33.31 42.05
C LYS B 185 8.36 -34.77 41.93
N THR B 186 7.19 -35.09 42.51
CA THR B 186 6.62 -36.43 42.46
C THR B 186 6.21 -36.73 41.04
N LYS B 187 6.53 -37.93 40.57
CA LYS B 187 6.21 -38.30 39.20
C LYS B 187 4.83 -38.92 39.09
N ALA B 188 4.19 -38.67 37.97
CA ALA B 188 2.87 -39.20 37.69
C ALA B 188 2.89 -40.71 37.40
N GLY B 189 4.01 -41.20 36.89
CA GLY B 189 4.16 -42.63 36.54
C GLY B 189 3.75 -42.94 35.11
N VAL B 190 3.50 -41.90 34.32
CA VAL B 190 3.14 -42.07 32.91
C VAL B 190 3.53 -40.79 32.16
N SER B 191 3.61 -40.89 30.84
CA SER B 191 3.98 -39.78 29.99
C SER B 191 2.82 -39.49 29.03
N LEU B 192 2.66 -38.23 28.66
CA LEU B 192 1.71 -37.81 27.62
C LEU B 192 2.44 -37.68 26.30
N ILE B 193 2.13 -38.60 25.38
CA ILE B 193 2.89 -38.75 24.14
C ILE B 193 1.91 -38.69 22.96
N LEU B 194 2.12 -37.68 22.12
CA LEU B 194 1.44 -37.55 20.83
C LEU B 194 1.54 -38.86 20.05
N GLY B 195 0.39 -39.41 19.68
CA GLY B 195 0.33 -40.62 18.88
C GLY B 195 0.24 -41.87 19.73
N ASP B 196 0.43 -41.71 21.04
CA ASP B 196 0.33 -42.82 21.97
C ASP B 196 -0.99 -42.79 22.76
N ASN B 197 -1.05 -41.96 23.81
CA ASN B 197 -2.18 -41.97 24.74
C ASN B 197 -3.00 -40.68 24.78
N VAL B 198 -2.66 -39.73 23.92
CA VAL B 198 -3.40 -38.45 23.84
C VAL B 198 -4.58 -38.56 22.87
N LYS B 199 -5.77 -38.27 23.36
CA LYS B 199 -6.97 -38.28 22.50
C LYS B 199 -7.08 -36.94 21.77
N ALA B 200 -6.88 -35.86 22.53
CA ALA B 200 -6.97 -34.50 21.98
C ALA B 200 -6.12 -33.57 22.84
N ALA B 201 -5.66 -32.47 22.27
CA ALA B 201 -4.90 -31.50 23.04
C ALA B 201 -5.10 -30.14 22.46
N ARG B 202 -4.95 -29.12 23.30
CA ARG B 202 -4.97 -27.74 22.83
C ARG B 202 -4.01 -26.93 23.69
N GLY B 203 -3.44 -25.88 23.08
CA GLY B 203 -2.47 -25.02 23.75
C GLY B 203 -2.60 -23.57 23.30
N ARG B 204 -1.95 -22.68 24.04
CA ARG B 204 -1.92 -21.24 23.75
C ARG B 204 -0.61 -20.72 24.34
N PHE B 205 0.22 -20.14 23.48
CA PHE B 205 1.53 -19.62 23.85
C PHE B 205 1.57 -18.17 23.39
N SER B 206 1.65 -17.25 24.34
CA SER B 206 1.42 -15.83 24.08
C SER B 206 2.55 -14.95 24.62
N TRP B 207 2.86 -13.89 23.87
CA TRP B 207 3.70 -12.81 24.36
C TRP B 207 2.88 -11.56 24.76
N ARG B 208 1.55 -11.63 24.75
CA ARG B 208 0.74 -10.44 25.08
C ARG B 208 1.11 -9.80 26.43
N GLN B 209 1.41 -10.63 27.41
CA GLN B 209 1.70 -10.16 28.77
C GLN B 209 3.16 -10.45 29.13
N ARG B 210 3.99 -10.67 28.12
CA ARG B 210 5.42 -10.92 28.29
C ARG B 210 6.21 -9.66 27.94
N PHE B 211 7.25 -9.43 28.70
CA PHE B 211 8.10 -8.25 28.53
C PHE B 211 9.57 -8.61 28.53
N SER B 212 10.36 -7.83 27.78
CA SER B 212 11.80 -8.03 27.74
C SER B 212 12.53 -7.56 29.00
N LYS B 213 11.94 -6.63 29.74
CA LYS B 213 12.58 -6.12 30.95
C LYS B 213 11.54 -5.65 31.98
N PHE B 214 11.75 -6.05 33.23
CA PHE B 214 10.94 -5.56 34.33
C PHE B 214 11.79 -4.63 35.18
N THR B 215 11.40 -3.34 35.23
CA THR B 215 12.08 -2.37 36.10
C THR B 215 11.17 -2.09 37.30
N ILE B 216 11.68 -2.37 38.50
CA ILE B 216 10.91 -2.10 39.72
C ILE B 216 11.38 -0.82 40.41
N LYS B 217 10.42 0.09 40.60
CA LYS B 217 10.60 1.49 41.02
C LYS B 217 11.63 2.27 40.19
N GLY B 235 12.01 6.47 46.46
CA GLY B 235 13.19 5.65 47.24
C GLY B 235 14.56 6.04 46.72
N GLY B 236 14.74 5.90 45.41
CA GLY B 236 16.05 5.99 44.76
C GLY B 236 16.43 4.60 44.25
N ILE B 237 15.82 3.59 44.85
CA ILE B 237 16.07 2.21 44.49
C ILE B 237 15.30 1.81 43.23
N LYS B 238 16.05 1.31 42.25
CA LYS B 238 15.50 0.69 41.05
C LYS B 238 16.34 -0.52 40.72
N ALA B 239 15.71 -1.54 40.14
CA ALA B 239 16.39 -2.74 39.67
C ALA B 239 15.75 -3.19 38.35
N ASP B 240 16.58 -3.65 37.42
CA ASP B 240 16.12 -4.19 36.13
C ASP B 240 16.24 -5.71 36.12
N VAL B 241 15.09 -6.39 36.04
CA VAL B 241 15.08 -7.84 35.85
C VAL B 241 14.72 -8.07 34.39
N THR B 242 15.67 -8.64 33.65
CA THR B 242 15.48 -8.92 32.23
CA THR B 242 15.48 -8.91 32.23
C THR B 242 14.87 -10.29 32.00
N ASP B 243 14.06 -10.42 30.96
CA ASP B 243 13.52 -11.72 30.58
C ASP B 243 14.12 -12.11 29.24
N SER B 244 15.04 -13.05 29.30
CA SER B 244 15.79 -13.47 28.12
C SER B 244 14.96 -14.21 27.08
N GLU B 245 13.83 -14.80 27.50
CA GLU B 245 12.92 -15.47 26.57
C GLU B 245 12.34 -14.48 25.54
N ILE B 246 12.24 -13.21 25.92
CA ILE B 246 11.53 -12.18 25.13
C ILE B 246 12.50 -11.31 24.36
N GLY B 247 12.67 -11.57 23.07
CA GLY B 247 13.77 -10.98 22.28
C GLY B 247 13.53 -9.67 21.54
N ARG B 248 12.35 -9.07 21.73
CA ARG B 248 12.02 -7.73 21.18
C ARG B 248 12.11 -6.72 22.32
N TYR B 249 12.46 -5.48 22.03
CA TYR B 249 12.36 -4.38 23.00
C TYR B 249 10.91 -4.20 23.51
N ARG B 250 10.65 -4.62 24.75
CA ARG B 250 9.33 -4.55 25.35
C ARG B 250 9.47 -4.27 26.85
N PRO B 251 9.75 -3.00 27.23
CA PRO B 251 9.95 -2.69 28.64
C PRO B 251 8.69 -2.54 29.47
N LEU B 252 8.73 -3.03 30.71
CA LEU B 252 7.69 -2.70 31.71
C LEU B 252 8.30 -2.07 32.97
N ILE B 253 7.77 -0.91 33.38
CA ILE B 253 8.20 -0.22 34.60
C ILE B 253 7.08 -0.22 35.66
N ILE B 254 7.39 -0.72 36.85
CA ILE B 254 6.43 -0.82 37.93
C ILE B 254 7.02 -0.14 39.18
N VAL B 255 6.20 0.69 39.82
CA VAL B 255 6.55 1.25 41.12
C VAL B 255 5.85 0.45 42.21
N ASN B 256 6.63 0.03 43.20
CA ASN B 256 6.09 -0.64 44.36
C ASN B 256 6.55 0.10 45.61
N GLU B 257 5.61 0.72 46.33
CA GLU B 257 5.95 1.48 47.55
C GLU B 257 6.24 0.57 48.75
N GLU B 258 5.98 -0.72 48.59
CA GLU B 258 6.34 -1.74 49.58
C GLU B 258 7.84 -2.01 49.60
N VAL B 259 8.47 -1.95 48.42
CA VAL B 259 9.92 -2.12 48.29
C VAL B 259 10.68 -0.94 48.89
N THR B 260 11.69 -1.23 49.71
CA THR B 260 12.58 -0.20 50.27
C THR B 260 14.06 -0.45 49.95
N THR B 261 14.38 -1.58 49.34
CA THR B 261 15.76 -1.94 49.02
C THR B 261 15.97 -2.36 47.56
N ALA B 262 17.20 -2.22 47.08
CA ALA B 262 17.55 -2.66 45.72
C ALA B 262 17.46 -4.18 45.57
N GLU B 263 17.68 -4.91 46.67
CA GLU B 263 17.48 -6.35 46.71
C GLU B 263 15.99 -6.66 46.72
N GLY B 264 15.22 -5.85 47.44
CA GLY B 264 13.76 -5.93 47.43
C GLY B 264 13.18 -5.70 46.04
N ALA B 265 13.71 -4.69 45.35
CA ALA B 265 13.28 -4.33 43.98
C ALA B 265 13.65 -5.41 42.96
N ALA B 266 14.78 -6.07 43.18
CA ALA B 266 15.18 -7.20 42.35
C ALA B 266 14.28 -8.40 42.61
N LYS B 267 13.94 -8.63 43.88
CA LYS B 267 13.10 -9.75 44.29
C LYS B 267 11.66 -9.64 43.76
N ARG B 268 11.09 -8.42 43.82
CA ARG B 268 9.75 -8.20 43.25
C ARG B 268 9.73 -8.30 41.72
N GLY B 269 10.82 -7.90 41.08
CA GLY B 269 10.98 -8.00 39.62
C GLY B 269 11.01 -9.43 39.14
N GLN B 270 11.78 -10.27 39.83
CA GLN B 270 11.79 -11.69 39.57
C GLN B 270 10.38 -12.30 39.77
N TRP B 271 9.68 -11.88 40.83
CA TRP B 271 8.28 -12.29 41.07
C TRP B 271 7.34 -11.90 39.93
N GLU B 272 7.60 -10.74 39.33
CA GLU B 272 6.77 -10.23 38.24
C GLU B 272 7.07 -10.99 36.95
N ARG B 273 8.35 -11.22 36.68
CA ARG B 273 8.79 -12.04 35.54
C ARG B 273 8.19 -13.46 35.60
N GLN B 274 8.30 -14.09 36.77
CA GLN B 274 7.83 -15.46 36.99
C GLN B 274 6.33 -15.55 36.73
N ARG B 275 5.60 -14.57 37.25
CA ARG B 275 4.14 -14.52 37.13
C ARG B 275 3.71 -14.39 35.67
N SER B 276 4.46 -13.61 34.90
CA SER B 276 4.14 -13.41 33.47
C SER B 276 4.27 -14.69 32.61
N ILE B 277 5.12 -15.62 33.03
CA ILE B 277 5.30 -16.91 32.35
C ILE B 277 4.01 -17.73 32.39
N GLY B 278 3.60 -18.08 33.61
CA GLY B 278 2.45 -18.95 33.82
C GLY B 278 1.18 -18.37 33.23
N LYS B 279 1.11 -17.04 33.21
CA LYS B 279 -0.06 -16.34 32.73
C LYS B 279 -0.17 -16.39 31.19
N SER B 280 0.94 -16.70 30.53
CA SER B 280 1.10 -16.56 29.08
C SER B 280 1.05 -17.87 28.32
N ASN B 281 1.08 -18.99 29.05
CA ASN B 281 1.10 -20.32 28.46
C ASN B 281 0.01 -21.20 29.04
N MSE B 282 -0.59 -22.01 28.18
CA MSE B 282 -1.60 -23.00 28.55
C MSE B 282 -1.41 -24.23 27.62
O MSE B 282 -1.10 -24.10 26.44
CB MSE B 282 -3.00 -22.37 28.41
CG MSE B 282 -4.22 -23.29 28.63
SE MSE B 282 -4.79 -24.40 27.08
CE MSE B 282 -5.84 -23.12 26.04
N ALA B 283 -1.52 -25.42 28.21
CA ALA B 283 -1.63 -26.67 27.48
C ALA B 283 -2.56 -27.63 28.22
N GLU B 284 -3.43 -28.28 27.48
CA GLU B 284 -4.45 -29.11 28.05
C GLU B 284 -4.53 -30.42 27.26
N TYR B 285 -4.36 -31.54 27.96
CA TYR B 285 -4.36 -32.86 27.37
C TYR B 285 -5.60 -33.61 27.76
N THR B 286 -6.25 -34.19 26.75
CA THR B 286 -7.43 -34.99 26.97
C THR B 286 -7.10 -36.45 26.71
N VAL B 287 -7.34 -37.29 27.71
CA VAL B 287 -7.10 -38.73 27.63
C VAL B 287 -8.38 -39.52 27.94
N THR B 288 -8.40 -40.77 27.47
CA THR B 288 -9.49 -41.70 27.74
C THR B 288 -9.43 -42.26 29.15
N GLY B 289 -10.56 -42.24 29.86
CA GLY B 289 -10.64 -42.81 31.19
C GLY B 289 -10.03 -41.88 32.22
N TRP B 290 -10.31 -42.16 33.48
CA TRP B 290 -9.85 -41.33 34.57
C TRP B 290 -8.59 -41.84 35.28
N ARG B 291 -8.33 -43.14 35.14
CA ARG B 291 -7.18 -43.78 35.77
C ARG B 291 -6.03 -43.92 34.77
N ILE B 292 -4.80 -43.85 35.27
CA ILE B 292 -3.62 -44.13 34.49
C ILE B 292 -3.52 -45.67 34.39
N PRO B 293 -3.54 -46.22 33.16
CA PRO B 293 -3.52 -47.68 33.00
C PRO B 293 -2.33 -48.35 33.66
N GLN B 294 -1.14 -47.78 33.49
CA GLN B 294 0.09 -48.25 34.12
C GLN B 294 -0.02 -48.46 35.64
N THR B 295 -0.68 -47.53 36.33
CA THR B 295 -0.71 -47.55 37.79
C THR B 295 -2.06 -47.95 38.41
N GLY B 296 -3.15 -47.74 37.68
CA GLY B 296 -4.49 -47.98 38.22
C GLY B 296 -5.03 -46.84 39.10
N LYS B 297 -4.22 -45.80 39.30
CA LYS B 297 -4.63 -44.65 40.11
C LYS B 297 -5.25 -43.53 39.26
N LEU B 298 -6.09 -42.71 39.89
CA LEU B 298 -6.58 -41.50 39.25
C LEU B 298 -5.41 -40.58 38.97
N TRP B 299 -5.44 -39.89 37.83
CA TRP B 299 -4.54 -38.76 37.58
C TRP B 299 -4.54 -37.84 38.81
N ASN B 300 -3.35 -37.40 39.20
CA ASN B 300 -3.20 -36.55 40.37
C ASN B 300 -2.56 -35.20 40.02
N ILE B 301 -3.00 -34.16 40.71
CA ILE B 301 -2.48 -32.82 40.49
C ILE B 301 -1.11 -32.74 41.16
N ASN B 302 -0.28 -31.78 40.75
CA ASN B 302 1.01 -31.57 41.38
C ASN B 302 1.96 -32.78 41.22
N THR B 303 1.84 -33.46 40.09
CA THR B 303 2.79 -34.50 39.74
C THR B 303 3.43 -34.13 38.42
N LEU B 304 4.61 -34.67 38.17
CA LEU B 304 5.33 -34.38 36.95
C LEU B 304 5.01 -35.46 35.92
N VAL B 305 4.65 -35.00 34.72
CA VAL B 305 4.35 -35.89 33.61
C VAL B 305 5.25 -35.45 32.44
N PRO B 306 6.13 -36.35 31.96
CA PRO B 306 6.82 -36.13 30.68
C PRO B 306 5.81 -35.96 29.52
N VAL B 307 6.07 -34.98 28.65
CA VAL B 307 5.20 -34.70 27.50
C VAL B 307 6.07 -34.67 26.27
N ILE B 308 5.72 -35.48 25.27
CA ILE B 308 6.39 -35.45 23.97
C ILE B 308 5.34 -35.15 22.91
N ASP B 309 5.39 -33.93 22.38
CA ASP B 309 4.31 -33.46 21.54
C ASP B 309 4.86 -32.46 20.55
N GLU B 310 5.11 -32.92 19.33
N GLU B 310 5.10 -32.94 19.32
CA GLU B 310 5.72 -32.08 18.30
CA GLU B 310 5.71 -32.14 18.25
C GLU B 310 4.73 -31.08 17.71
C GLU B 310 4.73 -31.17 17.58
N ILE B 311 3.44 -31.35 17.87
CA ILE B 311 2.43 -30.42 17.34
C ILE B 311 2.34 -29.13 18.16
N MSE B 312 2.32 -29.26 19.49
CA MSE B 312 2.37 -28.09 20.40
C MSE B 312 3.74 -27.43 20.27
O MSE B 312 3.88 -26.23 19.97
CB MSE B 312 2.27 -28.54 21.86
CG MSE B 312 1.03 -29.26 22.32
SE MSE B 312 -0.57 -28.14 22.58
CE MSE B 312 -1.47 -28.67 20.95
N GLY B 313 4.76 -28.27 20.52
CA GLY B 313 6.16 -27.87 20.57
C GLY B 313 6.69 -28.14 21.97
N LEU B 314 6.27 -29.27 22.54
CA LEU B 314 6.63 -29.64 23.92
C LEU B 314 7.43 -30.92 23.93
N ASP B 315 8.55 -30.90 24.67
CA ASP B 315 9.37 -32.10 24.86
C ASP B 315 10.04 -32.00 26.22
N GLU B 316 9.22 -32.02 27.27
CA GLU B 316 9.75 -31.80 28.62
C GLU B 316 8.79 -32.29 29.69
N GLU B 317 9.27 -32.35 30.93
CA GLU B 317 8.41 -32.60 32.06
C GLU B 317 7.52 -31.37 32.33
N MSE B 318 6.23 -31.64 32.52
CA MSE B 318 5.25 -30.62 32.84
C MSE B 318 4.59 -30.97 34.16
O MSE B 318 4.59 -32.14 34.56
CB MSE B 318 4.19 -30.54 31.75
CG MSE B 318 4.77 -30.32 30.36
SE MSE B 318 5.53 -28.53 30.19
CE MSE B 318 3.88 -27.65 29.61
N LEU B 319 4.03 -29.98 34.82
CA LEU B 319 3.38 -30.23 36.08
C LEU B 319 1.88 -30.17 35.90
N ILE B 320 1.17 -31.17 36.43
CA ILE B 320 -0.30 -31.16 36.38
C ILE B 320 -0.87 -30.14 37.35
N ALA B 321 -1.53 -29.13 36.80
CA ALA B 321 -2.05 -28.05 37.65
C ALA B 321 -3.51 -28.28 37.94
N SER B 322 -4.19 -29.04 37.06
CA SER B 322 -5.62 -29.17 37.06
C SER B 322 -6.08 -30.39 36.28
N ILE B 323 -7.13 -31.05 36.77
CA ILE B 323 -7.76 -32.17 36.08
C ILE B 323 -9.27 -31.99 36.17
N LEU B 324 -9.95 -32.15 35.04
CA LEU B 324 -11.39 -32.31 35.02
C LEU B 324 -11.65 -33.75 34.64
N PHE B 325 -12.31 -34.47 35.54
CA PHE B 325 -12.81 -35.79 35.24
C PHE B 325 -14.25 -35.61 34.78
N SER B 326 -14.52 -35.97 33.54
CA SER B 326 -15.83 -35.79 32.95
C SER B 326 -16.41 -37.13 32.47
N GLU B 327 -17.72 -37.22 32.49
CA GLU B 327 -18.41 -38.37 31.90
C GLU B 327 -19.72 -37.90 31.31
N ASP B 328 -20.08 -38.50 30.17
CA ASP B 328 -21.39 -38.30 29.56
C ASP B 328 -21.78 -39.56 28.78
N ASP B 329 -22.72 -39.40 27.84
CA ASP B 329 -23.13 -40.46 26.90
C ASP B 329 -21.96 -41.28 26.33
N ALA B 330 -20.97 -40.58 25.78
CA ALA B 330 -19.86 -41.18 25.04
C ALA B 330 -18.89 -42.03 25.86
N GLY B 331 -18.68 -41.67 27.13
CA GLY B 331 -17.71 -42.33 28.02
C GLY B 331 -16.96 -41.35 28.94
N ARG B 332 -15.87 -41.82 29.56
CA ARG B 332 -15.10 -41.05 30.55
C ARG B 332 -13.80 -40.46 30.00
N LEU B 333 -13.55 -39.21 30.34
CA LEU B 333 -12.36 -38.47 29.87
C LEU B 333 -11.69 -37.75 31.01
N ALA B 334 -10.36 -37.72 31.01
CA ALA B 334 -9.61 -36.83 31.88
C ALA B 334 -9.04 -35.69 31.03
N VAL B 335 -9.33 -34.46 31.43
CA VAL B 335 -8.79 -33.26 30.82
C VAL B 335 -7.77 -32.65 31.79
N ILE B 336 -6.50 -32.72 31.39
CA ILE B 336 -5.36 -32.47 32.24
C ILE B 336 -4.67 -31.18 31.78
N SER B 337 -4.67 -30.18 32.64
CA SER B 337 -4.00 -28.92 32.37
CA SER B 337 -4.00 -28.93 32.36
C SER B 337 -2.58 -28.97 32.89
N VAL B 338 -1.61 -28.79 31.99
CA VAL B 338 -0.20 -28.85 32.39
C VAL B 338 0.49 -27.51 32.22
N VAL B 339 1.47 -27.27 33.08
CA VAL B 339 2.24 -26.04 33.02
C VAL B 339 3.72 -26.36 33.16
N ARG B 340 4.57 -25.45 32.65
CA ARG B 340 6.00 -25.62 32.82
C ARG B 340 6.21 -25.54 34.34
N PRO B 341 6.98 -26.50 34.91
CA PRO B 341 7.02 -26.60 36.37
C PRO B 341 7.49 -25.33 37.09
N ASP B 342 8.33 -24.52 36.44
CA ASP B 342 8.79 -23.23 37.00
C ASP B 342 7.68 -22.18 37.12
N ALA B 343 6.56 -22.40 36.43
CA ALA B 343 5.40 -21.50 36.50
C ALA B 343 4.68 -21.59 37.85
N MSE B 344 4.81 -22.74 38.52
CA MSE B 344 4.22 -22.96 39.84
C MSE B 344 5.14 -22.61 41.02
O MSE B 344 4.68 -22.56 42.16
CB MSE B 344 3.78 -24.43 40.00
CG MSE B 344 2.39 -24.78 39.47
SE MSE B 344 0.91 -23.63 40.06
CE MSE B 344 0.94 -22.41 38.52
N ASP B 345 6.42 -22.42 40.74
CA ASP B 345 7.34 -22.08 41.84
C ASP B 345 7.47 -20.58 42.05
N ILE B 346 6.64 -20.08 42.98
CA ILE B 346 6.57 -18.66 43.37
C ILE B 346 7.53 -18.34 44.53
N PRO B 347 8.42 -17.35 44.33
CA PRO B 347 9.38 -16.96 45.36
C PRO B 347 8.85 -15.83 46.24
N GLU C 5 -56.31 -11.89 19.51
CA GLU C 5 -55.58 -10.79 20.21
C GLU C 5 -54.25 -10.42 19.56
N GLU C 6 -54.31 -9.48 18.62
CA GLU C 6 -53.11 -8.94 17.99
C GLU C 6 -52.28 -8.12 18.97
N ILE C 7 -50.95 -8.17 18.81
CA ILE C 7 -50.03 -7.33 19.56
C ILE C 7 -49.56 -6.19 18.65
N VAL C 8 -49.70 -4.96 19.13
CA VAL C 8 -49.39 -3.79 18.32
C VAL C 8 -48.43 -2.82 19.00
N LEU C 9 -47.59 -2.18 18.21
CA LEU C 9 -46.78 -1.08 18.64
C LEU C 9 -47.42 0.20 18.10
N LYS C 10 -47.80 1.11 18.99
CA LYS C 10 -48.30 2.43 18.56
C LYS C 10 -47.19 3.42 18.81
N ALA C 11 -46.69 4.01 17.72
CA ALA C 11 -45.63 5.02 17.78
C ALA C 11 -45.70 5.86 16.53
N GLY C 12 -45.35 7.13 16.66
CA GLY C 12 -45.20 8.02 15.49
C GLY C 12 -46.43 8.21 14.62
N GLY C 13 -47.61 8.17 15.22
CA GLY C 13 -48.89 8.34 14.52
C GLY C 13 -49.40 7.09 13.81
N LYS C 14 -48.88 5.92 14.18
CA LYS C 14 -49.16 4.67 13.45
C LYS C 14 -49.37 3.52 14.42
N ILE C 15 -50.14 2.53 13.99
CA ILE C 15 -50.29 1.27 14.72
C ILE C 15 -49.63 0.15 13.91
N TYR C 16 -48.51 -0.37 14.41
CA TYR C 16 -47.74 -1.42 13.74
C TYR C 16 -48.18 -2.82 14.15
N GLN C 17 -48.57 -3.62 13.17
CA GLN C 17 -49.03 -4.98 13.37
C GLN C 17 -48.20 -5.93 12.50
N GLY C 18 -48.04 -7.18 12.93
CA GLY C 18 -47.39 -8.19 12.10
C GLY C 18 -46.02 -8.62 12.60
N TRP C 19 -45.73 -8.31 13.86
CA TRP C 19 -44.46 -8.68 14.49
C TRP C 19 -44.40 -10.20 14.62
N THR C 20 -43.22 -10.76 14.39
CA THR C 20 -43.07 -12.23 14.39
C THR C 20 -42.29 -12.73 15.59
N LYS C 21 -41.55 -11.84 16.22
CA LYS C 21 -40.76 -12.22 17.39
C LYS C 21 -40.99 -11.14 18.42
N ILE C 22 -41.54 -11.53 19.55
CA ILE C 22 -41.87 -10.58 20.60
C ILE C 22 -41.29 -11.04 21.92
N GLY C 23 -40.75 -10.09 22.69
CA GLY C 23 -40.30 -10.30 24.07
C GLY C 23 -40.67 -9.08 24.92
N ILE C 24 -41.54 -9.26 25.91
CA ILE C 24 -41.87 -8.17 26.85
C ILE C 24 -41.65 -8.62 28.27
N THR C 25 -40.84 -7.85 29.00
CA THR C 25 -40.50 -8.12 30.39
C THR C 25 -41.15 -7.09 31.31
N ARG C 26 -41.87 -7.60 32.31
CA ARG C 26 -42.31 -6.79 33.46
C ARG C 26 -41.63 -7.44 34.68
N SER C 27 -41.07 -6.62 35.54
CA SER C 27 -40.28 -7.09 36.67
C SER C 27 -40.39 -6.17 37.88
N LEU C 28 -40.57 -6.76 39.05
CA LEU C 28 -40.40 -6.03 40.32
C LEU C 28 -38.92 -5.68 40.51
N GLU C 29 -38.02 -6.45 39.90
CA GLU C 29 -36.58 -6.32 40.11
C GLU C 29 -35.87 -5.32 39.19
N ALA C 30 -36.41 -5.08 38.00
CA ALA C 30 -35.80 -4.20 37.01
C ALA C 30 -36.73 -3.04 36.60
N MSE C 31 -36.54 -1.86 37.23
CA MSE C 31 -37.34 -0.69 36.91
C MSE C 31 -37.37 -0.51 35.39
O MSE C 31 -36.32 -0.51 34.74
CB MSE C 31 -36.76 0.60 37.54
CG MSE C 31 -37.58 1.86 37.21
SE MSE C 31 -39.40 1.80 38.00
CE MSE C 31 -38.84 1.85 39.86
N SER C 32 -38.59 -0.35 34.87
CA SER C 32 -38.84 0.00 33.46
C SER C 32 -39.10 -1.16 32.50
N GLY C 33 -38.77 -2.38 32.92
CA GLY C 33 -38.98 -3.60 32.10
C GLY C 33 -38.25 -3.46 30.74
N ALA C 34 -38.78 -4.15 29.73
CA ALA C 34 -38.21 -4.09 28.38
C ALA C 34 -39.23 -4.54 27.32
N PHE C 35 -39.15 -3.98 26.12
CA PHE C 35 -39.83 -4.61 24.98
C PHE C 35 -38.86 -4.79 23.85
N ASP C 36 -39.05 -5.88 23.12
CA ASP C 36 -38.33 -6.13 21.87
C ASP C 36 -39.30 -6.68 20.85
N LEU C 37 -39.37 -6.04 19.70
CA LEU C 37 -40.29 -6.42 18.67
C LEU C 37 -39.52 -6.54 17.39
N GLU C 38 -39.72 -7.64 16.71
CA GLU C 38 -38.98 -7.90 15.51
C GLU C 38 -39.88 -8.53 14.47
N MSE C 39 -39.65 -8.18 13.22
N MSE C 39 -39.58 -8.20 13.22
CA MSE C 39 -40.30 -8.82 12.07
CA MSE C 39 -40.24 -8.67 12.01
C MSE C 39 -39.19 -9.12 11.10
C MSE C 39 -39.14 -9.10 11.07
O MSE C 39 -38.30 -8.28 10.88
O MSE C 39 -38.22 -8.32 10.83
CB MSE C 39 -41.35 -7.88 11.41
CB MSE C 39 -40.99 -7.50 11.35
CG MSE C 39 -41.01 -7.39 9.94
CG MSE C 39 -41.44 -7.78 9.90
SE MSE C 39 -40.93 -7.33 9.23
SE MSE C 39 -43.03 -8.89 10.10
CE MSE C 39 -42.31 -9.22 7.94
CE MSE C 39 -42.93 -9.91 8.43
N THR C 40 -39.22 -10.30 10.51
CA THR C 40 -38.33 -10.64 9.42
C THR C 40 -39.12 -10.85 8.14
N TYR C 41 -38.78 -10.07 7.11
CA TYR C 41 -39.48 -10.13 5.84
C TYR C 41 -38.59 -10.80 4.79
N LYS C 42 -39.04 -11.96 4.31
CA LYS C 42 -38.38 -12.67 3.21
C LYS C 42 -38.76 -12.12 1.83
N PHE C 43 -37.99 -11.12 1.38
CA PHE C 43 -38.04 -10.59 0.01
C PHE C 43 -36.74 -9.88 -0.37
N GLN C 49 -36.09 -7.20 -3.53
CA GLN C 49 -34.79 -7.40 -2.91
C GLN C 49 -34.08 -6.05 -2.70
N TYR C 50 -33.56 -5.86 -1.48
CA TYR C 50 -32.86 -4.61 -1.09
C TYR C 50 -33.75 -3.38 -1.28
N LYS C 51 -34.96 -3.46 -0.73
CA LYS C 51 -35.94 -2.39 -0.89
C LYS C 51 -36.70 -2.17 0.42
N ALA C 52 -36.67 -0.94 0.93
CA ALA C 52 -37.47 -0.62 2.11
C ALA C 52 -38.95 -0.82 1.78
N PHE C 53 -39.67 -1.46 2.68
CA PHE C 53 -41.12 -1.62 2.55
C PHE C 53 -41.83 -0.70 3.55
N ILE C 54 -41.23 -0.46 4.71
CA ILE C 54 -41.67 0.61 5.62
C ILE C 54 -40.60 1.67 5.84
N GLU C 55 -41.01 2.83 6.35
CA GLU C 55 -40.09 3.87 6.78
C GLU C 55 -39.48 3.51 8.13
N PRO C 56 -38.17 3.78 8.32
CA PRO C 56 -37.54 3.58 9.63
C PRO C 56 -38.41 3.98 10.82
N ILE C 57 -38.47 3.13 11.83
CA ILE C 57 -39.17 3.41 13.07
C ILE C 57 -38.17 4.05 14.02
N LYS C 58 -38.15 5.39 14.00
CA LYS C 58 -37.13 6.20 14.67
C LYS C 58 -37.01 5.99 16.18
N GLN C 59 -35.79 5.71 16.64
CA GLN C 59 -35.47 5.71 18.06
C GLN C 59 -35.88 7.03 18.75
N GLY C 60 -36.35 6.95 19.99
CA GLY C 60 -36.72 8.13 20.72
C GLY C 60 -38.21 8.40 20.82
N GLN C 61 -38.99 7.90 19.86
CA GLN C 61 -40.45 8.15 19.83
C GLN C 61 -41.19 7.56 21.03
N ALA C 62 -42.15 8.33 21.55
CA ALA C 62 -43.14 7.84 22.49
C ALA C 62 -43.89 6.66 21.88
N CYS C 63 -44.15 5.64 22.69
CA CYS C 63 -44.77 4.46 22.15
C CYS C 63 -45.57 3.71 23.19
N THR C 64 -46.44 2.85 22.69
CA THR C 64 -47.29 2.00 23.48
C THR C 64 -47.27 0.60 22.86
N VAL C 65 -47.25 -0.44 23.68
CA VAL C 65 -47.52 -1.82 23.21
C VAL C 65 -48.82 -2.32 23.85
N ASP C 66 -49.78 -2.74 23.03
CA ASP C 66 -51.02 -3.35 23.51
C ASP C 66 -51.15 -4.80 23.02
N ILE C 67 -51.87 -5.61 23.81
CA ILE C 67 -52.34 -6.92 23.35
C ILE C 67 -53.85 -6.97 23.45
N GLY C 68 -54.51 -7.28 22.34
CA GLY C 68 -55.97 -7.28 22.31
C GLY C 68 -56.59 -5.99 22.81
N GLY C 69 -55.88 -4.88 22.59
CA GLY C 69 -56.36 -3.55 23.01
C GLY C 69 -56.05 -3.21 24.46
N GLU C 70 -55.43 -4.16 25.17
CA GLU C 70 -55.03 -3.95 26.55
C GLU C 70 -53.58 -3.47 26.63
N ARG C 71 -53.36 -2.40 27.39
CA ARG C 71 -52.02 -1.83 27.59
C ARG C 71 -51.09 -2.76 28.34
N VAL C 72 -49.86 -2.87 27.87
CA VAL C 72 -48.87 -3.71 28.54
C VAL C 72 -47.64 -2.91 28.92
N ILE C 73 -47.29 -1.96 28.05
CA ILE C 73 -46.10 -1.13 28.28
C ILE C 73 -46.32 0.26 27.64
N THR C 74 -45.91 1.32 28.35
CA THR C 74 -46.00 2.69 27.88
C THR C 74 -44.62 3.33 28.04
N GLY C 75 -44.03 3.80 26.94
CA GLY C 75 -42.68 4.34 27.01
C GLY C 75 -42.08 4.94 25.76
N TYR C 76 -40.84 4.57 25.46
CA TYR C 76 -40.17 5.10 24.28
C TYR C 76 -39.38 4.02 23.62
N VAL C 77 -39.21 4.16 22.31
CA VAL C 77 -38.29 3.33 21.53
C VAL C 77 -36.89 3.78 21.89
N ASP C 78 -36.10 2.85 22.44
CA ASP C 78 -34.68 3.08 22.69
C ASP C 78 -33.87 2.91 21.41
N ASP C 79 -34.07 1.80 20.69
CA ASP C 79 -33.20 1.38 19.55
C ASP C 79 -34.00 1.10 18.31
N TRP C 80 -33.52 1.59 17.17
CA TRP C 80 -33.96 1.16 15.84
C TRP C 80 -32.86 0.24 15.27
N VAL C 81 -33.21 -1.03 15.01
CA VAL C 81 -32.20 -2.07 14.71
C VAL C 81 -32.54 -2.74 13.36
N PRO C 82 -32.30 -2.03 12.25
CA PRO C 82 -32.49 -2.57 10.91
C PRO C 82 -31.33 -3.46 10.42
N SER C 83 -31.67 -4.40 9.57
CA SER C 83 -30.67 -5.23 8.92
C SER C 83 -31.26 -5.90 7.70
N TYR C 84 -30.37 -6.36 6.82
CA TYR C 84 -30.81 -7.03 5.63
C TYR C 84 -29.67 -7.83 5.04
N ASP C 85 -30.03 -8.80 4.23
CA ASP C 85 -29.08 -9.49 3.40
C ASP C 85 -29.72 -9.75 2.03
N GLU C 86 -29.18 -10.69 1.27
CA GLU C 86 -29.60 -10.93 -0.11
C GLU C 86 -31.08 -11.32 -0.25
N SER C 87 -31.66 -11.94 0.77
CA SER C 87 -33.01 -12.47 0.65
C SER C 87 -34.02 -11.93 1.67
N THR C 88 -33.52 -11.30 2.74
CA THR C 88 -34.36 -10.88 3.84
C THR C 88 -34.07 -9.48 4.31
N ILE C 89 -35.09 -8.86 4.91
CA ILE C 89 -34.96 -7.62 5.67
C ILE C 89 -35.53 -7.87 7.05
N THR C 90 -34.74 -7.54 8.06
CA THR C 90 -35.17 -7.64 9.44
C THR C 90 -35.29 -6.25 10.05
N ILE C 91 -36.45 -5.97 10.63
CA ILE C 91 -36.61 -4.73 11.32
C ILE C 91 -36.94 -5.02 12.77
N SER C 92 -36.23 -4.29 13.62
CA SER C 92 -36.27 -4.55 15.03
C SER C 92 -36.32 -3.25 15.81
N VAL C 93 -37.20 -3.17 16.79
CA VAL C 93 -37.18 -2.05 17.72
C VAL C 93 -37.14 -2.60 19.15
N SER C 94 -36.54 -1.82 20.05
CA SER C 94 -36.58 -2.16 21.46
C SER C 94 -36.69 -0.89 22.29
N GLY C 95 -37.20 -1.05 23.51
CA GLY C 95 -37.36 0.07 24.41
C GLY C 95 -37.67 -0.36 25.82
N ARG C 96 -38.08 0.63 26.62
CA ARG C 96 -38.42 0.52 28.04
C ARG C 96 -39.77 1.28 28.15
N ASP C 97 -40.61 1.01 29.13
CA ASP C 97 -41.20 2.00 30.01
C ASP C 97 -40.68 3.40 30.37
N LYS C 98 -41.64 4.30 30.57
CA LYS C 98 -41.34 5.70 30.80
C LYS C 98 -40.36 5.85 31.95
N THR C 99 -40.53 5.05 33.03
CA THR C 99 -39.63 5.16 34.20
C THR C 99 -38.14 4.97 33.84
N ALA C 100 -37.83 4.65 32.59
CA ALA C 100 -36.44 4.48 32.14
C ALA C 100 -35.64 5.80 32.20
N ASP C 101 -36.32 6.92 31.94
CA ASP C 101 -35.77 8.25 32.14
C ASP C 101 -35.28 8.50 33.57
N LEU C 102 -35.93 7.87 34.56
CA LEU C 102 -35.52 8.00 35.95
C LEU C 102 -34.26 7.19 36.23
N VAL C 103 -34.05 6.16 35.41
CA VAL C 103 -32.92 5.27 35.53
C VAL C 103 -31.70 5.89 34.81
N ASP C 104 -31.93 6.43 33.61
CA ASP C 104 -30.89 6.98 32.73
C ASP C 104 -30.32 8.32 33.21
N CYS C 105 -31.21 9.17 33.70
CA CYS C 105 -30.94 10.59 33.82
C CYS C 105 -30.60 11.05 35.22
N SER C 106 -29.96 12.21 35.31
CA SER C 106 -29.59 12.81 36.59
C SER C 106 -30.76 13.62 37.14
N ILE C 107 -30.73 13.85 38.45
CA ILE C 107 -31.66 14.78 39.07
C ILE C 107 -31.14 16.21 38.90
N ASP C 108 -31.98 17.06 38.32
CA ASP C 108 -31.70 18.48 38.10
C ASP C 108 -32.50 19.26 39.15
N TYR C 109 -31.96 19.38 40.37
CA TYR C 109 -32.67 20.04 41.47
C TYR C 109 -31.76 21.01 42.21
N PRO C 110 -31.70 22.28 41.75
CA PRO C 110 -30.69 23.25 42.16
C PRO C 110 -30.54 23.42 43.67
N SER C 111 -31.59 23.09 44.42
CA SER C 111 -31.53 23.18 45.88
C SER C 111 -30.53 22.18 46.46
N GLY C 112 -30.49 20.99 45.88
CA GLY C 112 -29.53 19.95 46.25
C GLY C 112 -29.93 19.09 47.43
N GLN C 113 -31.05 19.44 48.06
CA GLN C 113 -31.50 18.83 49.31
C GLN C 113 -33.02 18.83 49.42
N PHE C 114 -33.56 17.86 50.14
CA PHE C 114 -34.99 17.78 50.43
C PHE C 114 -35.15 17.80 51.93
N ASN C 115 -35.96 18.75 52.42
CA ASN C 115 -36.17 18.95 53.86
C ASN C 115 -37.61 18.59 54.27
N ASN C 116 -37.71 17.76 55.35
CA ASN C 116 -39.00 17.40 55.96
C ASN C 116 -40.03 16.77 55.00
N GLN C 117 -39.53 16.17 53.91
CA GLN C 117 -40.38 15.59 52.89
C GLN C 117 -40.52 14.07 53.04
N THR C 118 -41.72 13.55 52.74
CA THR C 118 -41.93 12.11 52.64
C THR C 118 -41.35 11.59 51.33
N LEU C 119 -41.18 10.26 51.26
CA LEU C 119 -40.83 9.58 50.02
C LEU C 119 -41.72 10.02 48.85
N THR C 120 -43.02 10.18 49.11
CA THR C 120 -43.98 10.58 48.07
C THR C 120 -43.70 11.99 47.53
N GLN C 121 -43.51 12.94 48.44
CA GLN C 121 -43.24 14.33 48.07
C GLN C 121 -41.97 14.47 47.22
N ILE C 122 -40.88 13.84 47.67
CA ILE C 122 -39.65 13.79 46.90
C ILE C 122 -39.86 13.11 45.52
N ALA C 123 -40.66 12.04 45.47
CA ALA C 123 -40.91 11.35 44.18
C ALA C 123 -41.74 12.24 43.27
N ASP C 124 -42.72 12.94 43.84
CA ASP C 124 -43.49 13.92 43.09
C ASP C 124 -42.59 14.97 42.41
N ILE C 125 -41.58 15.43 43.16
CA ILE C 125 -40.64 16.46 42.71
C ILE C 125 -39.74 15.96 41.58
N VAL C 126 -39.10 14.82 41.78
CA VAL C 126 -38.07 14.35 40.84
C VAL C 126 -38.65 13.75 39.55
N CYS C 127 -39.86 13.21 39.62
CA CYS C 127 -40.54 12.66 38.43
C CYS C 127 -41.22 13.72 37.56
N LYS C 128 -41.50 14.89 38.13
CA LYS C 128 -42.27 15.92 37.43
C LYS C 128 -41.72 16.39 36.06
N PRO C 129 -40.44 16.80 36.00
CA PRO C 129 -39.95 17.28 34.70
C PRO C 129 -39.83 16.16 33.65
N PHE C 130 -39.88 14.90 34.10
CA PHE C 130 -39.89 13.75 33.18
C PHE C 130 -41.32 13.44 32.70
N GLY C 131 -42.29 14.04 33.39
CA GLY C 131 -43.69 13.90 33.01
C GLY C 131 -44.22 12.55 33.46
N ILE C 132 -43.72 12.08 34.59
CA ILE C 132 -44.09 10.77 35.14
C ILE C 132 -44.94 10.92 36.38
N LYS C 133 -46.16 10.38 36.36
CA LYS C 133 -47.01 10.43 37.53
C LYS C 133 -46.50 9.42 38.55
N VAL C 134 -46.62 9.81 39.82
CA VAL C 134 -46.29 8.94 40.93
C VAL C 134 -47.61 8.39 41.50
N ILE C 135 -47.74 7.06 41.49
CA ILE C 135 -48.87 6.36 42.09
C ILE C 135 -48.39 5.75 43.41
N VAL C 136 -49.15 5.96 44.46
CA VAL C 136 -48.82 5.40 45.76
C VAL C 136 -49.95 4.46 46.20
N ASN C 137 -49.59 3.22 46.50
CA ASN C 137 -50.55 2.15 46.78
C ASN C 137 -50.28 1.55 48.15
N THR C 138 -49.55 2.29 48.98
CA THR C 138 -49.12 1.81 50.30
C THR C 138 -48.67 2.95 51.21
N ASP C 139 -48.73 2.69 52.52
CA ASP C 139 -48.25 3.62 53.55
C ASP C 139 -46.75 3.88 53.39
N VAL C 140 -46.42 5.11 53.03
CA VAL C 140 -45.04 5.49 52.77
C VAL C 140 -44.31 5.88 54.08
N GLY C 141 -45.08 6.13 55.12
CA GLY C 141 -44.56 6.40 56.46
C GLY C 141 -44.13 7.84 56.68
N GLU C 142 -43.21 8.02 57.63
CA GLU C 142 -42.76 9.33 58.07
C GLU C 142 -41.97 10.10 57.02
N PRO C 143 -41.92 11.43 57.14
CA PRO C 143 -40.99 12.21 56.31
C PRO C 143 -39.53 11.96 56.68
N PHE C 144 -38.62 12.20 55.71
CA PHE C 144 -37.19 12.24 55.98
C PHE C 144 -36.84 13.67 56.39
N GLN C 145 -35.88 13.85 57.29
CA GLN C 145 -35.57 15.20 57.74
C GLN C 145 -34.70 16.00 56.78
N ARG C 146 -33.59 15.41 56.36
CA ARG C 146 -32.72 16.03 55.36
C ARG C 146 -32.12 14.97 54.46
N ILE C 147 -32.43 15.07 53.17
CA ILE C 147 -31.83 14.19 52.17
C ILE C 147 -30.97 15.03 51.22
N GLN C 148 -29.70 14.66 51.11
CA GLN C 148 -28.81 15.26 50.12
C GLN C 148 -28.73 14.35 48.92
N ILE C 149 -28.81 14.96 47.74
CA ILE C 149 -28.67 14.27 46.46
C ILE C 149 -27.18 13.99 46.21
N GLU C 150 -26.82 12.71 46.08
CA GLU C 150 -25.42 12.32 45.83
C GLU C 150 -24.96 12.81 44.45
N GLN C 151 -23.65 13.00 44.27
CA GLN C 151 -23.11 13.56 43.03
C GLN C 151 -23.61 12.82 41.80
N GLY C 152 -24.42 13.51 40.99
CA GLY C 152 -25.00 12.93 39.77
C GLY C 152 -25.99 11.81 40.04
N GLU C 153 -26.73 11.92 41.14
CA GLU C 153 -27.73 10.91 41.50
C GLU C 153 -28.90 10.95 40.52
N THR C 154 -29.37 9.77 40.12
CA THR C 154 -30.54 9.61 39.24
C THR C 154 -31.79 9.56 40.11
N PRO C 155 -32.97 9.92 39.57
CA PRO C 155 -34.20 9.81 40.40
C PRO C 155 -34.48 8.42 40.95
N HIS C 156 -34.22 7.37 40.17
CA HIS C 156 -34.48 5.99 40.66
C HIS C 156 -33.53 5.57 41.78
N GLU C 157 -32.25 5.88 41.61
CA GLU C 157 -31.24 5.70 42.67
C GLU C 157 -31.65 6.27 44.02
N LEU C 158 -32.04 7.55 44.00
CA LEU C 158 -32.43 8.29 45.19
C LEU C 158 -33.68 7.73 45.83
N LEU C 159 -34.72 7.52 45.02
CA LEU C 159 -35.98 7.00 45.55
C LEU C 159 -35.81 5.56 46.07
N ALA C 160 -35.03 4.76 45.35
CA ALA C 160 -34.73 3.39 45.76
C ALA C 160 -34.06 3.27 47.13
N ARG C 161 -33.06 4.12 47.41
CA ARG C 161 -32.42 4.13 48.73
C ARG C 161 -33.33 4.67 49.84
N LEU C 162 -34.25 5.56 49.49
CA LEU C 162 -35.27 6.05 50.42
C LEU C 162 -36.34 4.99 50.71
N ALA C 163 -36.85 4.37 49.64
CA ALA C 163 -37.88 3.34 49.72
C ALA C 163 -37.52 2.15 50.60
N LYS C 164 -36.24 1.80 50.66
CA LYS C 164 -35.80 0.67 51.49
C LYS C 164 -35.81 1.01 53.00
N GLN C 165 -35.61 2.29 53.30
CA GLN C 165 -35.65 2.80 54.67
C GLN C 165 -37.08 2.88 55.19
N ARG C 166 -38.04 2.82 54.27
CA ARG C 166 -39.46 2.90 54.63
C ARG C 166 -40.19 1.57 54.44
N GLY C 167 -39.44 0.51 54.15
CA GLY C 167 -39.98 -0.85 53.99
C GLY C 167 -40.96 -1.06 52.85
N VAL C 168 -40.75 -0.31 51.76
CA VAL C 168 -41.61 -0.32 50.57
C VAL C 168 -40.78 -0.62 49.31
N LEU C 169 -41.47 -0.77 48.15
CA LEU C 169 -40.85 -1.10 46.84
C LEU C 169 -41.25 -0.10 45.78
N LEU C 170 -40.38 0.10 44.80
CA LEU C 170 -40.70 0.88 43.61
C LEU C 170 -40.91 0.00 42.40
N THR C 171 -42.01 0.21 41.69
CA THR C 171 -42.17 -0.45 40.41
C THR C 171 -42.87 0.46 39.39
N SER C 172 -43.48 -0.12 38.36
CA SER C 172 -44.22 0.68 37.41
CA SER C 172 -44.24 0.69 37.42
C SER C 172 -45.52 -0.02 37.01
N ASP C 173 -46.51 0.75 36.57
CA ASP C 173 -47.74 0.15 36.06
C ASP C 173 -47.61 0.08 34.55
N THR C 174 -48.61 -0.50 33.90
CA THR C 174 -48.62 -0.66 32.44
C THR C 174 -48.62 0.69 31.71
N PHE C 175 -48.94 1.77 32.44
CA PHE C 175 -49.01 3.11 31.86
C PHE C 175 -47.73 3.92 32.07
N GLY C 176 -46.72 3.28 32.63
CA GLY C 176 -45.44 3.93 32.81
C GLY C 176 -45.46 4.99 33.89
N ASN C 177 -46.32 4.81 34.89
CA ASN C 177 -46.32 5.63 36.10
C ASN C 177 -45.41 4.96 37.10
N LEU C 178 -44.76 5.74 37.94
CA LEU C 178 -44.04 5.19 39.07
C LEU C 178 -45.02 4.70 40.12
N VAL C 179 -44.79 3.47 40.58
CA VAL C 179 -45.66 2.87 41.58
C VAL C 179 -44.91 2.65 42.87
N ILE C 180 -45.42 3.22 43.96
CA ILE C 180 -44.89 2.94 45.29
C ILE C 180 -45.84 1.97 45.98
N THR C 181 -45.31 0.81 46.37
CA THR C 181 -46.17 -0.26 46.83
C THR C 181 -45.45 -1.25 47.77
N ARG C 182 -46.14 -2.33 48.11
CA ARG C 182 -45.57 -3.37 48.94
C ARG C 182 -45.82 -4.70 48.28
N ALA C 183 -45.16 -5.75 48.77
CA ALA C 183 -45.49 -7.11 48.34
C ALA C 183 -46.99 -7.31 48.53
N SER C 184 -47.69 -7.71 47.47
CA SER C 184 -49.16 -7.76 47.50
C SER C 184 -49.72 -9.02 48.13
N LYS C 185 -50.95 -8.90 48.66
CA LYS C 185 -51.72 -10.04 49.18
C LYS C 185 -52.71 -10.52 48.11
N THR C 186 -52.87 -9.75 47.05
CA THR C 186 -53.76 -10.03 45.93
C THR C 186 -53.39 -11.35 45.21
N LYS C 187 -54.34 -12.26 45.14
CA LYS C 187 -54.12 -13.54 44.45
C LYS C 187 -54.27 -13.41 42.94
N ALA C 188 -53.44 -14.12 42.19
CA ALA C 188 -53.53 -14.18 40.73
C ALA C 188 -54.79 -14.90 40.21
N GLY C 189 -55.39 -15.72 41.06
CA GLY C 189 -56.58 -16.49 40.68
C GLY C 189 -56.29 -17.78 39.95
N VAL C 190 -55.03 -18.21 39.97
CA VAL C 190 -54.60 -19.46 39.34
C VAL C 190 -53.47 -20.08 40.15
N SER C 191 -53.37 -21.41 40.14
CA SER C 191 -52.23 -22.08 40.72
C SER C 191 -51.30 -22.60 39.61
N LEU C 192 -50.01 -22.65 39.88
CA LEU C 192 -49.06 -23.28 38.97
C LEU C 192 -48.83 -24.70 39.45
N ILE C 193 -49.37 -25.67 38.70
CA ILE C 193 -49.42 -27.06 39.15
C ILE C 193 -48.79 -27.96 38.12
N LEU C 194 -47.80 -28.72 38.58
CA LEU C 194 -47.07 -29.64 37.74
C LEU C 194 -47.98 -30.73 37.21
N GLY C 195 -47.94 -30.96 35.89
CA GLY C 195 -48.80 -31.95 35.25
C GLY C 195 -50.14 -31.38 34.83
N ASP C 196 -50.33 -30.09 35.11
CA ASP C 196 -51.60 -29.42 34.91
C ASP C 196 -51.41 -28.31 33.88
N ASN C 197 -50.87 -27.17 34.30
CA ASN C 197 -50.76 -26.00 33.42
C ASN C 197 -49.31 -25.55 33.12
N VAL C 198 -48.33 -26.28 33.66
CA VAL C 198 -46.90 -26.00 33.47
C VAL C 198 -46.38 -26.74 32.24
N LYS C 199 -45.96 -25.98 31.23
CA LYS C 199 -45.36 -26.55 30.03
C LYS C 199 -43.92 -27.02 30.31
N ALA C 200 -43.12 -26.12 30.86
CA ALA C 200 -41.74 -26.38 31.27
C ALA C 200 -41.43 -25.53 32.51
N ALA C 201 -40.46 -25.96 33.30
CA ALA C 201 -39.99 -25.18 34.45
C ALA C 201 -38.52 -25.45 34.66
N ARG C 202 -37.89 -24.60 35.46
CA ARG C 202 -36.45 -24.46 35.57
C ARG C 202 -36.25 -23.91 36.97
N GLY C 203 -35.23 -24.38 37.70
CA GLY C 203 -35.01 -23.86 39.05
C GLY C 203 -33.57 -23.96 39.48
N ARG C 204 -33.14 -23.08 40.38
CA ARG C 204 -31.82 -23.18 40.98
C ARG C 204 -31.94 -22.68 42.42
N PHE C 205 -31.59 -23.54 43.36
CA PHE C 205 -31.65 -23.25 44.80
C PHE C 205 -30.29 -23.51 45.41
N SER C 206 -29.68 -22.44 45.90
CA SER C 206 -28.28 -22.43 46.23
C SER C 206 -28.02 -21.91 47.67
N TRP C 207 -26.88 -22.32 48.26
CA TRP C 207 -26.39 -21.71 49.48
C TRP C 207 -25.09 -20.92 49.27
N ARG C 208 -24.66 -20.78 48.02
CA ARG C 208 -23.43 -20.02 47.70
C ARG C 208 -23.46 -18.60 48.28
N GLN C 209 -24.63 -17.94 48.22
CA GLN C 209 -24.76 -16.58 48.80
C GLN C 209 -25.67 -16.53 50.03
N ARG C 210 -25.77 -17.64 50.75
CA ARG C 210 -26.55 -17.74 51.99
C ARG C 210 -25.59 -17.85 53.17
N PHE C 211 -25.97 -17.24 54.29
CA PHE C 211 -25.08 -17.09 55.42
C PHE C 211 -25.85 -17.34 56.71
N SER C 212 -25.16 -17.73 57.76
CA SER C 212 -25.86 -18.08 59.00
C SER C 212 -26.07 -16.85 59.85
N LYS C 213 -25.14 -15.90 59.74
CA LYS C 213 -25.17 -14.68 60.53
C LYS C 213 -24.75 -13.50 59.67
N PHE C 214 -25.57 -12.45 59.69
CA PHE C 214 -25.22 -11.18 59.06
C PHE C 214 -24.88 -10.14 60.13
N THR C 215 -23.62 -9.70 60.13
CA THR C 215 -23.15 -8.64 61.03
C THR C 215 -22.96 -7.35 60.23
N ILE C 216 -23.72 -6.31 60.58
CA ILE C 216 -23.58 -5.00 59.92
C ILE C 216 -22.88 -4.04 60.88
N LYS C 217 -21.84 -3.36 60.38
CA LYS C 217 -21.02 -2.45 61.19
C LYS C 217 -20.94 -1.06 60.59
N ALA C 218 -20.65 -0.06 61.43
CA ALA C 218 -20.31 1.29 60.96
C ALA C 218 -18.88 1.32 60.41
N ASP C 227 1.58 0.27 63.13
CA ASP C 227 1.37 0.80 64.48
C ASP C 227 0.09 0.24 65.10
N SER C 228 0.24 -0.43 66.23
CA SER C 228 -0.89 -1.07 66.92
C SER C 228 -1.25 -0.28 68.20
N ALA C 229 -2.54 -0.05 68.40
CA ALA C 229 -3.03 0.65 69.60
C ALA C 229 -2.97 -0.25 70.84
N GLY C 230 -2.32 0.22 71.89
CA GLY C 230 -2.28 -0.50 73.16
C GLY C 230 -3.66 -0.61 73.78
N LEU C 231 -4.43 0.48 73.64
CA LEU C 231 -5.80 0.57 74.14
C LEU C 231 -6.73 0.93 72.97
N PRO C 232 -7.19 -0.09 72.23
CA PRO C 232 -8.08 0.18 71.12
C PRO C 232 -9.39 0.81 71.58
N THR C 233 -9.97 1.67 70.76
CA THR C 233 -11.32 2.16 71.03
C THR C 233 -12.30 0.99 70.94
N VAL C 234 -13.15 0.83 71.95
CA VAL C 234 -14.12 -0.27 71.97
C VAL C 234 -15.55 0.22 71.71
N GLY C 235 -16.44 -0.73 71.43
CA GLY C 235 -17.83 -0.44 71.14
C GLY C 235 -18.02 -0.16 69.67
N GLY C 236 -19.02 0.64 69.34
CA GLY C 236 -19.29 0.94 67.94
C GLY C 236 -20.65 0.42 67.48
N ILE C 237 -21.20 1.07 66.47
CA ILE C 237 -22.51 0.70 65.95
C ILE C 237 -22.42 -0.64 65.23
N LYS C 238 -23.25 -1.58 65.68
CA LYS C 238 -23.18 -2.97 65.24
C LYS C 238 -24.55 -3.61 65.44
N ALA C 239 -24.89 -4.56 64.57
CA ALA C 239 -26.06 -5.45 64.77
C ALA C 239 -25.83 -6.80 64.10
N ASP C 240 -26.22 -7.86 64.79
CA ASP C 240 -26.24 -9.22 64.24
C ASP C 240 -27.66 -9.60 63.88
N VAL C 241 -27.78 -10.31 62.76
CA VAL C 241 -29.04 -10.82 62.24
C VAL C 241 -28.76 -12.24 61.76
N THR C 242 -29.44 -13.21 62.38
CA THR C 242 -29.21 -14.61 62.02
C THR C 242 -30.24 -15.19 61.05
N ASP C 243 -29.77 -16.05 60.15
CA ASP C 243 -30.59 -16.80 59.23
C ASP C 243 -30.65 -18.25 59.71
N SER C 244 -31.71 -18.56 60.46
CA SER C 244 -31.95 -19.90 61.03
C SER C 244 -31.88 -21.06 60.02
N GLU C 245 -32.11 -20.78 58.74
CA GLU C 245 -32.16 -21.82 57.70
C GLU C 245 -30.79 -22.36 57.31
N ILE C 246 -29.77 -21.54 57.46
CA ILE C 246 -28.39 -21.94 57.18
C ILE C 246 -27.79 -22.57 58.43
N GLY C 247 -27.75 -23.91 58.45
CA GLY C 247 -27.48 -24.66 59.68
C GLY C 247 -26.02 -24.89 60.00
N ARG C 248 -25.16 -24.14 59.32
CA ARG C 248 -23.73 -24.34 59.36
C ARG C 248 -23.13 -22.97 59.65
N TYR C 249 -21.95 -22.95 60.26
CA TYR C 249 -21.24 -21.71 60.54
C TYR C 249 -20.79 -21.06 59.24
N ARG C 250 -21.51 -20.02 58.84
CA ARG C 250 -21.21 -19.25 57.65
C ARG C 250 -21.53 -17.78 57.94
N PRO C 251 -20.58 -17.05 58.60
CA PRO C 251 -20.80 -15.66 58.96
C PRO C 251 -20.40 -14.67 57.87
N LEU C 252 -21.15 -13.57 57.77
CA LEU C 252 -20.77 -12.47 56.89
C LEU C 252 -20.81 -11.14 57.63
N ILE C 253 -19.72 -10.41 57.54
CA ILE C 253 -19.58 -9.14 58.20
C ILE C 253 -19.50 -8.07 57.11
N ILE C 254 -20.35 -7.04 57.24
CA ILE C 254 -20.49 -5.99 56.22
C ILE C 254 -20.41 -4.63 56.88
N VAL C 255 -19.51 -3.78 56.38
CA VAL C 255 -19.37 -2.42 56.90
C VAL C 255 -20.20 -1.42 56.08
N ASN C 256 -21.35 -1.01 56.63
CA ASN C 256 -22.17 0.02 55.99
C ASN C 256 -21.84 1.38 56.61
N GLU C 257 -21.30 2.28 55.79
CA GLU C 257 -20.84 3.57 56.29
C GLU C 257 -21.99 4.58 56.50
N GLU C 258 -23.12 4.31 55.87
CA GLU C 258 -24.33 5.13 56.02
C GLU C 258 -24.93 5.03 57.43
N VAL C 259 -25.03 3.80 57.94
CA VAL C 259 -25.70 3.51 59.21
C VAL C 259 -25.04 4.19 60.45
N THR C 260 -25.85 4.94 61.19
CA THR C 260 -25.39 5.64 62.39
C THR C 260 -26.09 5.20 63.68
N THR C 261 -26.98 4.20 63.57
CA THR C 261 -27.76 3.71 64.71
C THR C 261 -27.77 2.18 64.76
N ALA C 262 -27.92 1.62 65.96
CA ALA C 262 -27.98 0.16 66.17
C ALA C 262 -29.27 -0.43 65.60
N GLU C 263 -30.36 0.32 65.72
CA GLU C 263 -31.65 -0.05 65.12
C GLU C 263 -31.57 -0.06 63.60
N GLY C 264 -30.84 0.92 63.05
CA GLY C 264 -30.63 1.06 61.61
C GLY C 264 -29.79 -0.06 61.03
N ALA C 265 -28.83 -0.54 61.83
CA ALA C 265 -27.94 -1.61 61.40
C ALA C 265 -28.67 -2.94 61.36
N ALA C 266 -29.60 -3.14 62.30
CA ALA C 266 -30.45 -4.35 62.34
C ALA C 266 -31.44 -4.37 61.18
N LYS C 267 -32.00 -3.20 60.85
CA LYS C 267 -32.86 -3.05 59.67
C LYS C 267 -32.09 -3.31 58.38
N ARG C 268 -30.85 -2.84 58.33
CA ARG C 268 -29.95 -3.16 57.23
C ARG C 268 -29.63 -4.67 57.19
N GLY C 269 -29.37 -5.26 58.36
CA GLY C 269 -29.09 -6.69 58.48
C GLY C 269 -30.17 -7.59 57.92
N GLN C 270 -31.41 -7.34 58.36
CA GLN C 270 -32.60 -8.07 57.93
C GLN C 270 -32.83 -7.92 56.43
N TRP C 271 -32.63 -6.70 55.92
CA TRP C 271 -32.67 -6.43 54.49
C TRP C 271 -31.65 -7.30 53.75
N GLU C 272 -30.45 -7.40 54.31
CA GLU C 272 -29.37 -8.17 53.71
C GLU C 272 -29.71 -9.66 53.68
N ARG C 273 -30.32 -10.15 54.77
CA ARG C 273 -30.72 -11.54 54.86
C ARG C 273 -31.82 -11.89 53.84
N GLN C 274 -32.86 -11.05 53.78
CA GLN C 274 -33.92 -11.21 52.78
C GLN C 274 -33.42 -11.12 51.35
N ARG C 275 -32.46 -10.22 51.10
CA ARG C 275 -31.85 -10.14 49.77
C ARG C 275 -31.08 -11.40 49.39
N SER C 276 -30.38 -11.99 50.35
CA SER C 276 -29.62 -13.22 50.10
C SER C 276 -30.53 -14.37 49.69
N ILE C 277 -31.72 -14.45 50.30
CA ILE C 277 -32.68 -15.49 50.01
C ILE C 277 -33.15 -15.36 48.57
N GLY C 278 -33.54 -14.15 48.19
CA GLY C 278 -33.98 -13.86 46.83
C GLY C 278 -32.92 -14.14 45.79
N LYS C 279 -31.68 -13.74 46.08
CA LYS C 279 -30.50 -13.97 45.20
C LYS C 279 -30.16 -15.47 45.04
N SER C 280 -30.53 -16.26 46.04
CA SER C 280 -30.13 -17.67 46.12
C SER C 280 -31.15 -18.66 45.58
N ASN C 281 -32.38 -18.21 45.35
CA ASN C 281 -33.40 -19.06 44.77
C ASN C 281 -33.91 -18.50 43.46
N MSE C 282 -34.09 -19.40 42.49
N MSE C 282 -34.11 -19.38 42.48
CA MSE C 282 -34.76 -19.08 41.22
CA MSE C 282 -34.75 -19.04 41.21
C MSE C 282 -35.81 -20.16 40.95
C MSE C 282 -35.77 -20.14 40.87
O MSE C 282 -35.58 -21.34 41.19
O MSE C 282 -35.48 -21.32 41.02
CB MSE C 282 -33.74 -19.03 40.06
CB MSE C 282 -33.69 -18.89 40.09
CG MSE C 282 -34.39 -19.12 38.67
CG MSE C 282 -34.21 -18.53 38.69
SE MSE C 282 -33.17 -19.50 37.21
SE MSE C 282 -34.84 -20.08 37.65
CE MSE C 282 -33.76 -21.30 36.87
CE MSE C 282 -33.15 -21.01 37.38
N ALA C 283 -36.97 -19.74 40.46
CA ALA C 283 -37.98 -20.68 39.93
C ALA C 283 -38.73 -20.01 38.80
N GLU C 284 -38.67 -20.61 37.61
CA GLU C 284 -39.28 -20.04 36.42
C GLU C 284 -40.20 -21.06 35.78
N TYR C 285 -41.46 -20.69 35.65
CA TYR C 285 -42.50 -21.54 35.08
C TYR C 285 -42.92 -21.05 33.70
N THR C 286 -42.86 -21.95 32.72
CA THR C 286 -43.32 -21.65 31.36
C THR C 286 -44.74 -22.17 31.23
N VAL C 287 -45.64 -21.28 30.82
CA VAL C 287 -47.04 -21.58 30.53
C VAL C 287 -47.36 -21.10 29.11
N THR C 288 -48.40 -21.69 28.53
CA THR C 288 -48.91 -21.34 27.21
C THR C 288 -49.82 -20.11 27.37
N GLY C 289 -49.59 -19.07 26.59
CA GLY C 289 -50.48 -17.90 26.60
C GLY C 289 -50.03 -16.78 27.51
N TRP C 290 -50.50 -15.57 27.23
CA TRP C 290 -50.18 -14.42 28.05
C TRP C 290 -51.27 -14.19 29.11
N ARG C 291 -52.47 -14.68 28.83
CA ARG C 291 -53.60 -14.54 29.75
C ARG C 291 -53.79 -15.78 30.61
N ILE C 292 -54.31 -15.57 31.81
CA ILE C 292 -54.71 -16.65 32.70
C ILE C 292 -56.11 -17.09 32.29
N PRO C 293 -56.24 -18.36 31.82
CA PRO C 293 -57.52 -18.89 31.35
C PRO C 293 -58.65 -18.76 32.38
N GLN C 294 -58.34 -19.01 33.66
CA GLN C 294 -59.32 -18.94 34.75
C GLN C 294 -59.89 -17.54 34.99
N THR C 295 -59.12 -16.49 34.73
CA THR C 295 -59.54 -15.12 35.02
C THR C 295 -59.67 -14.24 33.77
N GLY C 296 -59.05 -14.67 32.68
CA GLY C 296 -59.00 -13.87 31.46
C GLY C 296 -57.96 -12.76 31.49
N LYS C 297 -57.25 -12.62 32.61
CA LYS C 297 -56.29 -11.53 32.77
C LYS C 297 -54.86 -11.90 32.44
N LEU C 298 -54.15 -10.91 31.93
CA LEU C 298 -52.71 -11.00 31.81
C LEU C 298 -52.10 -11.36 33.15
N TRP C 299 -51.15 -12.31 33.14
CA TRP C 299 -50.32 -12.54 34.30
C TRP C 299 -49.80 -11.17 34.73
N ASN C 300 -49.75 -10.93 36.03
CA ASN C 300 -49.34 -9.63 36.56
C ASN C 300 -48.25 -9.86 37.60
N ILE C 301 -47.18 -9.06 37.57
CA ILE C 301 -46.22 -9.07 38.67
C ILE C 301 -46.86 -8.64 39.99
N ASN C 302 -46.21 -8.96 41.10
CA ASN C 302 -46.72 -8.68 42.42
C ASN C 302 -48.13 -9.24 42.64
N THR C 303 -48.35 -10.48 42.26
CA THR C 303 -49.56 -11.23 42.69
C THR C 303 -49.10 -12.60 43.16
N LEU C 304 -49.90 -13.21 44.02
CA LEU C 304 -49.55 -14.48 44.63
C LEU C 304 -50.13 -15.60 43.81
N VAL C 305 -49.36 -16.69 43.70
CA VAL C 305 -49.78 -17.87 42.96
C VAL C 305 -49.38 -19.11 43.81
N PRO C 306 -50.35 -19.97 44.19
CA PRO C 306 -49.94 -21.29 44.68
C PRO C 306 -49.06 -22.06 43.66
N VAL C 307 -48.03 -22.73 44.17
CA VAL C 307 -47.17 -23.56 43.33
C VAL C 307 -47.10 -24.95 43.93
N ILE C 308 -47.41 -25.96 43.11
CA ILE C 308 -47.27 -27.36 43.51
C ILE C 308 -46.39 -28.06 42.52
N ASP C 309 -45.25 -28.56 43.00
CA ASP C 309 -44.20 -29.05 42.11
C ASP C 309 -43.25 -30.02 42.81
N GLU C 310 -43.55 -31.32 42.72
CA GLU C 310 -42.74 -32.38 43.32
CA GLU C 310 -42.74 -32.39 43.33
C GLU C 310 -41.35 -32.51 42.73
N ILE C 311 -41.19 -32.17 41.46
CA ILE C 311 -39.85 -32.26 40.83
C ILE C 311 -38.87 -31.30 41.52
N MSE C 312 -39.25 -30.02 41.62
CA MSE C 312 -38.43 -29.01 42.31
C MSE C 312 -38.46 -29.12 43.81
O MSE C 312 -37.45 -28.84 44.45
CB MSE C 312 -38.89 -27.61 41.96
CG MSE C 312 -38.94 -27.41 40.49
SE MSE C 312 -38.36 -25.63 40.01
CE MSE C 312 -38.19 -26.03 38.23
N GLY C 313 -39.62 -29.52 44.36
CA GLY C 313 -39.83 -29.56 45.80
C GLY C 313 -40.49 -28.28 46.27
N LEU C 314 -41.48 -27.82 45.52
CA LEU C 314 -42.22 -26.63 45.88
C LEU C 314 -43.68 -26.95 46.14
N ASP C 315 -44.14 -26.59 47.33
CA ASP C 315 -45.56 -26.59 47.68
C ASP C 315 -45.85 -25.39 48.58
N GLU C 316 -45.96 -24.22 47.95
N GLU C 316 -45.99 -24.22 47.96
CA GLU C 316 -46.09 -22.93 48.63
CA GLU C 316 -46.10 -22.95 48.68
C GLU C 316 -46.87 -21.94 47.77
C GLU C 316 -46.67 -21.85 47.79
N GLU C 317 -47.32 -20.86 48.41
CA GLU C 317 -47.83 -19.70 47.69
C GLU C 317 -46.62 -18.82 47.38
N MSE C 318 -46.37 -18.60 46.09
N MSE C 318 -46.35 -18.64 46.09
CA MSE C 318 -45.23 -17.83 45.64
CA MSE C 318 -45.20 -17.85 45.62
C MSE C 318 -45.72 -16.48 45.13
C MSE C 318 -45.68 -16.52 45.04
O MSE C 318 -46.89 -16.33 44.78
O MSE C 318 -46.81 -16.42 44.57
CB MSE C 318 -44.51 -18.55 44.52
CB MSE C 318 -44.41 -18.61 44.54
CG MSE C 318 -43.95 -19.91 44.86
CG MSE C 318 -43.88 -20.00 44.90
SE MSE C 318 -42.66 -20.75 44.89
SE MSE C 318 -42.54 -19.95 46.29
CE MSE C 318 -42.14 -20.89 45.00
CE MSE C 318 -40.94 -19.91 45.18
N LEU C 319 -44.80 -15.51 45.06
CA LEU C 319 -45.11 -14.20 44.50
C LEU C 319 -44.48 -14.11 43.12
N ILE C 320 -45.21 -13.56 42.16
CA ILE C 320 -44.63 -13.28 40.82
C ILE C 320 -43.73 -12.04 40.85
N ALA C 321 -42.43 -12.25 40.66
CA ALA C 321 -41.42 -11.20 40.68
C ALA C 321 -41.17 -10.60 39.29
N SER C 322 -41.28 -11.45 38.26
CA SER C 322 -41.27 -10.98 36.87
C SER C 322 -41.92 -11.95 35.91
N ILE C 323 -42.27 -11.43 34.74
CA ILE C 323 -42.88 -12.21 33.65
C ILE C 323 -42.16 -11.81 32.38
N LEU C 324 -41.81 -12.81 31.60
CA LEU C 324 -41.41 -12.59 30.21
C LEU C 324 -42.57 -13.09 29.32
N PHE C 325 -43.17 -12.17 28.56
CA PHE C 325 -44.15 -12.51 27.56
C PHE C 325 -43.37 -12.60 26.25
N SER C 326 -43.41 -13.76 25.61
CA SER C 326 -42.70 -13.99 24.36
C SER C 326 -43.61 -14.59 23.30
N GLU C 327 -43.25 -14.36 22.05
CA GLU C 327 -43.93 -14.96 20.92
C GLU C 327 -42.94 -15.15 19.79
N ASP C 328 -43.12 -16.25 19.06
CA ASP C 328 -42.41 -16.52 17.84
C ASP C 328 -43.27 -17.39 16.92
N ASP C 329 -42.61 -18.23 16.12
CA ASP C 329 -43.27 -19.16 15.20
C ASP C 329 -44.25 -20.08 15.93
N ALA C 330 -43.75 -20.82 16.93
CA ALA C 330 -44.54 -21.79 17.68
C ALA C 330 -45.82 -21.19 18.31
N GLY C 331 -45.70 -20.03 18.95
CA GLY C 331 -46.83 -19.37 19.60
C GLY C 331 -46.39 -18.53 20.80
N ARG C 332 -47.35 -18.26 21.69
CA ARG C 332 -47.15 -17.39 22.83
C ARG C 332 -46.89 -18.14 24.12
N LEU C 333 -45.85 -17.71 24.83
CA LEU C 333 -45.52 -18.28 26.15
C LEU C 333 -45.39 -17.16 27.17
N ALA C 334 -45.61 -17.48 28.44
CA ALA C 334 -45.26 -16.58 29.53
C ALA C 334 -44.32 -17.32 30.46
N VAL C 335 -43.18 -16.71 30.72
CA VAL C 335 -42.22 -17.29 31.67
C VAL C 335 -42.39 -16.53 32.98
N ILE C 336 -42.97 -17.20 33.95
CA ILE C 336 -43.33 -16.64 35.22
C ILE C 336 -42.23 -16.95 36.22
N SER C 337 -41.56 -15.89 36.68
CA SER C 337 -40.51 -16.00 37.67
C SER C 337 -41.04 -15.76 39.07
N VAL C 338 -40.97 -16.81 39.90
CA VAL C 338 -41.64 -16.80 41.20
C VAL C 338 -40.64 -16.79 42.35
N VAL C 339 -41.09 -16.26 43.48
CA VAL C 339 -40.23 -15.99 44.62
C VAL C 339 -41.02 -16.18 45.92
N ARG C 340 -40.32 -16.54 47.00
CA ARG C 340 -40.90 -16.54 48.35
C ARG C 340 -41.31 -15.12 48.73
N PRO C 341 -42.56 -14.94 49.22
CA PRO C 341 -43.04 -13.61 49.65
C PRO C 341 -42.28 -13.08 50.85
N ASP C 342 -42.03 -13.96 51.84
CA ASP C 342 -41.40 -13.59 53.11
C ASP C 342 -40.10 -12.79 52.99
N ALA C 343 -39.34 -13.08 51.94
CA ALA C 343 -38.09 -12.35 51.63
C ALA C 343 -38.31 -11.14 50.70
N MSE C 344 -39.55 -10.65 50.66
CA MSE C 344 -39.90 -9.39 49.99
C MSE C 344 -40.61 -8.47 51.01
O MSE C 344 -40.76 -7.26 50.79
CB MSE C 344 -40.84 -9.63 48.79
CG MSE C 344 -40.25 -10.47 47.65
SE MSE C 344 -39.10 -9.47 46.40
CE MSE C 344 -40.28 -7.98 45.99
N ASP C 345 -41.05 -9.07 52.11
CA ASP C 345 -41.73 -8.35 53.19
C ASP C 345 -41.14 -8.71 54.55
N SER D 4 -21.39 4.72 -40.39
CA SER D 4 -21.60 5.35 -41.73
C SER D 4 -21.15 6.83 -41.79
N GLU D 5 -20.54 7.29 -40.70
CA GLU D 5 -20.07 8.68 -40.55
C GLU D 5 -18.92 9.02 -41.51
N GLU D 6 -18.76 10.31 -41.84
CA GLU D 6 -17.73 10.76 -42.78
C GLU D 6 -16.67 11.66 -42.11
N ILE D 7 -15.40 11.45 -42.44
CA ILE D 7 -14.33 12.32 -41.95
C ILE D 7 -13.92 13.36 -43.01
N VAL D 8 -14.01 14.64 -42.63
CA VAL D 8 -13.72 15.75 -43.54
C VAL D 8 -12.71 16.76 -42.96
N LEU D 9 -11.85 17.28 -43.82
CA LEU D 9 -11.07 18.46 -43.48
C LEU D 9 -11.67 19.73 -44.11
N LYS D 10 -11.94 20.74 -43.29
CA LYS D 10 -12.39 22.02 -43.79
C LYS D 10 -11.25 23.04 -43.73
N ALA D 11 -10.92 23.61 -44.89
CA ALA D 11 -9.88 24.63 -44.99
C ALA D 11 -10.04 25.37 -46.28
N GLY D 12 -9.71 26.67 -46.25
CA GLY D 12 -9.71 27.53 -47.41
C GLY D 12 -11.02 27.57 -48.20
N GLY D 13 -12.14 27.57 -47.48
CA GLY D 13 -13.48 27.64 -48.07
C GLY D 13 -13.94 26.36 -48.76
N LYS D 14 -13.32 25.23 -48.42
CA LYS D 14 -13.62 23.94 -49.03
C LYS D 14 -13.81 22.85 -47.97
N ILE D 15 -14.59 21.83 -48.32
CA ILE D 15 -14.73 20.60 -47.52
C ILE D 15 -14.03 19.45 -48.30
N TYR D 16 -12.99 18.87 -47.71
CA TYR D 16 -12.22 17.79 -48.33
C TYR D 16 -12.60 16.45 -47.77
N GLN D 17 -13.13 15.58 -48.64
CA GLN D 17 -13.38 14.19 -48.24
C GLN D 17 -12.61 13.27 -49.17
N GLY D 18 -12.47 11.99 -48.82
CA GLY D 18 -11.82 11.06 -49.73
C GLY D 18 -10.40 10.66 -49.33
N TRP D 19 -9.97 11.13 -48.15
CA TRP D 19 -8.69 10.76 -47.55
C TRP D 19 -8.58 9.25 -47.36
N THR D 20 -7.43 8.70 -47.73
CA THR D 20 -7.19 7.26 -47.58
C THR D 20 -6.51 6.89 -46.25
N LYS D 21 -5.71 7.80 -45.70
CA LYS D 21 -4.98 7.55 -44.44
C LYS D 21 -5.15 8.72 -43.48
N ILE D 22 -5.55 8.41 -42.25
CA ILE D 22 -5.89 9.44 -41.25
C ILE D 22 -5.27 9.06 -39.90
N GLY D 23 -4.73 10.07 -39.20
CA GLY D 23 -4.25 9.89 -37.82
C GLY D 23 -4.47 11.19 -37.06
N ILE D 24 -5.39 11.18 -36.09
CA ILE D 24 -5.59 12.33 -35.19
C ILE D 24 -5.21 11.91 -33.77
N THR D 25 -4.28 12.64 -33.18
CA THR D 25 -3.92 12.45 -31.78
C THR D 25 -4.51 13.53 -30.90
N ARG D 26 -5.21 13.10 -29.86
CA ARG D 26 -5.60 13.96 -28.73
C ARG D 26 -4.88 13.44 -27.48
N SER D 27 -4.22 14.32 -26.75
CA SER D 27 -3.35 13.90 -25.65
C SER D 27 -3.31 14.88 -24.50
N LEU D 28 -3.46 14.36 -23.28
CA LEU D 28 -3.17 15.12 -22.06
C LEU D 28 -1.69 15.47 -21.93
N GLU D 29 -0.80 14.62 -22.47
CA GLU D 29 0.64 14.77 -22.22
C GLU D 29 1.40 15.58 -23.28
N ALA D 30 0.73 15.96 -24.37
CA ALA D 30 1.38 16.73 -25.43
C ALA D 30 0.44 17.81 -25.96
N MSE D 31 0.64 19.03 -25.44
CA MSE D 31 -0.15 20.21 -25.85
C MSE D 31 -0.33 20.28 -27.35
O MSE D 31 0.65 20.26 -28.09
CB MSE D 31 0.47 21.53 -25.35
CG MSE D 31 -0.37 22.80 -25.68
SE MSE D 31 -2.15 22.75 -24.85
CE MSE D 31 -1.54 22.67 -23.00
N SER D 32 -1.60 20.34 -27.76
CA SER D 32 -2.03 20.65 -29.15
C SER D 32 -2.25 19.45 -30.07
N GLY D 33 -1.78 18.28 -29.65
CA GLY D 33 -2.05 17.03 -30.33
C GLY D 33 -1.53 17.07 -31.75
N ALA D 34 -2.25 16.43 -32.67
CA ALA D 34 -1.78 16.29 -34.05
C ALA D 34 -2.88 15.74 -34.97
N PHE D 35 -2.84 16.16 -36.23
CA PHE D 35 -3.53 15.53 -37.35
C PHE D 35 -2.58 15.32 -38.53
N ASP D 36 -2.75 14.22 -39.26
N ASP D 36 -2.79 14.21 -39.24
CA ASP D 36 -2.05 13.92 -40.52
CA ASP D 36 -2.12 13.92 -40.50
C ASP D 36 -3.12 13.28 -41.40
C ASP D 36 -3.18 13.31 -41.38
N LEU D 37 -3.32 13.82 -42.60
CA LEU D 37 -4.31 13.30 -43.53
C LEU D 37 -3.62 13.06 -44.85
N GLU D 38 -3.89 11.91 -45.45
CA GLU D 38 -3.21 11.59 -46.68
C GLU D 38 -4.13 11.00 -47.75
N MSE D 39 -3.92 11.43 -48.99
N MSE D 39 -3.87 11.40 -48.98
CA MSE D 39 -4.55 10.81 -50.18
CA MSE D 39 -4.51 10.84 -50.17
C MSE D 39 -3.44 10.28 -51.08
C MSE D 39 -3.43 10.27 -51.09
O MSE D 39 -2.52 11.00 -51.44
O MSE D 39 -2.51 10.99 -51.47
CB MSE D 39 -5.42 11.83 -50.95
CB MSE D 39 -5.28 11.93 -50.90
CG MSE D 39 -5.56 11.57 -52.48
CG MSE D 39 -5.91 11.46 -52.20
SE MSE D 39 -5.61 11.35 -53.06
SE MSE D 39 -7.37 10.27 -51.75
CE MSE D 39 -8.03 6.95 -54.07
CE MSE D 39 -7.35 9.18 -53.39
N THR D 40 -3.54 8.99 -51.43
CA THR D 40 -2.66 8.38 -52.40
C THR D 40 -3.47 8.07 -53.67
N TYR D 41 -3.19 8.81 -54.72
CA TYR D 41 -3.95 8.69 -55.95
C TYR D 41 -3.21 7.85 -56.99
N LYS D 42 -3.70 6.62 -57.17
CA LYS D 42 -3.14 5.71 -58.16
C LYS D 42 -3.71 5.99 -59.55
N PHE D 43 -3.23 7.07 -60.14
CA PHE D 43 -3.53 7.46 -61.52
C PHE D 43 -2.74 8.71 -61.88
N ASN D 46 -5.15 8.61 -67.17
CA ASN D 46 -4.19 7.94 -68.07
C ASN D 46 -2.87 8.68 -68.46
N ASP D 47 -2.86 9.94 -68.93
CA ASP D 47 -3.92 10.99 -68.90
C ASP D 47 -4.25 11.51 -67.50
N ALA D 48 -3.41 11.13 -66.54
CA ALA D 48 -3.50 11.49 -65.13
C ALA D 48 -2.10 11.37 -64.53
N GLN D 49 -1.19 10.81 -65.33
CA GLN D 49 0.22 10.74 -64.98
C GLN D 49 0.85 12.13 -65.07
N TYR D 50 1.53 12.55 -64.00
CA TYR D 50 2.30 13.80 -63.99
C TYR D 50 1.45 15.07 -64.22
N LYS D 51 0.29 15.14 -63.56
CA LYS D 51 -0.54 16.34 -63.57
C LYS D 51 -1.44 16.45 -62.34
N ALA D 52 -1.59 17.68 -61.84
CA ALA D 52 -2.38 17.96 -60.65
C ALA D 52 -3.87 17.64 -60.86
N PHE D 53 -4.51 17.20 -59.79
CA PHE D 53 -5.96 17.00 -59.78
C PHE D 53 -6.59 17.87 -58.68
N ILE D 54 -5.72 18.54 -57.92
CA ILE D 54 -6.10 19.28 -56.73
C ILE D 54 -5.17 20.49 -56.62
N GLU D 55 -5.73 21.66 -56.31
CA GLU D 55 -4.90 22.82 -55.98
C GLU D 55 -4.20 22.55 -54.64
N PRO D 56 -2.90 22.87 -54.53
CA PRO D 56 -2.19 22.64 -53.26
C PRO D 56 -2.98 23.12 -52.05
N ILE D 57 -3.04 22.28 -51.01
CA ILE D 57 -3.58 22.67 -49.71
C ILE D 57 -2.43 23.31 -48.94
N LYS D 58 -2.34 24.63 -49.05
CA LYS D 58 -1.20 25.38 -48.56
C LYS D 58 -1.07 25.35 -47.04
N GLN D 59 0.18 25.23 -46.60
CA GLN D 59 0.57 25.28 -45.21
C GLN D 59 0.14 26.61 -44.59
N GLY D 60 -0.29 26.59 -43.33
CA GLY D 60 -0.69 27.81 -42.63
C GLY D 60 -2.17 28.09 -42.53
N GLN D 61 -2.98 27.39 -43.31
CA GLN D 61 -4.44 27.61 -43.33
C GLN D 61 -5.18 27.06 -42.10
N ALA D 62 -6.05 27.89 -41.54
CA ALA D 62 -6.93 27.43 -40.45
C ALA D 62 -7.74 26.25 -40.95
N CYS D 63 -7.90 25.25 -40.10
CA CYS D 63 -8.62 24.06 -40.51
C CYS D 63 -9.33 23.36 -39.35
N THR D 64 -10.36 22.60 -39.70
CA THR D 64 -10.98 21.71 -38.74
C THR D 64 -11.08 20.33 -39.37
N VAL D 65 -11.18 19.30 -38.52
CA VAL D 65 -11.50 17.95 -38.93
C VAL D 65 -12.75 17.58 -38.16
N ASP D 66 -13.77 17.10 -38.86
CA ASP D 66 -15.03 16.62 -38.26
C ASP D 66 -15.28 15.16 -38.63
N ILE D 67 -16.09 14.48 -37.81
CA ILE D 67 -16.59 13.14 -38.10
C ILE D 67 -18.09 13.14 -37.85
N GLY D 68 -18.86 12.81 -38.88
CA GLY D 68 -20.32 12.90 -38.76
C GLY D 68 -20.77 14.30 -38.38
N GLY D 69 -19.96 15.29 -38.76
CA GLY D 69 -20.26 16.70 -38.47
C GLY D 69 -19.87 17.16 -37.08
N GLU D 70 -19.14 16.30 -36.36
CA GLU D 70 -18.69 16.58 -35.00
C GLU D 70 -17.21 16.91 -35.00
N ARG D 71 -16.84 17.94 -34.24
CA ARG D 71 -15.49 18.47 -34.19
C ARG D 71 -14.52 17.56 -33.45
N VAL D 72 -13.41 17.23 -34.09
CA VAL D 72 -12.38 16.40 -33.44
C VAL D 72 -11.17 17.26 -33.07
N ILE D 73 -10.80 18.15 -33.98
CA ILE D 73 -9.63 19.00 -33.81
C ILE D 73 -9.83 20.34 -34.56
N THR D 74 -9.31 21.43 -33.98
CA THR D 74 -9.40 22.75 -34.58
C THR D 74 -8.00 23.40 -34.56
N GLY D 75 -7.46 23.77 -35.73
CA GLY D 75 -6.09 24.26 -35.79
C GLY D 75 -5.62 24.83 -37.13
N TYR D 76 -4.36 24.59 -37.48
CA TYR D 76 -3.81 25.09 -38.73
C TYR D 76 -3.03 23.98 -39.40
N VAL D 77 -3.05 24.00 -40.72
CA VAL D 77 -2.13 23.20 -41.52
C VAL D 77 -0.68 23.64 -41.18
N ASP D 78 0.14 22.73 -40.63
CA ASP D 78 1.58 22.99 -40.50
C ASP D 78 2.33 22.72 -41.80
N ASP D 79 2.08 21.55 -42.42
CA ASP D 79 2.91 21.03 -43.53
C ASP D 79 2.09 20.57 -44.70
N TRP D 80 2.52 20.99 -45.89
CA TRP D 80 1.96 20.49 -47.13
C TRP D 80 3.08 19.63 -47.75
N VAL D 81 2.74 18.39 -48.12
CA VAL D 81 3.73 17.35 -48.37
C VAL D 81 3.34 16.60 -49.66
N PRO D 82 3.57 17.22 -50.84
CA PRO D 82 3.22 16.49 -52.06
C PRO D 82 4.37 15.55 -52.46
N SER D 83 4.04 14.45 -53.12
CA SER D 83 5.02 13.57 -53.73
C SER D 83 4.36 12.84 -54.90
N TYR D 84 5.19 12.34 -55.81
CA TYR D 84 4.68 11.57 -56.94
C TYR D 84 5.79 10.77 -57.57
N ASP D 85 5.41 9.75 -58.33
CA ASP D 85 6.31 9.01 -59.16
C ASP D 85 5.58 8.78 -60.49
N GLU D 86 5.98 7.74 -61.18
CA GLU D 86 5.44 7.45 -62.50
C GLU D 86 3.99 6.96 -62.47
N SER D 87 3.54 6.37 -61.37
CA SER D 87 2.16 5.87 -61.34
C SER D 87 1.23 6.49 -60.26
N THR D 88 1.81 7.16 -59.26
CA THR D 88 1.08 7.65 -58.09
C THR D 88 1.29 9.15 -57.88
N ILE D 89 0.26 9.82 -57.38
CA ILE D 89 0.40 11.13 -56.76
C ILE D 89 -0.09 11.04 -55.31
N THR D 90 0.75 11.48 -54.38
CA THR D 90 0.44 11.38 -52.98
C THR D 90 0.44 12.79 -52.39
N ILE D 91 -0.68 13.16 -51.78
CA ILE D 91 -0.75 14.44 -51.10
C ILE D 91 -1.11 14.20 -49.64
N SER D 92 -0.42 14.91 -48.76
CA SER D 92 -0.65 14.74 -47.34
C SER D 92 -0.52 16.10 -46.66
N VAL D 93 -1.36 16.32 -45.66
CA VAL D 93 -1.30 17.51 -44.84
C VAL D 93 -1.09 17.07 -43.40
N SER D 94 -0.35 17.85 -42.63
CA SER D 94 -0.32 17.61 -41.19
C SER D 94 -0.41 18.90 -40.40
N GLY D 95 -0.88 18.80 -39.16
CA GLY D 95 -0.99 19.99 -38.31
C GLY D 95 -1.21 19.66 -36.86
N ARG D 96 -1.55 20.72 -36.11
CA ARG D 96 -1.82 20.65 -34.68
C ARG D 96 -3.05 21.52 -34.37
N ASP D 97 -3.61 21.41 -33.18
CA ASP D 97 -4.69 22.32 -32.82
C ASP D 97 -4.13 23.73 -32.53
N LYS D 98 -5.03 24.71 -32.39
CA LYS D 98 -4.64 26.13 -32.30
C LYS D 98 -3.58 26.41 -31.24
N THR D 99 -3.60 25.66 -30.15
CA THR D 99 -2.69 25.90 -29.01
C THR D 99 -1.19 25.69 -29.36
N ALA D 100 -0.91 25.22 -30.57
CA ALA D 100 0.48 25.04 -31.04
C ALA D 100 1.26 26.36 -31.10
N ASP D 101 0.55 27.45 -31.40
CA ASP D 101 1.09 28.81 -31.30
C ASP D 101 1.63 29.15 -29.90
N LEU D 102 0.93 28.68 -28.85
CA LEU D 102 1.40 28.81 -27.46
C LEU D 102 2.70 28.04 -27.23
N VAL D 103 2.85 26.90 -27.89
CA VAL D 103 4.06 26.07 -27.84
C VAL D 103 5.21 26.63 -28.69
N ASP D 104 4.89 27.19 -29.87
CA ASP D 104 5.90 27.64 -30.83
C ASP D 104 6.51 29.02 -30.57
N CYS D 105 5.67 29.96 -30.12
CA CYS D 105 5.97 31.40 -30.19
C CYS D 105 6.43 31.98 -28.86
N SER D 106 6.87 33.23 -28.89
CA SER D 106 7.31 33.91 -27.68
C SER D 106 6.21 34.77 -27.08
N ILE D 107 6.32 35.01 -25.77
CA ILE D 107 5.41 35.92 -25.09
C ILE D 107 5.88 37.33 -25.46
N ASP D 108 4.92 38.15 -25.89
CA ASP D 108 5.16 39.55 -26.20
C ASP D 108 4.41 40.37 -25.14
N TYR D 109 5.09 40.62 -24.02
CA TYR D 109 4.53 41.36 -22.90
C TYR D 109 5.65 42.23 -22.33
N PRO D 110 5.56 43.55 -22.59
CA PRO D 110 6.65 44.52 -22.38
C PRO D 110 7.14 44.61 -20.93
N SER D 111 6.23 44.44 -19.97
CA SER D 111 6.55 44.62 -18.55
C SER D 111 7.47 43.50 -18.01
N GLY D 112 7.42 42.33 -18.68
CA GLY D 112 8.26 41.18 -18.35
C GLY D 112 8.03 40.59 -16.95
N GLN D 113 6.93 40.96 -16.31
CA GLN D 113 6.59 40.49 -14.95
C GLN D 113 5.09 40.56 -14.65
N PHE D 114 4.59 39.45 -13.92
CA PHE D 114 3.20 39.42 -13.47
C PHE D 114 3.14 39.50 -11.95
N ASN D 115 2.43 40.54 -11.44
CA ASN D 115 2.26 40.72 -9.98
C ASN D 115 0.82 40.50 -9.47
N ASN D 116 0.70 39.71 -8.40
CA ASN D 116 -0.60 39.38 -7.78
C ASN D 116 -1.69 38.80 -8.71
N GLN D 117 -1.24 38.10 -9.77
CA GLN D 117 -2.17 37.52 -10.74
C GLN D 117 -2.42 36.04 -10.44
N THR D 118 -3.69 35.59 -10.72
CA THR D 118 -3.98 34.15 -10.75
C THR D 118 -3.50 33.52 -12.07
N LEU D 119 -3.45 32.18 -12.12
CA LEU D 119 -3.07 31.45 -13.33
C LEU D 119 -3.94 31.82 -14.54
N THR D 120 -5.24 32.01 -14.29
CA THR D 120 -6.18 32.34 -15.37
C THR D 120 -5.90 33.71 -15.96
N GLN D 121 -5.85 34.73 -15.09
CA GLN D 121 -5.56 36.09 -15.53
C GLN D 121 -4.33 36.10 -16.44
N ILE D 122 -3.25 35.44 -15.99
CA ILE D 122 -2.02 35.32 -16.77
C ILE D 122 -2.28 34.67 -18.14
N ALA D 123 -3.09 33.60 -18.14
CA ALA D 123 -3.43 32.87 -19.37
C ALA D 123 -4.34 33.67 -20.30
N ASP D 124 -5.34 34.34 -19.73
CA ASP D 124 -6.21 35.25 -20.50
C ASP D 124 -5.37 36.23 -21.32
N ILE D 125 -4.29 36.72 -20.71
CA ILE D 125 -3.44 37.76 -21.32
C ILE D 125 -2.50 37.22 -22.41
N VAL D 126 -1.75 36.16 -22.09
CA VAL D 126 -0.77 35.60 -23.03
C VAL D 126 -1.41 34.89 -24.23
N CYS D 127 -2.65 34.46 -24.08
CA CYS D 127 -3.37 33.75 -25.15
C CYS D 127 -4.07 34.70 -26.11
N LYS D 128 -4.40 35.88 -25.61
CA LYS D 128 -5.23 36.86 -26.31
C LYS D 128 -4.75 37.27 -27.72
N PRO D 129 -3.46 37.63 -27.90
CA PRO D 129 -3.05 38.00 -29.24
C PRO D 129 -3.02 36.83 -30.24
N PHE D 130 -3.09 35.60 -29.72
CA PHE D 130 -3.21 34.40 -30.56
C PHE D 130 -4.67 34.06 -30.86
N GLY D 131 -5.59 34.77 -30.20
CA GLY D 131 -7.02 34.54 -30.37
C GLY D 131 -7.45 33.21 -29.78
N ILE D 132 -6.76 32.78 -28.73
CA ILE D 132 -7.07 31.51 -28.07
C ILE D 132 -7.79 31.79 -26.76
N LYS D 133 -9.00 31.24 -26.61
CA LYS D 133 -9.76 31.37 -25.37
C LYS D 133 -9.30 30.38 -24.31
N VAL D 134 -9.50 30.75 -23.05
CA VAL D 134 -9.07 29.91 -21.95
C VAL D 134 -10.30 29.40 -21.22
N ILE D 135 -10.44 28.08 -21.17
CA ILE D 135 -11.54 27.44 -20.44
C ILE D 135 -11.04 26.93 -19.10
N VAL D 136 -11.67 27.39 -18.02
CA VAL D 136 -11.30 26.99 -16.68
C VAL D 136 -12.30 25.97 -16.13
N ASN D 137 -11.78 24.77 -15.88
CA ASN D 137 -12.60 23.68 -15.36
C ASN D 137 -12.27 23.31 -13.92
N THR D 138 -11.38 24.07 -13.28
CA THR D 138 -10.89 23.68 -11.96
C THR D 138 -10.49 24.86 -11.07
N ASP D 139 -10.33 24.61 -9.76
CA ASP D 139 -9.88 25.65 -8.86
C ASP D 139 -8.40 25.99 -9.10
N VAL D 140 -8.22 27.18 -9.64
CA VAL D 140 -6.90 27.70 -10.00
C VAL D 140 -6.08 28.08 -8.77
N GLY D 141 -6.77 28.36 -7.67
CA GLY D 141 -6.12 28.72 -6.41
C GLY D 141 -5.71 30.18 -6.34
N GLU D 142 -4.82 30.46 -5.41
CA GLU D 142 -4.41 31.83 -5.11
C GLU D 142 -3.51 32.44 -6.18
N PRO D 143 -3.46 33.79 -6.26
CA PRO D 143 -2.57 34.52 -7.18
C PRO D 143 -1.07 34.26 -6.94
N PHE D 144 -0.25 34.71 -7.87
CA PHE D 144 1.21 34.59 -7.80
C PHE D 144 1.83 35.93 -7.43
N GLN D 145 2.72 35.94 -6.43
CA GLN D 145 3.36 37.16 -5.96
C GLN D 145 4.14 37.88 -7.07
N ARG D 146 5.27 37.25 -7.49
CA ARG D 146 6.06 37.81 -8.60
C ARG D 146 6.61 36.69 -9.49
N ILE D 147 6.24 36.81 -10.79
CA ILE D 147 6.68 35.84 -11.79
C ILE D 147 7.51 36.55 -12.85
N GLN D 148 8.77 36.03 -13.01
CA GLN D 148 9.70 36.59 -13.98
C GLN D 148 9.67 35.76 -15.25
N ILE D 149 9.32 36.41 -16.37
CA ILE D 149 9.33 35.75 -17.67
C ILE D 149 10.78 35.52 -18.08
N GLU D 150 11.15 34.25 -18.22
CA GLU D 150 12.48 33.88 -18.69
C GLU D 150 12.62 34.27 -20.17
N GLN D 151 13.79 34.81 -20.53
CA GLN D 151 14.07 35.28 -21.88
C GLN D 151 13.56 34.29 -22.93
N GLY D 152 12.56 34.72 -23.69
CA GLY D 152 11.98 33.90 -24.76
C GLY D 152 11.01 32.82 -24.33
N GLU D 153 10.47 32.93 -23.12
CA GLU D 153 9.53 31.91 -22.65
C GLU D 153 8.30 31.93 -23.56
N THR D 154 7.82 30.73 -23.89
CA THR D 154 6.61 30.57 -24.68
C THR D 154 5.38 30.72 -23.78
N PRO D 155 4.21 31.11 -24.36
CA PRO D 155 2.99 31.11 -23.54
C PRO D 155 2.79 29.80 -22.79
N HIS D 156 3.07 28.69 -23.47
CA HIS D 156 2.89 27.36 -22.86
C HIS D 156 3.94 27.01 -21.81
N GLU D 157 5.21 27.37 -22.06
CA GLU D 157 6.27 27.15 -21.09
C GLU D 157 5.96 27.84 -19.76
N LEU D 158 5.50 29.09 -19.86
CA LEU D 158 5.13 29.89 -18.71
C LEU D 158 4.00 29.22 -17.95
N LEU D 159 2.89 28.99 -18.63
CA LEU D 159 1.71 28.42 -17.97
C LEU D 159 1.93 27.01 -17.44
N ALA D 160 2.81 26.24 -18.07
CA ALA D 160 3.14 24.89 -17.60
C ALA D 160 3.80 24.90 -16.21
N ARG D 161 4.74 25.80 -15.97
CA ARG D 161 5.40 25.88 -14.67
C ARG D 161 4.50 26.48 -13.58
N LEU D 162 3.63 27.41 -13.97
CA LEU D 162 2.70 28.04 -13.04
C LEU D 162 1.57 27.08 -12.66
N ALA D 163 1.10 26.31 -13.64
CA ALA D 163 0.06 25.30 -13.40
C ALA D 163 0.56 24.20 -12.47
N LYS D 164 1.85 23.87 -12.58
CA LYS D 164 2.50 22.84 -11.79
C LYS D 164 2.45 23.17 -10.29
N GLN D 165 2.51 24.46 -9.98
CA GLN D 165 2.53 24.95 -8.61
C GLN D 165 1.14 25.08 -8.02
N ARG D 166 0.12 25.17 -8.88
CA ARG D 166 -1.27 25.18 -8.42
C ARG D 166 -1.92 23.79 -8.47
N GLY D 167 -1.10 22.78 -8.79
CA GLY D 167 -1.55 21.39 -8.83
C GLY D 167 -2.56 21.10 -9.94
N VAL D 168 -2.47 21.86 -11.03
CA VAL D 168 -3.45 21.74 -12.13
C VAL D 168 -2.79 21.39 -13.48
N LEU D 169 -3.61 20.87 -14.39
CA LEU D 169 -3.17 20.45 -15.73
C LEU D 169 -3.60 21.42 -16.83
N LEU D 170 -2.77 21.52 -17.86
CA LEU D 170 -3.14 22.28 -19.06
C LEU D 170 -3.36 21.31 -20.21
N THR D 171 -4.43 21.55 -20.95
CA THR D 171 -4.75 20.76 -22.12
C THR D 171 -5.48 21.64 -23.13
N SER D 172 -6.15 21.01 -24.11
CA SER D 172 -6.99 21.74 -25.05
C SER D 172 -8.28 20.95 -25.31
N ASP D 173 -9.32 21.65 -25.77
CA ASP D 173 -10.56 20.97 -26.17
C ASP D 173 -10.57 20.77 -27.68
N THR D 174 -11.64 20.15 -28.19
CA THR D 174 -11.78 19.92 -29.63
C THR D 174 -11.85 21.23 -30.45
N PHE D 175 -12.11 22.35 -29.79
CA PHE D 175 -12.21 23.64 -30.50
C PHE D 175 -10.91 24.48 -30.50
N GLY D 176 -9.80 23.87 -30.06
CA GLY D 176 -8.52 24.58 -29.95
C GLY D 176 -8.44 25.60 -28.83
N ASN D 177 -9.29 25.48 -27.83
CA ASN D 177 -9.24 26.35 -26.66
C ASN D 177 -8.28 25.76 -25.64
N LEU D 178 -7.51 26.62 -24.97
CA LEU D 178 -6.68 26.15 -23.86
C LEU D 178 -7.58 25.79 -22.68
N VAL D 179 -7.38 24.60 -22.10
CA VAL D 179 -8.18 24.14 -20.97
C VAL D 179 -7.29 23.98 -19.75
N ILE D 180 -7.71 24.61 -18.65
CA ILE D 180 -7.08 24.41 -17.35
C ILE D 180 -8.08 23.54 -16.59
N THR D 181 -7.55 22.44 -16.05
CA THR D 181 -8.38 21.37 -15.52
C THR D 181 -7.60 20.54 -14.50
N ARG D 182 -8.22 19.48 -14.00
CA ARG D 182 -7.61 18.48 -13.11
C ARG D 182 -7.98 17.11 -13.66
N ALA D 183 -7.27 16.05 -13.25
CA ALA D 183 -7.65 14.69 -13.64
C ALA D 183 -9.12 14.47 -13.26
N SER D 184 -9.91 14.00 -14.22
CA SER D 184 -11.37 13.99 -14.07
C SER D 184 -11.93 12.72 -13.41
N LYS D 185 -13.12 12.85 -12.82
CA LYS D 185 -13.83 11.72 -12.24
C LYS D 185 -14.96 11.26 -13.16
N THR D 186 -15.18 12.01 -14.25
CA THR D 186 -16.16 11.65 -15.26
C THR D 186 -15.83 10.27 -15.81
N LYS D 187 -16.85 9.41 -15.93
CA LYS D 187 -16.65 8.09 -16.57
C LYS D 187 -16.83 8.18 -18.10
N ALA D 188 -16.23 7.23 -18.82
CA ALA D 188 -16.36 7.14 -20.28
C ALA D 188 -17.66 6.45 -20.72
N GLY D 189 -18.34 5.80 -19.78
CA GLY D 189 -19.61 5.08 -20.05
C GLY D 189 -19.41 3.75 -20.78
N VAL D 190 -18.18 3.24 -20.74
CA VAL D 190 -17.79 1.98 -21.35
C VAL D 190 -16.57 1.40 -20.62
N SER D 191 -16.41 0.09 -20.67
CA SER D 191 -15.27 -0.61 -20.10
C SER D 191 -14.38 -1.22 -21.20
N LEU D 192 -13.08 -1.27 -20.98
CA LEU D 192 -12.20 -2.02 -21.86
C LEU D 192 -12.07 -3.41 -21.26
N ILE D 193 -12.78 -4.36 -21.88
CA ILE D 193 -12.83 -5.73 -21.40
C ILE D 193 -12.19 -6.68 -22.41
N LEU D 194 -11.12 -7.34 -21.97
CA LEU D 194 -10.44 -8.39 -22.71
C LEU D 194 -11.40 -9.50 -23.15
N GLY D 195 -11.42 -9.79 -24.44
CA GLY D 195 -12.32 -10.81 -24.99
C GLY D 195 -13.68 -10.23 -25.36
N ASP D 196 -13.85 -8.92 -25.16
CA ASP D 196 -15.11 -8.27 -25.50
C ASP D 196 -14.89 -7.25 -26.62
N ASN D 197 -14.47 -6.03 -26.27
CA ASN D 197 -14.30 -4.95 -27.25
C ASN D 197 -12.84 -4.59 -27.56
N VAL D 198 -11.91 -5.33 -27.00
CA VAL D 198 -10.50 -5.04 -27.19
C VAL D 198 -9.99 -5.84 -28.39
N LYS D 199 -9.63 -5.12 -29.44
CA LYS D 199 -9.06 -5.75 -30.63
C LYS D 199 -7.65 -6.26 -30.33
N ALA D 200 -6.80 -5.37 -29.84
CA ALA D 200 -5.42 -5.71 -29.53
C ALA D 200 -4.97 -4.78 -28.40
N ALA D 201 -3.91 -5.16 -27.68
CA ALA D 201 -3.37 -4.28 -26.65
C ALA D 201 -1.91 -4.60 -26.37
N ARG D 202 -1.21 -3.64 -25.80
CA ARG D 202 0.15 -3.83 -25.37
C ARG D 202 0.38 -2.97 -24.14
N GLY D 203 1.33 -3.38 -23.32
CA GLY D 203 1.68 -2.64 -22.12
C GLY D 203 3.10 -2.87 -21.73
N ARG D 204 3.58 -2.03 -20.83
CA ARG D 204 4.91 -2.17 -20.30
C ARG D 204 4.86 -1.64 -18.88
N PHE D 205 5.22 -2.47 -17.92
CA PHE D 205 5.17 -2.12 -16.52
C PHE D 205 6.55 -2.32 -15.94
N SER D 206 7.19 -1.22 -15.57
CA SER D 206 8.61 -1.20 -15.26
C SER D 206 8.97 -0.59 -13.89
N TRP D 207 10.10 -1.04 -13.33
CA TRP D 207 10.71 -0.36 -12.17
C TRP D 207 12.02 0.38 -12.51
N ARG D 208 12.42 0.39 -13.79
CA ARG D 208 13.65 1.10 -14.16
C ARG D 208 13.65 2.54 -13.62
N GLN D 209 12.49 3.21 -13.68
CA GLN D 209 12.41 4.59 -13.19
C GLN D 209 11.59 4.74 -11.90
N ARG D 210 11.42 3.64 -11.16
CA ARG D 210 10.76 3.67 -9.86
C ARG D 210 11.79 3.59 -8.73
N PHE D 211 11.53 4.32 -7.66
CA PHE D 211 12.43 4.47 -6.53
C PHE D 211 11.61 4.33 -5.25
N SER D 212 12.24 3.81 -4.20
CA SER D 212 11.56 3.63 -2.91
C SER D 212 11.39 4.96 -2.15
N LYS D 213 12.29 5.91 -2.40
CA LYS D 213 12.35 7.14 -1.63
C LYS D 213 12.88 8.25 -2.52
N PHE D 214 12.15 9.36 -2.51
CA PHE D 214 12.54 10.56 -3.24
C PHE D 214 12.93 11.63 -2.23
N THR D 215 14.19 12.09 -2.30
CA THR D 215 14.67 13.17 -1.45
C THR D 215 14.91 14.41 -2.28
N ILE D 216 14.26 15.50 -1.88
CA ILE D 216 14.40 16.77 -2.56
C ILE D 216 15.21 17.76 -1.74
N LYS D 217 16.19 18.39 -2.40
CA LYS D 217 17.24 19.25 -1.83
C LYS D 217 17.84 18.72 -0.52
N ASP D 227 39.33 23.85 1.15
CA ASP D 227 38.63 22.85 0.35
C ASP D 227 37.96 21.76 1.20
N SER D 228 38.22 21.76 2.51
CA SER D 228 37.51 20.86 3.44
C SER D 228 37.23 21.54 4.77
N ALA D 229 35.94 21.73 5.05
CA ALA D 229 35.50 22.34 6.31
C ALA D 229 35.82 21.41 7.48
N GLY D 230 36.46 21.95 8.50
CA GLY D 230 36.68 21.19 9.74
C GLY D 230 35.36 20.98 10.46
N LEU D 231 34.48 21.98 10.39
CA LEU D 231 33.15 21.97 11.01
C LEU D 231 32.11 22.31 9.94
N PRO D 232 31.61 21.29 9.21
CA PRO D 232 30.70 21.59 8.09
C PRO D 232 29.37 22.18 8.59
N THR D 233 28.70 22.99 7.77
CA THR D 233 27.34 23.44 8.13
C THR D 233 26.36 22.27 8.00
N VAL D 234 25.56 22.06 9.04
CA VAL D 234 24.62 20.94 9.08
C VAL D 234 23.19 21.43 8.93
N GLY D 235 22.31 20.50 8.55
CA GLY D 235 20.91 20.81 8.27
C GLY D 235 20.71 21.15 6.81
N GLY D 236 19.57 21.75 6.50
CA GLY D 236 19.24 22.13 5.13
C GLY D 236 17.76 21.89 4.86
N ILE D 237 17.20 22.69 3.96
CA ILE D 237 15.82 22.48 3.50
C ILE D 237 15.76 21.18 2.68
N LYS D 238 14.90 20.26 3.10
CA LYS D 238 14.68 19.01 2.38
C LYS D 238 13.41 18.30 2.81
N ALA D 239 13.02 17.31 2.00
CA ALA D 239 11.90 16.42 2.29
C ALA D 239 12.11 15.07 1.64
N ASP D 240 11.65 14.03 2.34
CA ASP D 240 11.62 12.63 1.87
C ASP D 240 10.19 12.21 1.55
N VAL D 241 9.99 11.68 0.36
CA VAL D 241 8.70 11.11 -0.04
C VAL D 241 8.94 9.64 -0.36
N THR D 242 8.19 8.77 0.31
CA THR D 242 8.37 7.35 0.06
C THR D 242 7.42 6.84 -1.02
N ASP D 243 7.86 5.81 -1.74
CA ASP D 243 7.00 5.07 -2.65
C ASP D 243 6.98 3.65 -2.13
N SER D 244 6.00 3.34 -1.29
CA SER D 244 5.99 2.08 -0.56
C SER D 244 5.75 0.86 -1.45
N GLU D 245 5.31 1.13 -2.68
CA GLU D 245 5.11 0.11 -3.72
C GLU D 245 6.44 -0.53 -4.12
N ILE D 246 7.52 0.23 -3.95
CA ILE D 246 8.82 -0.22 -4.37
C ILE D 246 9.52 -0.79 -3.15
N GLY D 247 9.43 -2.11 -3.00
CA GLY D 247 9.83 -2.78 -1.75
C GLY D 247 11.30 -3.10 -1.60
N ARG D 248 12.14 -2.37 -2.32
CA ARG D 248 13.59 -2.59 -2.30
C ARG D 248 14.28 -1.25 -2.15
N TYR D 249 15.37 -1.20 -1.38
CA TYR D 249 16.18 0.00 -1.23
C TYR D 249 16.58 0.57 -2.60
N ARG D 250 15.86 1.60 -3.03
CA ARG D 250 16.16 2.32 -4.27
C ARG D 250 15.97 3.84 -4.10
N PRO D 251 16.97 4.53 -3.51
CA PRO D 251 16.83 5.97 -3.27
C PRO D 251 17.15 6.85 -4.48
N LEU D 252 16.45 7.98 -4.57
CA LEU D 252 16.80 9.04 -5.51
C LEU D 252 16.89 10.39 -4.79
N ILE D 253 17.99 11.10 -5.06
CA ILE D 253 18.27 12.40 -4.46
C ILE D 253 18.36 13.47 -5.54
N ILE D 254 17.50 14.48 -5.42
CA ILE D 254 17.49 15.60 -6.36
C ILE D 254 17.69 16.94 -5.64
N VAL D 255 18.62 17.74 -6.13
CA VAL D 255 18.89 19.07 -5.59
C VAL D 255 18.23 20.11 -6.49
N ASN D 256 17.06 20.57 -6.07
CA ASN D 256 16.25 21.53 -6.82
C ASN D 256 16.60 22.98 -6.45
N GLU D 257 16.60 23.86 -7.45
CA GLU D 257 16.96 25.28 -7.26
C GLU D 257 15.81 26.13 -6.70
N GLU D 258 14.58 25.85 -7.16
CA GLU D 258 13.37 26.54 -6.70
C GLU D 258 13.12 26.42 -5.19
N VAL D 259 13.38 25.24 -4.63
CA VAL D 259 13.06 24.91 -3.24
C VAL D 259 13.74 25.84 -2.24
N THR D 260 12.92 26.64 -1.55
CA THR D 260 13.38 27.42 -0.40
C THR D 260 12.55 27.07 0.85
N THR D 261 11.64 26.12 0.71
CA THR D 261 10.68 25.75 1.74
C THR D 261 10.59 24.23 1.88
N ALA D 262 10.35 23.76 3.11
CA ALA D 262 10.20 22.33 3.36
C ALA D 262 8.96 21.75 2.68
N GLU D 263 7.82 22.45 2.84
CA GLU D 263 6.58 22.08 2.16
C GLU D 263 6.70 22.12 0.63
N GLY D 264 7.52 23.04 0.10
CA GLY D 264 7.81 23.11 -1.34
C GLY D 264 8.66 21.93 -1.82
N ALA D 265 9.59 21.50 -0.97
CA ALA D 265 10.37 20.29 -1.20
C ALA D 265 9.50 19.02 -1.22
N ALA D 266 8.54 18.95 -0.30
CA ALA D 266 7.58 17.85 -0.25
C ALA D 266 6.73 17.80 -1.51
N LYS D 267 6.17 18.95 -1.90
CA LYS D 267 5.40 19.08 -3.14
C LYS D 267 6.19 18.58 -4.36
N ARG D 268 7.45 18.98 -4.47
CA ARG D 268 8.29 18.55 -5.59
C ARG D 268 8.54 17.05 -5.56
N GLY D 269 8.73 16.50 -4.36
CA GLY D 269 8.97 15.06 -4.20
C GLY D 269 7.76 14.26 -4.60
N GLN D 270 6.59 14.69 -4.13
CA GLN D 270 5.32 14.05 -4.45
C GLN D 270 5.03 14.09 -5.96
N TRP D 271 5.35 15.24 -6.57
CA TRP D 271 5.27 15.42 -8.01
C TRP D 271 6.21 14.45 -8.73
N GLU D 272 7.41 14.28 -8.17
CA GLU D 272 8.44 13.42 -8.75
C GLU D 272 8.04 11.95 -8.73
N ARG D 273 7.49 11.51 -7.60
CA ARG D 273 6.98 10.15 -7.42
C ARG D 273 5.84 9.85 -8.39
N GLN D 274 4.86 10.75 -8.46
CA GLN D 274 3.71 10.59 -9.33
C GLN D 274 4.15 10.50 -10.79
N ARG D 275 5.12 11.35 -11.13
CA ARG D 275 5.73 11.40 -12.46
C ARG D 275 6.42 10.09 -12.82
N SER D 276 7.13 9.52 -11.84
CA SER D 276 7.81 8.22 -12.00
C SER D 276 6.86 7.07 -12.32
N ILE D 277 5.70 7.05 -11.65
CA ILE D 277 4.66 6.05 -11.84
C ILE D 277 4.05 6.12 -13.25
N GLY D 278 3.68 7.32 -13.68
CA GLY D 278 3.22 7.52 -15.06
C GLY D 278 4.26 7.19 -16.12
N LYS D 279 5.52 7.51 -15.85
CA LYS D 279 6.60 7.21 -16.77
C LYS D 279 6.97 5.70 -16.76
N SER D 280 6.48 4.96 -15.79
CA SER D 280 6.92 3.57 -15.62
C SER D 280 5.93 2.58 -16.17
N ASN D 281 4.75 3.09 -16.48
CA ASN D 281 3.64 2.27 -16.90
C ASN D 281 3.03 2.77 -18.21
N MSE D 282 2.66 1.82 -19.03
CA MSE D 282 2.02 2.08 -20.32
C MSE D 282 1.04 0.95 -20.56
O MSE D 282 1.35 -0.20 -20.30
CB MSE D 282 3.08 2.15 -21.44
CG MSE D 282 2.52 2.44 -22.86
SE MSE D 282 2.04 0.88 -23.87
CE MSE D 282 3.79 0.43 -24.57
N ALA D 283 -0.16 1.30 -21.00
CA ALA D 283 -1.12 0.33 -21.48
C ALA D 283 -1.87 1.02 -22.60
N GLU D 284 -1.90 0.38 -23.78
CA GLU D 284 -2.57 0.93 -24.93
C GLU D 284 -3.53 -0.08 -25.48
N TYR D 285 -4.78 0.35 -25.61
CA TYR D 285 -5.87 -0.51 -26.04
C TYR D 285 -6.36 -0.09 -27.43
N THR D 286 -6.42 -1.04 -28.36
CA THR D 286 -6.89 -0.77 -29.71
C THR D 286 -8.30 -1.28 -29.76
N VAL D 287 -9.22 -0.40 -30.18
CA VAL D 287 -10.63 -0.76 -30.36
C VAL D 287 -11.10 -0.35 -31.75
N THR D 288 -12.20 -0.94 -32.21
CA THR D 288 -12.77 -0.66 -33.55
C THR D 288 -13.60 0.60 -33.48
N GLY D 289 -13.37 1.52 -34.40
CA GLY D 289 -14.18 2.72 -34.51
C GLY D 289 -13.76 3.84 -33.58
N TRP D 290 -14.22 5.05 -33.86
CA TRP D 290 -13.87 6.23 -33.07
C TRP D 290 -14.87 6.52 -31.96
N ARG D 291 -16.10 6.04 -32.15
CA ARG D 291 -17.17 6.27 -31.20
C ARG D 291 -17.37 5.11 -30.29
N ILE D 292 -17.80 5.40 -29.06
CA ILE D 292 -18.20 4.37 -28.13
C ILE D 292 -19.63 3.94 -28.49
N PRO D 293 -19.84 2.66 -28.84
CA PRO D 293 -21.19 2.28 -29.27
C PRO D 293 -22.21 2.42 -28.15
N GLN D 294 -21.83 2.04 -26.92
CA GLN D 294 -22.73 2.13 -25.76
C GLN D 294 -23.28 3.53 -25.53
N THR D 295 -22.51 4.56 -25.87
CA THR D 295 -22.91 5.94 -25.62
CA THR D 295 -22.91 5.94 -25.62
C THR D 295 -23.08 6.78 -26.89
N GLY D 296 -22.47 6.35 -27.99
CA GLY D 296 -22.51 7.11 -29.24
C GLY D 296 -21.53 8.27 -29.31
N LYS D 297 -20.88 8.58 -28.18
CA LYS D 297 -19.87 9.65 -28.12
C LYS D 297 -18.48 9.18 -28.59
N LEU D 298 -17.69 10.10 -29.12
CA LEU D 298 -16.27 9.82 -29.39
C LEU D 298 -15.56 9.49 -28.08
N TRP D 299 -14.57 8.61 -28.14
CA TRP D 299 -13.64 8.42 -27.02
C TRP D 299 -13.05 9.78 -26.62
N ASN D 300 -12.91 10.01 -25.32
CA ASN D 300 -12.46 11.32 -24.81
C ASN D 300 -11.39 11.16 -23.76
N ILE D 301 -10.40 12.04 -23.84
CA ILE D 301 -9.27 12.09 -22.93
C ILE D 301 -9.78 12.63 -21.59
N ASN D 302 -9.05 12.34 -20.52
CA ASN D 302 -9.44 12.76 -19.17
C ASN D 302 -10.82 12.23 -18.80
N THR D 303 -11.06 10.96 -19.14
CA THR D 303 -12.24 10.24 -18.67
C THR D 303 -11.78 8.90 -18.09
N LEU D 304 -12.54 8.40 -17.12
CA LEU D 304 -12.20 7.18 -16.41
C LEU D 304 -12.84 5.99 -17.13
N VAL D 305 -12.06 4.94 -17.36
CA VAL D 305 -12.55 3.73 -18.02
C VAL D 305 -12.13 2.49 -17.22
N PRO D 306 -13.13 1.68 -16.75
CA PRO D 306 -12.74 0.39 -16.15
C PRO D 306 -12.01 -0.46 -17.16
N VAL D 307 -10.93 -1.09 -16.72
CA VAL D 307 -10.19 -2.04 -17.54
C VAL D 307 -10.16 -3.39 -16.85
N ILE D 308 -10.52 -4.44 -17.58
CA ILE D 308 -10.45 -5.81 -17.04
C ILE D 308 -9.64 -6.60 -18.07
N ASP D 309 -8.43 -6.98 -17.67
CA ASP D 309 -7.49 -7.60 -18.58
C ASP D 309 -6.57 -8.56 -17.81
N GLU D 310 -6.94 -9.84 -17.81
CA GLU D 310 -6.19 -10.88 -17.10
C GLU D 310 -4.78 -11.13 -17.68
N ILE D 311 -4.59 -10.87 -18.96
CA ILE D 311 -3.28 -11.05 -19.60
C ILE D 311 -2.25 -10.07 -19.03
N MSE D 312 -2.60 -8.79 -18.98
CA MSE D 312 -1.68 -7.77 -18.45
C MSE D 312 -1.66 -7.74 -16.94
O MSE D 312 -0.61 -7.53 -16.35
CB MSE D 312 -2.07 -6.40 -18.94
CG MSE D 312 -2.09 -6.30 -20.40
SE MSE D 312 -1.63 -4.53 -20.99
CE MSE D 312 -1.77 -4.92 -22.84
N GLY D 313 -2.84 -7.97 -16.35
CA GLY D 313 -3.00 -8.01 -14.89
C GLY D 313 -3.61 -6.72 -14.39
N LEU D 314 -4.53 -6.16 -15.18
CA LEU D 314 -5.27 -4.95 -14.82
C LEU D 314 -6.71 -5.26 -14.47
N ASP D 315 -7.17 -4.84 -13.30
CA ASP D 315 -8.61 -4.93 -12.93
C ASP D 315 -9.11 -3.68 -12.18
N GLU D 316 -9.24 -2.56 -12.89
CA GLU D 316 -9.42 -1.23 -12.26
C GLU D 316 -9.80 -0.12 -13.25
N GLU D 317 -10.35 0.98 -12.71
CA GLU D 317 -10.62 2.17 -13.52
C GLU D 317 -9.30 2.92 -13.82
N MSE D 318 -9.11 3.25 -15.10
N MSE D 318 -9.07 3.19 -15.10
CA MSE D 318 -7.90 3.92 -15.56
CA MSE D 318 -7.89 3.90 -15.58
C MSE D 318 -8.27 5.19 -16.30
C MSE D 318 -8.32 5.25 -16.14
O MSE D 318 -9.36 5.29 -16.86
O MSE D 318 -9.49 5.46 -16.42
CB MSE D 318 -7.14 3.00 -16.51
CB MSE D 318 -7.19 3.14 -16.72
CG MSE D 318 -5.65 3.00 -16.27
CG MSE D 318 -7.00 1.65 -16.52
SE MSE D 318 -5.08 1.89 -14.75
SE MSE D 318 -5.26 1.02 -15.90
CE MSE D 318 -5.72 0.19 -15.48
CE MSE D 318 -3.95 2.08 -16.88
N LEU D 319 -7.35 6.16 -16.31
CA LEU D 319 -7.59 7.43 -17.02
C LEU D 319 -7.02 7.44 -18.44
N ILE D 320 -7.88 7.80 -19.39
CA ILE D 320 -7.50 7.98 -20.78
C ILE D 320 -6.64 9.23 -20.90
N ALA D 321 -5.35 9.00 -21.07
CA ALA D 321 -4.35 10.05 -21.17
C ALA D 321 -4.20 10.50 -22.62
N SER D 322 -4.45 9.59 -23.57
CA SER D 322 -4.37 9.95 -24.97
C SER D 322 -5.09 8.97 -25.86
N ILE D 323 -5.53 9.46 -27.01
CA ILE D 323 -6.19 8.64 -28.02
C ILE D 323 -5.57 8.93 -29.37
N LEU D 324 -5.22 7.88 -30.12
CA LEU D 324 -4.91 8.02 -31.55
C LEU D 324 -6.09 7.53 -32.36
N PHE D 325 -6.77 8.44 -33.05
CA PHE D 325 -7.87 8.11 -33.96
C PHE D 325 -7.27 7.86 -35.33
N SER D 326 -7.42 6.65 -35.85
CA SER D 326 -6.91 6.36 -37.18
C SER D 326 -8.02 5.80 -38.06
N GLU D 327 -7.90 6.10 -39.35
CA GLU D 327 -8.71 5.47 -40.37
C GLU D 327 -7.77 5.17 -41.51
N ASP D 328 -8.04 4.04 -42.16
CA ASP D 328 -7.47 3.73 -43.45
C ASP D 328 -8.45 2.84 -44.23
N ASP D 329 -7.96 2.11 -45.23
CA ASP D 329 -8.83 1.29 -46.09
C ASP D 329 -9.50 0.15 -45.33
N ALA D 330 -8.78 -0.47 -44.40
CA ALA D 330 -9.32 -1.55 -43.57
C ALA D 330 -10.39 -1.09 -42.54
N GLY D 331 -10.41 0.20 -42.21
CA GLY D 331 -11.42 0.75 -41.29
C GLY D 331 -10.84 1.69 -40.25
N ARG D 332 -11.72 2.12 -39.34
CA ARG D 332 -11.38 3.04 -38.26
C ARG D 332 -10.96 2.32 -36.97
N LEU D 333 -9.88 2.80 -36.36
CA LEU D 333 -9.43 2.27 -35.08
C LEU D 333 -9.24 3.42 -34.12
N ALA D 334 -9.38 3.16 -32.82
CA ALA D 334 -8.91 4.11 -31.81
C ALA D 334 -7.94 3.38 -30.90
N VAL D 335 -6.78 4.01 -30.69
CA VAL D 335 -5.78 3.49 -29.77
C VAL D 335 -5.83 4.32 -28.49
N ILE D 336 -6.32 3.71 -27.41
CA ILE D 336 -6.58 4.39 -26.16
C ILE D 336 -5.44 4.10 -25.18
N SER D 337 -4.71 5.15 -24.84
CA SER D 337 -3.59 5.00 -23.95
C SER D 337 -4.02 5.39 -22.53
N VAL D 338 -3.96 4.43 -21.61
CA VAL D 338 -4.51 4.59 -20.25
C VAL D 338 -3.46 4.61 -19.16
N VAL D 339 -3.75 5.37 -18.10
CA VAL D 339 -2.82 5.57 -17.00
C VAL D 339 -3.56 5.47 -15.64
N ARG D 340 -2.79 5.16 -14.60
CA ARG D 340 -3.28 5.24 -13.22
C ARG D 340 -3.66 6.68 -12.91
N PRO D 341 -4.93 6.88 -12.48
CA PRO D 341 -5.44 8.20 -12.13
C PRO D 341 -4.62 8.90 -11.04
N ASP D 342 -3.97 8.15 -10.15
CA ASP D 342 -3.14 8.78 -9.10
C ASP D 342 -1.87 9.45 -9.64
N ALA D 343 -1.28 8.88 -10.70
CA ALA D 343 -0.11 9.44 -11.38
C ALA D 343 -0.40 10.72 -12.19
N MSE D 344 -1.49 11.42 -11.84
CA MSE D 344 -1.99 12.58 -12.59
C MSE D 344 -2.65 13.64 -11.69
O MSE D 344 -2.58 14.84 -11.98
CB MSE D 344 -2.98 12.13 -13.68
CG MSE D 344 -2.35 11.54 -14.94
SE MSE D 344 -2.01 12.92 -16.25
CE MSE D 344 -1.14 11.82 -17.62
N ASP D 345 -3.30 13.19 -10.60
CA ASP D 345 -3.97 14.07 -9.64
C ASP D 345 -3.07 14.44 -8.46
N GLY E 2 20.22 1.85 -69.19
CA GLY E 2 21.60 1.55 -68.70
C GLY E 2 22.65 2.39 -69.45
N HIS E 3 23.82 2.57 -68.85
CA HIS E 3 24.83 3.50 -69.39
C HIS E 3 26.25 2.92 -69.60
N SER E 4 26.91 3.38 -70.66
CA SER E 4 28.20 2.83 -71.13
C SER E 4 29.42 3.31 -70.34
N GLU E 5 29.33 4.50 -69.74
CA GLU E 5 30.40 5.05 -68.91
C GLU E 5 30.52 4.35 -67.58
N GLU E 6 31.74 3.96 -67.25
CA GLU E 6 32.02 3.21 -66.03
C GLU E 6 32.21 4.12 -64.82
N ILE E 7 31.68 3.70 -63.67
CA ILE E 7 31.97 4.34 -62.39
C ILE E 7 33.06 3.55 -61.69
N VAL E 8 34.18 4.22 -61.43
CA VAL E 8 35.41 3.59 -61.02
C VAL E 8 35.91 4.24 -59.74
N LEU E 9 36.18 3.44 -58.72
CA LEU E 9 36.89 3.90 -57.53
C LEU E 9 38.38 3.57 -57.65
N LYS E 10 39.22 4.52 -57.27
CA LYS E 10 40.66 4.29 -57.23
C LYS E 10 41.20 4.60 -55.84
N ALA E 11 42.04 3.69 -55.34
CA ALA E 11 42.59 3.75 -53.99
C ALA E 11 43.77 2.77 -53.88
N GLY E 12 44.89 3.27 -53.36
CA GLY E 12 46.09 2.43 -53.15
C GLY E 12 46.69 1.90 -54.43
N GLY E 13 46.57 2.68 -55.51
CA GLY E 13 47.08 2.28 -56.81
C GLY E 13 46.27 1.20 -57.52
N LYS E 14 45.13 0.83 -56.95
CA LYS E 14 44.24 -0.19 -57.52
C LYS E 14 42.97 0.44 -58.15
N ILE E 15 42.32 -0.31 -59.02
CA ILE E 15 41.11 0.16 -59.71
C ILE E 15 39.94 -0.75 -59.35
N TYR E 16 38.87 -0.16 -58.81
CA TYR E 16 37.69 -0.91 -58.37
C TYR E 16 36.45 -0.49 -59.15
N GLN E 17 36.00 -1.37 -60.06
CA GLN E 17 34.78 -1.16 -60.83
C GLN E 17 33.86 -2.35 -60.58
N GLY E 18 32.55 -2.11 -60.61
CA GLY E 18 31.59 -3.21 -60.58
C GLY E 18 30.87 -3.34 -59.25
N TRP E 19 30.86 -2.26 -58.48
CA TRP E 19 30.14 -2.16 -57.23
C TRP E 19 28.66 -2.41 -57.44
N THR E 20 28.01 -3.04 -56.46
CA THR E 20 26.60 -3.36 -56.60
C THR E 20 25.71 -2.24 -56.08
N LYS E 21 26.28 -1.30 -55.34
CA LYS E 21 25.52 -0.13 -54.85
C LYS E 21 26.45 1.04 -54.64
N ILE E 22 26.07 2.20 -55.16
CA ILE E 22 26.89 3.43 -55.08
C ILE E 22 25.99 4.60 -54.68
N GLY E 23 26.43 5.39 -53.69
CA GLY E 23 25.75 6.61 -53.25
C GLY E 23 26.84 7.68 -53.07
N ILE E 24 26.69 8.81 -53.75
CA ILE E 24 27.65 9.93 -53.62
C ILE E 24 26.84 11.20 -53.46
N THR E 25 27.07 11.93 -52.35
CA THR E 25 26.45 13.23 -52.12
C THR E 25 27.41 14.39 -52.44
N ARG E 26 26.96 15.34 -53.25
CA ARG E 26 27.62 16.67 -53.37
C ARG E 26 26.66 17.70 -52.79
N SER E 27 27.15 18.55 -51.88
CA SER E 27 26.25 19.44 -51.17
C SER E 27 26.83 20.81 -50.86
N LEU E 28 26.04 21.86 -51.07
CA LEU E 28 26.42 23.20 -50.60
C LEU E 28 26.23 23.34 -49.10
N GLU E 29 25.38 22.51 -48.52
CA GLU E 29 25.03 22.62 -47.11
CA GLU E 29 25.02 22.61 -47.12
C GLU E 29 26.07 21.93 -46.23
N ALA E 30 26.35 20.67 -46.51
CA ALA E 30 27.24 19.86 -45.67
C ALA E 30 28.64 19.68 -46.25
N MSE E 31 29.59 20.39 -45.64
CA MSE E 31 31.01 20.34 -46.04
C MSE E 31 31.56 18.92 -46.10
O MSE E 31 31.44 18.13 -45.15
CB MSE E 31 31.88 21.19 -45.09
CG MSE E 31 33.38 21.16 -45.46
SE MSE E 31 33.77 22.04 -47.19
CE MSE E 31 33.26 23.85 -46.67
N SER E 32 32.19 18.63 -47.24
CA SER E 32 32.88 17.37 -47.56
C SER E 32 32.02 16.26 -48.18
N GLY E 33 30.71 16.49 -48.27
CA GLY E 33 29.77 15.50 -48.84
C GLY E 33 30.00 14.10 -48.33
N ALA E 34 29.89 13.10 -49.21
CA ALA E 34 29.92 11.69 -48.81
C ALA E 34 29.99 10.77 -50.00
N PHE E 35 30.70 9.65 -49.84
CA PHE E 35 30.56 8.50 -50.74
C PHE E 35 30.36 7.18 -49.97
N ASP E 36 29.62 6.24 -50.55
N ASP E 36 29.59 6.28 -50.57
CA ASP E 36 29.43 4.91 -49.96
CA ASP E 36 29.36 4.94 -50.05
C ASP E 36 29.32 3.96 -51.15
C ASP E 36 29.38 4.02 -51.26
N LEU E 37 30.22 2.98 -51.22
CA LEU E 37 30.26 1.99 -52.30
C LEU E 37 30.24 0.61 -51.68
N GLU E 38 29.40 -0.26 -52.23
CA GLU E 38 29.20 -1.60 -51.68
C GLU E 38 29.28 -2.61 -52.80
N MSE E 39 29.81 -3.79 -52.46
CA MSE E 39 29.93 -4.90 -53.40
C MSE E 39 29.49 -6.20 -52.71
O MSE E 39 30.16 -6.68 -51.82
CB MSE E 39 31.36 -4.92 -53.95
CG MSE E 39 31.97 -6.23 -54.43
SE MSE E 39 33.16 -5.81 -55.93
CE MSE E 39 31.54 -5.67 -56.99
N THR E 40 28.32 -6.72 -53.11
CA THR E 40 27.74 -7.90 -52.48
C THR E 40 27.80 -9.15 -53.38
N TYR E 41 28.58 -10.14 -52.97
CA TYR E 41 28.68 -11.40 -53.70
C TYR E 41 27.90 -12.50 -53.01
N LYS E 42 27.21 -13.31 -53.80
CA LYS E 42 26.51 -14.49 -53.31
C LYS E 42 27.15 -15.73 -53.88
N PHE E 43 27.60 -16.61 -52.99
CA PHE E 43 28.21 -17.87 -53.38
C PHE E 43 27.22 -19.02 -53.15
N LEU E 44 26.66 -19.52 -54.26
CA LEU E 44 25.56 -20.46 -54.21
C LEU E 44 26.01 -21.81 -53.69
N GLY E 45 27.25 -22.17 -53.95
CA GLY E 45 27.82 -23.38 -53.34
C GLY E 45 27.90 -23.32 -51.80
N ASN E 46 27.38 -22.26 -51.19
CA ASN E 46 27.44 -22.08 -49.72
C ASN E 46 28.90 -22.18 -49.24
N ASP E 47 29.82 -21.62 -50.02
CA ASP E 47 31.25 -21.76 -49.78
C ASP E 47 31.93 -20.40 -49.80
N ALA E 48 31.21 -19.38 -49.33
CA ALA E 48 31.72 -18.00 -49.37
C ALA E 48 33.06 -17.91 -48.66
N GLN E 49 33.17 -18.60 -47.53
CA GLN E 49 34.27 -18.41 -46.58
C GLN E 49 35.59 -19.05 -47.07
N TYR E 50 35.51 -19.82 -48.15
CA TYR E 50 36.71 -20.35 -48.80
C TYR E 50 37.00 -19.58 -50.10
N LYS E 51 36.20 -18.55 -50.37
CA LYS E 51 36.22 -17.88 -51.67
C LYS E 51 36.45 -16.37 -51.62
N ALA E 52 37.20 -15.91 -50.61
CA ALA E 52 37.61 -14.52 -50.47
C ALA E 52 38.39 -14.04 -51.71
N PHE E 53 38.09 -12.82 -52.16
CA PHE E 53 38.36 -12.44 -53.54
C PHE E 53 39.20 -11.20 -53.73
N ILE E 54 38.74 -10.09 -53.17
CA ILE E 54 39.38 -8.80 -53.39
C ILE E 54 40.29 -8.46 -52.24
N GLU E 55 41.40 -7.81 -52.58
CA GLU E 55 42.31 -7.23 -51.62
C GLU E 55 41.51 -6.19 -50.84
N PRO E 56 41.60 -6.20 -49.50
CA PRO E 56 40.95 -5.15 -48.70
C PRO E 56 41.36 -3.73 -49.09
N ILE E 57 40.42 -2.80 -49.00
CA ILE E 57 40.74 -1.39 -49.12
C ILE E 57 41.01 -0.91 -47.70
N LYS E 58 42.16 -0.28 -47.47
CA LYS E 58 42.49 0.22 -46.14
C LYS E 58 41.70 1.49 -45.84
N GLN E 59 41.04 1.50 -44.68
CA GLN E 59 40.50 2.75 -44.13
C GLN E 59 41.64 3.74 -44.08
N GLY E 60 41.37 5.00 -44.43
CA GLY E 60 42.42 6.01 -44.47
C GLY E 60 42.98 6.35 -45.83
N GLN E 61 42.90 5.40 -46.75
CA GLN E 61 43.42 5.54 -48.11
C GLN E 61 42.85 6.74 -48.88
N ALA E 62 43.71 7.50 -49.57
CA ALA E 62 43.28 8.50 -50.54
C ALA E 62 42.52 7.78 -51.67
N CYS E 63 41.48 8.45 -52.16
CA CYS E 63 40.34 7.84 -52.77
C CYS E 63 39.77 8.80 -53.82
N THR E 64 39.50 8.30 -55.02
CA THR E 64 38.75 9.07 -56.02
C THR E 64 37.66 8.21 -56.64
N VAL E 65 36.53 8.82 -56.97
CA VAL E 65 35.52 8.18 -57.82
C VAL E 65 35.32 8.98 -59.12
N ASP E 66 35.43 8.28 -60.24
CA ASP E 66 35.22 8.87 -61.56
C ASP E 66 34.02 8.23 -62.25
N ILE E 67 33.37 8.97 -63.15
CA ILE E 67 32.41 8.40 -64.08
C ILE E 67 32.88 8.75 -65.49
N GLY E 68 33.15 7.74 -66.31
CA GLY E 68 33.73 7.95 -67.65
C GLY E 68 35.02 8.77 -67.60
N GLY E 69 35.83 8.52 -66.57
CA GLY E 69 37.07 9.27 -66.34
C GLY E 69 36.91 10.69 -65.81
N GLU E 70 35.68 11.15 -65.60
CA GLU E 70 35.45 12.47 -65.00
C GLU E 70 35.30 12.36 -63.49
N ARG E 71 36.09 13.14 -62.76
CA ARG E 71 36.08 13.13 -61.28
C ARG E 71 34.73 13.53 -60.64
N VAL E 72 34.23 12.71 -59.72
CA VAL E 72 32.96 13.01 -59.04
C VAL E 72 33.28 13.48 -57.62
N ILE E 73 34.17 12.77 -56.95
CA ILE E 73 34.56 13.11 -55.57
C ILE E 73 36.02 12.72 -55.31
N THR E 74 36.70 13.57 -54.54
CA THR E 74 38.10 13.33 -54.18
C THR E 74 38.33 13.47 -52.67
N GLY E 75 38.66 12.34 -52.05
CA GLY E 75 38.99 12.35 -50.63
C GLY E 75 39.73 11.15 -50.10
N TYR E 76 39.17 10.59 -49.01
CA TYR E 76 39.78 9.51 -48.24
C TYR E 76 38.69 8.56 -47.76
N VAL E 77 39.05 7.28 -47.65
CA VAL E 77 38.21 6.28 -47.04
C VAL E 77 38.18 6.53 -45.54
N ASP E 78 36.98 6.69 -45.02
CA ASP E 78 36.77 6.76 -43.58
C ASP E 78 36.70 5.38 -42.99
N ASP E 79 35.84 4.54 -43.60
CA ASP E 79 35.47 3.23 -43.09
C ASP E 79 35.68 2.12 -44.11
N TRP E 80 36.27 1.03 -43.63
CA TRP E 80 36.31 -0.25 -44.32
C TRP E 80 35.37 -1.18 -43.57
N VAL E 81 34.43 -1.78 -44.30
CA VAL E 81 33.29 -2.44 -43.67
C VAL E 81 33.06 -3.84 -44.29
N PRO E 82 33.86 -4.82 -43.86
CA PRO E 82 33.69 -6.18 -44.39
C PRO E 82 32.62 -6.95 -43.63
N SER E 83 31.95 -7.87 -44.33
CA SER E 83 31.06 -8.84 -43.70
C SER E 83 30.87 -10.04 -44.59
N TYR E 84 30.52 -11.16 -43.97
CA TYR E 84 30.23 -12.38 -44.69
C TYR E 84 29.34 -13.30 -43.89
N ASP E 85 28.72 -14.25 -44.58
CA ASP E 85 28.18 -15.44 -43.95
C ASP E 85 28.56 -16.64 -44.81
N GLU E 86 27.82 -17.74 -44.69
CA GLU E 86 28.17 -18.95 -45.44
C GLU E 86 28.00 -18.83 -46.96
N SER E 87 27.15 -17.91 -47.40
CA SER E 87 26.84 -17.77 -48.83
C SER E 87 26.98 -16.33 -49.37
N THR E 88 27.60 -15.43 -48.57
CA THR E 88 27.70 -14.01 -48.90
C THR E 88 29.05 -13.45 -48.46
N ILE E 89 29.60 -12.56 -49.28
CA ILE E 89 30.66 -11.67 -48.86
C ILE E 89 30.23 -10.30 -49.34
N THR E 90 30.25 -9.35 -48.42
CA THR E 90 29.85 -7.99 -48.70
C THR E 90 31.02 -7.15 -48.24
N ILE E 91 31.55 -6.32 -49.12
CA ILE E 91 32.53 -5.35 -48.73
C ILE E 91 31.93 -4.00 -49.04
N SER E 92 32.17 -3.02 -48.17
CA SER E 92 31.84 -1.65 -48.47
C SER E 92 32.87 -0.66 -47.91
N VAL E 93 32.95 0.49 -48.56
CA VAL E 93 33.74 1.60 -48.07
C VAL E 93 32.84 2.80 -47.97
N SER E 94 33.16 3.66 -47.02
CA SER E 94 32.49 4.94 -46.85
CA SER E 94 32.50 4.95 -46.90
C SER E 94 33.55 6.00 -46.58
N GLY E 95 33.23 7.25 -46.91
CA GLY E 95 34.17 8.36 -46.74
C GLY E 95 33.55 9.69 -47.13
N ARG E 96 34.42 10.71 -47.28
CA ARG E 96 34.05 12.11 -47.51
C ARG E 96 35.11 12.70 -48.41
N ASP E 97 34.92 13.90 -48.94
CA ASP E 97 36.01 14.50 -49.74
C ASP E 97 37.13 15.06 -48.85
N LYS E 98 38.25 15.47 -49.46
CA LYS E 98 39.43 15.95 -48.71
C LYS E 98 39.12 16.96 -47.60
N THR E 99 38.13 17.84 -47.81
CA THR E 99 37.78 18.90 -46.83
C THR E 99 37.26 18.36 -45.48
N ALA E 100 36.99 17.06 -45.41
CA ALA E 100 36.67 16.36 -44.15
C ALA E 100 37.71 16.58 -43.07
N ASP E 101 38.97 16.63 -43.48
CA ASP E 101 40.09 16.93 -42.60
C ASP E 101 39.93 18.29 -41.93
N LEU E 102 39.40 19.27 -42.68
CA LEU E 102 39.07 20.60 -42.13
C LEU E 102 37.98 20.57 -41.04
N VAL E 103 37.15 19.54 -41.10
CA VAL E 103 36.00 19.36 -40.21
C VAL E 103 36.40 18.59 -38.93
N ASP E 104 37.27 17.59 -39.08
CA ASP E 104 37.59 16.70 -37.96
C ASP E 104 38.69 17.22 -37.03
N CYS E 105 39.64 17.94 -37.59
CA CYS E 105 40.93 18.19 -36.92
C CYS E 105 41.09 19.61 -36.40
N SER E 106 42.03 19.78 -35.47
CA SER E 106 42.30 21.08 -34.86
C SER E 106 43.18 21.96 -35.78
N ILE E 107 43.13 23.26 -35.54
CA ILE E 107 44.05 24.21 -36.17
C ILE E 107 45.31 24.21 -35.29
N ASP E 108 46.47 23.93 -35.88
CA ASP E 108 47.73 23.81 -35.12
C ASP E 108 48.62 25.05 -35.14
N TYR E 109 48.07 26.17 -35.61
CA TYR E 109 48.73 27.48 -35.74
C TYR E 109 49.20 28.05 -34.39
N PRO E 110 50.50 27.90 -34.08
CA PRO E 110 50.98 28.09 -32.71
C PRO E 110 50.78 29.49 -32.12
N SER E 111 50.87 30.55 -32.92
CA SER E 111 50.63 31.91 -32.40
C SER E 111 49.18 32.19 -31.95
N GLY E 112 48.27 31.27 -32.27
CA GLY E 112 46.89 31.36 -31.79
C GLY E 112 46.04 32.51 -32.28
N GLN E 113 46.55 33.29 -33.23
CA GLN E 113 45.81 34.45 -33.78
C GLN E 113 46.30 34.93 -35.14
N PHE E 114 45.36 35.49 -35.91
CA PHE E 114 45.63 36.08 -37.22
C PHE E 114 45.45 37.59 -37.13
N ASN E 115 46.44 38.33 -37.62
CA ASN E 115 46.45 39.79 -37.51
C ASN E 115 46.32 40.46 -38.87
N ASN E 116 45.21 41.19 -39.03
CA ASN E 116 44.95 41.98 -40.23
C ASN E 116 45.01 41.11 -41.50
N GLN E 117 44.31 39.96 -41.46
CA GLN E 117 44.28 39.00 -42.57
C GLN E 117 42.89 38.96 -43.17
N THR E 118 42.78 38.70 -44.47
CA THR E 118 41.48 38.42 -45.11
C THR E 118 41.08 36.96 -44.92
N LEU E 119 39.83 36.64 -45.27
CA LEU E 119 39.30 35.28 -45.20
C LEU E 119 40.16 34.34 -46.04
N THR E 120 40.51 34.78 -47.24
CA THR E 120 41.37 34.01 -48.16
C THR E 120 42.75 33.74 -47.56
N GLN E 121 43.37 34.78 -47.01
CA GLN E 121 44.65 34.61 -46.35
C GLN E 121 44.57 33.61 -45.20
N ILE E 122 43.55 33.72 -44.37
CA ILE E 122 43.43 32.79 -43.25
C ILE E 122 43.19 31.38 -43.77
N ALA E 123 42.36 31.26 -44.80
CA ALA E 123 42.04 29.96 -45.44
C ALA E 123 43.30 29.32 -46.01
N ASP E 124 44.13 30.10 -46.71
CA ASP E 124 45.36 29.57 -47.29
C ASP E 124 46.26 28.96 -46.23
N ILE E 125 46.38 29.63 -45.09
CA ILE E 125 47.20 29.19 -43.96
C ILE E 125 46.68 27.93 -43.28
N VAL E 126 45.39 27.90 -42.96
CA VAL E 126 44.86 26.76 -42.18
C VAL E 126 44.70 25.52 -43.05
N CYS E 127 44.55 25.71 -44.36
CA CYS E 127 44.35 24.58 -45.28
C CYS E 127 45.65 23.92 -45.71
N LYS E 128 46.72 24.70 -45.70
CA LYS E 128 48.04 24.29 -46.19
C LYS E 128 48.62 22.99 -45.61
N PRO E 129 48.60 22.81 -44.28
CA PRO E 129 49.21 21.54 -43.81
C PRO E 129 48.38 20.28 -44.14
N PHE E 130 47.13 20.47 -44.61
CA PHE E 130 46.29 19.36 -45.01
C PHE E 130 46.41 19.08 -46.50
N GLY E 131 47.19 19.91 -47.20
CA GLY E 131 47.36 19.81 -48.64
C GLY E 131 46.11 20.14 -49.43
N ILE E 132 45.31 21.06 -48.91
CA ILE E 132 44.04 21.42 -49.55
C ILE E 132 44.17 22.82 -50.18
N LYS E 133 43.87 22.89 -51.47
CA LYS E 133 43.98 24.10 -52.26
C LYS E 133 42.72 24.95 -52.06
N VAL E 134 42.89 26.26 -51.98
CA VAL E 134 41.75 27.17 -51.79
C VAL E 134 41.43 27.92 -53.08
N ILE E 135 40.21 27.73 -53.60
CA ILE E 135 39.73 28.40 -54.79
C ILE E 135 38.76 29.51 -54.36
N VAL E 136 38.97 30.72 -54.88
CA VAL E 136 38.15 31.85 -54.49
C VAL E 136 37.38 32.32 -55.72
N ASN E 137 36.05 32.17 -55.67
CA ASN E 137 35.16 32.51 -56.79
C ASN E 137 34.37 33.82 -56.62
N THR E 138 34.77 34.62 -55.63
CA THR E 138 33.96 35.73 -55.17
C THR E 138 34.79 36.68 -54.32
N ASP E 139 34.29 37.90 -54.15
CA ASP E 139 34.97 38.93 -53.35
C ASP E 139 34.80 38.62 -51.86
N VAL E 140 35.92 38.49 -51.17
CA VAL E 140 35.91 38.14 -49.75
C VAL E 140 35.96 39.34 -48.78
N GLY E 141 36.10 40.56 -49.33
CA GLY E 141 35.92 41.77 -48.55
C GLY E 141 37.11 42.15 -47.70
N GLU E 142 36.84 42.89 -46.63
CA GLU E 142 37.90 43.52 -45.85
C GLU E 142 38.65 42.52 -44.96
N PRO E 143 39.91 42.82 -44.63
CA PRO E 143 40.63 41.97 -43.66
C PRO E 143 39.99 42.04 -42.26
N PHE E 144 40.34 41.09 -41.40
CA PHE E 144 39.93 41.14 -39.99
C PHE E 144 41.12 41.62 -39.18
N GLN E 145 40.89 42.58 -38.29
CA GLN E 145 41.99 43.15 -37.51
C GLN E 145 42.69 42.06 -36.69
N ARG E 146 41.93 41.40 -35.81
CA ARG E 146 42.47 40.35 -34.97
C ARG E 146 41.46 39.19 -34.82
N ILE E 147 41.78 38.06 -35.43
CA ILE E 147 40.99 36.85 -35.27
C ILE E 147 41.70 35.89 -34.33
N GLN E 148 41.01 35.49 -33.27
CA GLN E 148 41.58 34.58 -32.29
C GLN E 148 41.00 33.19 -32.43
N ILE E 149 41.87 32.20 -32.57
CA ILE E 149 41.43 30.82 -32.65
C ILE E 149 40.90 30.39 -31.29
N GLU E 150 39.66 29.93 -31.30
CA GLU E 150 39.02 29.38 -30.12
C GLU E 150 39.71 28.06 -29.71
N GLN E 151 39.66 27.70 -28.42
CA GLN E 151 40.25 26.44 -27.97
C GLN E 151 39.55 25.24 -28.60
N GLY E 152 40.31 24.45 -29.35
CA GLY E 152 39.80 23.27 -30.03
C GLY E 152 39.12 23.54 -31.37
N GLU E 153 39.19 24.77 -31.86
CA GLU E 153 38.54 25.15 -33.13
C GLU E 153 39.18 24.45 -34.32
N THR E 154 38.31 23.97 -35.21
CA THR E 154 38.74 23.28 -36.42
C THR E 154 38.83 24.33 -37.54
N PRO E 155 39.61 24.04 -38.60
CA PRO E 155 39.72 24.95 -39.76
C PRO E 155 38.36 25.34 -40.34
N HIS E 156 37.46 24.36 -40.50
CA HIS E 156 36.11 24.62 -40.96
C HIS E 156 35.28 25.49 -40.00
N GLU E 157 35.34 25.24 -38.69
CA GLU E 157 34.59 26.09 -37.74
C GLU E 157 35.06 27.53 -37.79
N LEU E 158 36.38 27.71 -37.97
CA LEU E 158 36.92 29.07 -38.03
C LEU E 158 36.56 29.77 -39.34
N LEU E 159 36.78 29.10 -40.47
CA LEU E 159 36.49 29.68 -41.77
C LEU E 159 34.99 29.92 -41.99
N ALA E 160 34.13 29.07 -41.41
CA ALA E 160 32.67 29.27 -41.49
C ALA E 160 32.16 30.49 -40.70
N ARG E 161 32.64 30.70 -39.47
CA ARG E 161 32.26 31.93 -38.74
C ARG E 161 32.80 33.22 -39.40
N LEU E 162 33.99 33.15 -40.00
CA LEU E 162 34.48 34.30 -40.78
C LEU E 162 33.69 34.55 -42.07
N ALA E 163 33.30 33.47 -42.75
CA ALA E 163 32.57 33.58 -44.01
C ALA E 163 31.22 34.27 -43.77
N LYS E 164 30.66 34.01 -42.59
CA LYS E 164 29.38 34.56 -42.16
C LYS E 164 29.45 36.09 -41.93
N GLN E 165 30.62 36.55 -41.51
CA GLN E 165 30.87 37.99 -41.34
C GLN E 165 31.25 38.68 -42.66
N ARG E 166 31.39 37.92 -43.74
CA ARG E 166 31.72 38.50 -45.05
C ARG E 166 30.69 38.22 -46.15
N GLY E 167 29.62 37.50 -45.82
CA GLY E 167 28.52 37.24 -46.75
C GLY E 167 28.84 36.25 -47.87
N VAL E 168 29.77 35.33 -47.59
CA VAL E 168 30.23 34.34 -48.55
C VAL E 168 29.88 32.90 -48.11
N LEU E 169 29.92 31.97 -49.06
CA LEU E 169 29.68 30.55 -48.79
C LEU E 169 30.97 29.76 -48.88
N LEU E 170 31.08 28.70 -48.07
CA LEU E 170 32.18 27.74 -48.17
C LEU E 170 31.66 26.41 -48.69
N THR E 171 32.35 25.88 -49.69
CA THR E 171 31.95 24.55 -50.24
C THR E 171 33.23 23.82 -50.72
N SER E 172 33.09 22.78 -51.56
CA SER E 172 34.25 22.19 -52.21
C SER E 172 33.92 21.88 -53.66
N ASP E 173 34.93 21.55 -54.44
CA ASP E 173 34.73 21.09 -55.80
C ASP E 173 34.94 19.58 -55.90
N THR E 174 34.83 19.04 -57.12
CA THR E 174 35.00 17.61 -57.34
C THR E 174 36.42 17.10 -56.95
N PHE E 175 37.38 18.04 -56.89
CA PHE E 175 38.78 17.71 -56.57
C PHE E 175 39.10 17.82 -55.07
N GLY E 176 38.08 18.17 -54.29
CA GLY E 176 38.23 18.25 -52.84
C GLY E 176 39.04 19.44 -52.42
N ASN E 177 39.08 20.48 -53.28
CA ASN E 177 39.62 21.79 -52.97
C ASN E 177 38.58 22.60 -52.20
N LEU E 178 39.01 23.42 -51.25
CA LEU E 178 38.10 24.34 -50.59
C LEU E 178 37.72 25.47 -51.55
N VAL E 179 36.42 25.75 -51.64
CA VAL E 179 35.90 26.77 -52.54
C VAL E 179 35.17 27.87 -51.75
N ILE E 180 35.57 29.12 -51.96
CA ILE E 180 34.92 30.26 -51.34
C ILE E 180 34.16 30.99 -52.43
N THR E 181 32.84 30.99 -52.33
CA THR E 181 31.99 31.45 -53.42
C THR E 181 30.71 32.14 -52.89
N ARG E 182 29.81 32.48 -53.81
CA ARG E 182 28.49 32.97 -53.48
C ARG E 182 27.51 32.16 -54.32
N ALA E 183 26.22 32.21 -53.98
CA ALA E 183 25.15 31.63 -54.80
C ALA E 183 25.26 32.11 -56.25
N SER E 184 25.32 31.15 -57.15
CA SER E 184 25.64 31.37 -58.55
C SER E 184 24.44 31.84 -59.38
N LYS E 185 24.74 32.56 -60.45
CA LYS E 185 23.74 32.97 -61.43
C LYS E 185 23.81 32.07 -62.65
N THR E 186 24.79 31.16 -62.64
CA THR E 186 25.04 30.21 -63.72
C THR E 186 23.94 29.15 -63.84
N LYS E 187 23.42 29.04 -65.06
CA LYS E 187 22.32 28.16 -65.39
C LYS E 187 22.83 26.79 -65.80
N ALA E 188 22.06 25.77 -65.47
CA ALA E 188 22.41 24.37 -65.69
C ALA E 188 22.25 23.97 -67.15
N GLY E 189 21.44 24.73 -67.90
CA GLY E 189 21.13 24.41 -69.30
C GLY E 189 20.02 23.36 -69.38
N VAL E 190 19.24 23.28 -68.32
CA VAL E 190 18.15 22.29 -68.24
C VAL E 190 17.09 22.82 -67.28
N SER E 191 15.84 22.45 -67.55
CA SER E 191 14.71 22.69 -66.64
C SER E 191 14.19 21.35 -66.11
N LEU E 192 13.74 21.32 -64.86
CA LEU E 192 13.04 20.19 -64.32
C LEU E 192 11.55 20.39 -64.56
N ILE E 193 11.02 19.66 -65.53
CA ILE E 193 9.64 19.84 -65.99
C ILE E 193 8.86 18.58 -65.67
N LEU E 194 7.87 18.72 -64.77
CA LEU E 194 6.93 17.65 -64.48
C LEU E 194 6.40 17.08 -65.81
N GLY E 195 6.42 15.76 -65.93
CA GLY E 195 5.88 15.11 -67.13
C GLY E 195 6.90 14.89 -68.22
N ASP E 196 8.01 15.62 -68.18
N ASP E 196 7.97 15.67 -68.17
CA ASP E 196 9.09 15.49 -69.16
CA ASP E 196 9.10 15.58 -69.09
C ASP E 196 10.31 14.73 -68.66
C ASP E 196 10.18 14.69 -68.47
N ASN E 197 11.12 15.31 -67.77
CA ASN E 197 12.34 14.64 -67.32
C ASN E 197 12.39 14.27 -65.83
N VAL E 198 11.27 14.44 -65.12
CA VAL E 198 11.21 14.07 -63.72
C VAL E 198 10.66 12.65 -63.57
N LYS E 199 11.42 11.77 -62.93
CA LYS E 199 10.97 10.42 -62.64
C LYS E 199 10.03 10.39 -61.41
N ALA E 200 10.44 11.09 -60.35
CA ALA E 200 9.71 11.13 -59.11
C ALA E 200 10.15 12.38 -58.40
N ALA E 201 9.34 12.88 -57.48
CA ALA E 201 9.73 14.04 -56.70
C ALA E 201 8.94 14.04 -55.40
N ARG E 202 9.46 14.72 -54.38
CA ARG E 202 8.72 14.92 -53.14
C ARG E 202 9.10 16.27 -52.55
N GLY E 203 8.17 16.82 -51.79
CA GLY E 203 8.38 18.09 -51.19
C GLY E 203 7.82 18.10 -49.81
N ARG E 204 8.24 19.11 -49.06
CA ARG E 204 7.66 19.38 -47.77
C ARG E 204 7.76 20.87 -47.54
N PHE E 205 6.60 21.49 -47.39
CA PHE E 205 6.51 22.93 -47.24
C PHE E 205 5.75 23.20 -45.94
N SER E 206 6.45 23.79 -44.98
CA SER E 206 6.03 23.84 -43.59
C SER E 206 6.08 25.23 -42.92
N TRP E 207 5.16 25.49 -41.97
CA TRP E 207 5.24 26.70 -41.11
C TRP E 207 5.64 26.41 -39.68
N ARG E 208 5.94 25.15 -39.34
CA ARG E 208 6.35 24.79 -37.98
C ARG E 208 7.41 25.73 -37.40
N GLN E 209 8.39 26.10 -38.22
CA GLN E 209 9.48 26.98 -37.80
C GLN E 209 9.45 28.29 -38.55
N ARG E 210 8.27 28.71 -38.98
CA ARG E 210 8.11 30.01 -39.62
C ARG E 210 7.42 30.91 -38.61
N PHE E 211 7.74 32.19 -38.66
CA PHE E 211 7.21 33.20 -37.75
C PHE E 211 6.92 34.51 -38.47
N SER E 212 5.91 35.25 -38.00
CA SER E 212 5.52 36.55 -38.58
C SER E 212 6.52 37.68 -38.27
N LYS E 213 7.17 37.56 -37.12
CA LYS E 213 7.97 38.62 -36.55
C LYS E 213 9.15 37.99 -35.82
N PHE E 214 10.35 38.48 -36.13
CA PHE E 214 11.57 38.11 -35.42
C PHE E 214 12.11 39.37 -34.73
N THR E 215 12.12 39.36 -33.39
CA THR E 215 12.62 40.49 -32.60
C THR E 215 13.96 40.12 -31.96
N ILE E 216 15.02 40.82 -32.33
CA ILE E 216 16.39 40.51 -31.88
C ILE E 216 16.82 41.39 -30.69
N LYS E 217 17.63 40.81 -29.79
CA LYS E 217 18.07 41.47 -28.55
C LYS E 217 16.91 41.99 -27.70
N ASP E 240 14.03 43.76 -34.98
CA ASP E 240 12.62 43.66 -35.34
C ASP E 240 12.40 43.49 -36.85
N VAL E 241 12.23 42.25 -37.29
CA VAL E 241 12.09 41.93 -38.71
C VAL E 241 10.82 41.12 -38.99
N THR E 242 10.03 41.56 -39.97
CA THR E 242 8.78 40.90 -40.31
C THR E 242 8.90 39.97 -41.52
N ASP E 243 8.15 38.87 -41.48
CA ASP E 243 8.09 37.91 -42.58
C ASP E 243 6.69 37.91 -43.16
N SER E 244 6.50 38.68 -44.23
CA SER E 244 5.18 38.91 -44.83
C SER E 244 4.38 37.67 -45.28
N GLU E 245 5.07 36.53 -45.44
CA GLU E 245 4.43 35.30 -45.93
C GLU E 245 3.51 34.67 -44.88
N ILE E 246 3.81 34.92 -43.60
CA ILE E 246 3.07 34.34 -42.48
C ILE E 246 1.99 35.31 -42.01
N GLY E 247 0.77 35.08 -42.46
CA GLY E 247 -0.34 35.98 -42.19
C GLY E 247 -1.09 35.72 -40.90
N ARG E 248 -0.46 34.98 -39.99
CA ARG E 248 -0.98 34.80 -38.64
C ARG E 248 0.03 35.34 -37.65
N TYR E 249 -0.46 35.89 -36.54
CA TYR E 249 0.38 36.32 -35.43
C TYR E 249 1.17 35.16 -34.82
N ARG E 250 2.49 35.18 -35.06
CA ARG E 250 3.43 34.17 -34.61
C ARG E 250 4.78 34.85 -34.40
N PRO E 251 4.96 35.50 -33.24
CA PRO E 251 6.21 36.21 -32.96
C PRO E 251 7.31 35.31 -32.39
N LEU E 252 8.55 35.64 -32.75
CA LEU E 252 9.71 35.03 -32.11
C LEU E 252 10.69 36.10 -31.61
N ILE E 253 11.18 35.92 -30.38
CA ILE E 253 12.16 36.83 -29.78
C ILE E 253 13.46 36.08 -29.52
N ILE E 254 14.56 36.57 -30.09
CA ILE E 254 15.86 35.90 -29.99
C ILE E 254 16.88 36.81 -29.29
N VAL E 255 17.69 36.20 -28.42
CA VAL E 255 18.83 36.88 -27.79
C VAL E 255 20.11 36.56 -28.58
N ASN E 256 20.92 37.57 -28.85
CA ASN E 256 22.19 37.37 -29.54
C ASN E 256 23.25 38.27 -28.93
N GLU E 257 23.88 37.78 -27.86
CA GLU E 257 24.90 38.56 -27.13
C GLU E 257 26.20 38.78 -27.92
N GLU E 258 26.19 38.38 -29.20
CA GLU E 258 27.32 38.59 -30.11
C GLU E 258 27.19 39.90 -30.89
N VAL E 259 25.97 40.45 -30.89
CA VAL E 259 25.67 41.69 -31.62
C VAL E 259 25.66 42.89 -30.66
N THR E 260 26.17 44.03 -31.17
CA THR E 260 26.27 45.26 -30.37
C THR E 260 25.98 46.51 -31.20
N THR E 261 25.06 46.36 -32.16
CA THR E 261 24.60 47.46 -33.00
C THR E 261 23.18 47.18 -33.44
N ALA E 262 22.35 48.21 -33.57
CA ALA E 262 20.95 48.05 -34.00
C ALA E 262 20.84 47.71 -35.50
N GLU E 263 21.84 48.14 -36.27
CA GLU E 263 21.99 47.75 -37.68
C GLU E 263 22.45 46.30 -37.78
N GLY E 264 23.27 45.89 -36.80
CA GLY E 264 23.74 44.52 -36.67
C GLY E 264 22.68 43.59 -36.09
N ALA E 265 21.82 44.16 -35.23
CA ALA E 265 20.66 43.44 -34.71
C ALA E 265 19.66 43.21 -35.84
N ALA E 266 19.57 44.17 -36.76
CA ALA E 266 18.72 44.03 -37.94
C ALA E 266 19.30 42.99 -38.90
N LYS E 267 20.63 42.98 -39.01
CA LYS E 267 21.34 42.00 -39.84
C LYS E 267 21.06 40.55 -39.39
N ARG E 268 21.15 40.31 -38.08
CA ARG E 268 20.84 39.00 -37.49
C ARG E 268 19.39 38.59 -37.72
N GLY E 269 18.47 39.55 -37.62
CA GLY E 269 17.04 39.30 -37.80
C GLY E 269 16.66 38.79 -39.18
N GLN E 270 17.23 39.40 -40.21
CA GLN E 270 17.00 38.98 -41.60
C GLN E 270 17.62 37.62 -41.84
N TRP E 271 18.85 37.45 -41.36
CA TRP E 271 19.56 36.17 -41.37
C TRP E 271 18.67 35.07 -40.77
N GLU E 272 17.97 35.40 -39.69
CA GLU E 272 17.09 34.47 -39.00
C GLU E 272 15.84 34.13 -39.83
N ARG E 273 15.19 35.16 -40.35
CA ARG E 273 14.03 35.03 -41.23
C ARG E 273 14.40 34.14 -42.42
N GLN E 274 15.45 34.52 -43.14
CA GLN E 274 15.94 33.76 -44.31
C GLN E 274 16.29 32.31 -43.96
N ARG E 275 16.82 32.11 -42.75
CA ARG E 275 17.17 30.78 -42.26
C ARG E 275 15.93 29.92 -42.04
N SER E 276 14.87 30.56 -41.53
CA SER E 276 13.64 29.82 -41.21
C SER E 276 12.97 29.32 -42.46
N ILE E 277 13.05 30.10 -43.55
CA ILE E 277 12.47 29.71 -44.85
C ILE E 277 13.16 28.49 -45.44
N GLY E 278 14.49 28.50 -45.44
CA GLY E 278 15.29 27.40 -45.96
C GLY E 278 15.04 26.12 -45.22
N LYS E 279 14.88 26.22 -43.90
CA LYS E 279 14.61 25.08 -43.04
C LYS E 279 13.18 24.55 -43.15
N SER E 280 12.31 25.26 -43.87
CA SER E 280 10.89 24.92 -43.93
CA SER E 280 10.89 24.93 -43.94
C SER E 280 10.45 24.38 -45.30
N ASN E 281 11.26 24.62 -46.32
CA ASN E 281 10.93 24.22 -47.69
C ASN E 281 11.94 23.20 -48.24
N MSE E 282 11.44 22.08 -48.74
CA MSE E 282 12.26 21.02 -49.30
C MSE E 282 11.60 20.60 -50.61
O MSE E 282 10.37 20.44 -50.67
CB MSE E 282 12.35 19.85 -48.30
CG MSE E 282 13.17 18.63 -48.76
SE MSE E 282 12.19 17.31 -49.84
CE MSE E 282 11.31 16.28 -48.49
N ALA E 283 12.40 20.45 -51.66
CA ALA E 283 11.96 19.80 -52.89
C ALA E 283 13.12 19.00 -53.50
N GLU E 284 12.86 17.73 -53.79
CA GLU E 284 13.87 16.80 -54.28
C GLU E 284 13.33 16.16 -55.53
N TYR E 285 14.06 16.30 -56.64
CA TYR E 285 13.66 15.76 -57.93
C TYR E 285 14.56 14.57 -58.30
N THR E 286 13.95 13.44 -58.61
CA THR E 286 14.68 12.24 -59.07
C THR E 286 14.67 12.19 -60.59
N VAL E 287 15.86 12.17 -61.20
CA VAL E 287 16.00 12.06 -62.65
C VAL E 287 16.83 10.83 -63.00
N THR E 288 16.74 10.42 -64.25
CA THR E 288 17.52 9.29 -64.72
C THR E 288 18.90 9.77 -65.12
N GLY E 289 19.93 9.13 -64.57
CA GLY E 289 21.29 9.34 -65.03
C GLY E 289 22.00 10.43 -64.27
N TRP E 290 23.32 10.39 -64.28
CA TRP E 290 24.13 11.37 -63.57
C TRP E 290 24.43 12.60 -64.43
N ARG E 291 24.32 12.43 -65.75
CA ARG E 291 24.55 13.52 -66.70
C ARG E 291 23.27 14.14 -67.22
N ILE E 292 23.34 15.44 -67.49
CA ILE E 292 22.25 16.19 -68.09
C ILE E 292 22.34 15.89 -69.58
N PRO E 293 21.30 15.22 -70.14
CA PRO E 293 21.39 14.94 -71.59
C PRO E 293 21.55 16.19 -72.48
N GLN E 294 20.95 17.32 -72.08
CA GLN E 294 20.95 18.56 -72.93
C GLN E 294 22.31 19.26 -73.01
N THR E 295 23.15 19.06 -72.00
CA THR E 295 24.47 19.70 -71.93
C THR E 295 25.63 18.71 -71.86
N GLY E 296 25.34 17.45 -71.56
CA GLY E 296 26.33 16.40 -71.43
C GLY E 296 27.23 16.57 -70.22
N LYS E 297 26.85 17.48 -69.33
CA LYS E 297 27.56 17.70 -68.07
C LYS E 297 26.90 16.97 -66.90
N LEU E 298 27.71 16.58 -65.91
CA LEU E 298 27.19 16.09 -64.65
C LEU E 298 26.35 17.17 -63.96
N TRP E 299 25.25 16.79 -63.31
CA TRP E 299 24.51 17.73 -62.48
C TRP E 299 25.48 18.35 -61.50
N ASN E 300 25.33 19.64 -61.23
CA ASN E 300 26.32 20.34 -60.42
C ASN E 300 25.61 21.18 -59.38
N ILE E 301 26.17 21.20 -58.17
CA ILE E 301 25.61 22.02 -57.09
C ILE E 301 25.86 23.50 -57.41
N ASN E 302 25.05 24.38 -56.81
CA ASN E 302 25.19 25.82 -57.03
C ASN E 302 25.01 26.19 -58.50
N THR E 303 24.03 25.56 -59.14
CA THR E 303 23.56 26.00 -60.46
C THR E 303 22.05 26.19 -60.40
N LEU E 304 21.54 27.01 -61.31
CA LEU E 304 20.13 27.35 -61.43
C LEU E 304 19.39 26.48 -62.42
N VAL E 305 18.18 26.10 -62.05
CA VAL E 305 17.36 25.18 -62.84
C VAL E 305 15.92 25.69 -62.78
N PRO E 306 15.31 26.03 -63.94
CA PRO E 306 13.88 26.23 -63.86
C PRO E 306 13.19 24.95 -63.36
N VAL E 307 12.25 25.12 -62.45
CA VAL E 307 11.42 24.01 -62.00
C VAL E 307 9.98 24.35 -62.34
N ILE E 308 9.35 23.49 -63.15
CA ILE E 308 7.97 23.68 -63.59
C ILE E 308 7.20 22.44 -63.14
N ASP E 309 6.41 22.58 -62.08
CA ASP E 309 5.81 21.44 -61.39
C ASP E 309 4.53 21.86 -60.66
N GLU E 310 3.38 21.62 -61.28
N GLU E 310 3.39 21.61 -61.30
CA GLU E 310 2.12 22.12 -60.72
CA GLU E 310 2.10 22.06 -60.79
C GLU E 310 1.58 21.26 -59.59
C GLU E 310 1.68 21.30 -59.53
N ILE E 311 2.13 20.05 -59.42
CA ILE E 311 1.84 19.23 -58.24
C ILE E 311 2.58 19.79 -57.03
N MSE E 312 3.87 20.08 -57.20
CA MSE E 312 4.68 20.72 -56.15
C MSE E 312 4.01 22.07 -55.88
O MSE E 312 3.43 22.31 -54.81
CB MSE E 312 6.12 20.88 -56.66
CG MSE E 312 7.28 20.79 -55.62
SE MSE E 312 7.46 19.11 -54.59
CE MSE E 312 8.00 17.83 -55.94
N GLY E 313 4.02 22.92 -56.92
CA GLY E 313 3.46 24.26 -56.88
C GLY E 313 4.59 25.20 -57.22
N LEU E 314 5.44 24.78 -58.17
CA LEU E 314 6.63 25.52 -58.51
C LEU E 314 6.64 25.90 -59.97
N ASP E 315 6.91 27.18 -60.24
CA ASP E 315 7.10 27.65 -61.59
C ASP E 315 8.14 28.75 -61.55
N GLU E 316 9.38 28.37 -61.21
CA GLU E 316 10.45 29.34 -60.99
C GLU E 316 11.81 28.69 -61.06
N GLU E 317 12.82 29.53 -61.31
CA GLU E 317 14.20 29.10 -61.29
C GLU E 317 14.63 28.84 -59.84
N MSE E 318 15.30 27.72 -59.60
N MSE E 318 15.35 27.75 -59.62
CA MSE E 318 15.72 27.32 -58.26
CA MSE E 318 15.75 27.30 -58.29
C MSE E 318 17.23 27.06 -58.25
C MSE E 318 17.24 26.98 -58.26
O MSE E 318 17.82 26.87 -59.31
O MSE E 318 17.82 26.66 -59.28
CB MSE E 318 15.00 26.04 -57.79
CB MSE E 318 14.97 26.05 -57.89
CG MSE E 318 13.47 26.08 -57.84
CG MSE E 318 13.47 26.21 -57.98
SE MSE E 318 12.77 25.02 -56.40
SE MSE E 318 12.79 27.25 -56.50
CE MSE E 318 12.53 25.94 -54.53
CE MSE E 318 12.43 25.73 -55.34
N LEU E 319 17.83 27.04 -57.07
CA LEU E 319 19.25 26.73 -56.93
C LEU E 319 19.39 25.27 -56.49
N ILE E 320 20.26 24.53 -57.18
CA ILE E 320 20.66 23.18 -56.76
C ILE E 320 21.58 23.29 -55.53
N ALA E 321 21.04 22.86 -54.39
CA ALA E 321 21.77 22.89 -53.12
C ALA E 321 22.51 21.57 -52.86
N SER E 322 22.02 20.47 -53.43
CA SER E 322 22.54 19.14 -53.10
C SER E 322 22.15 18.14 -54.17
N ILE E 323 23.03 17.17 -54.43
CA ILE E 323 22.78 16.08 -55.34
C ILE E 323 23.19 14.74 -54.68
N LEU E 324 22.29 13.75 -54.73
CA LEU E 324 22.64 12.36 -54.43
C LEU E 324 22.73 11.62 -55.76
N PHE E 325 23.96 11.28 -56.14
CA PHE E 325 24.22 10.40 -57.28
C PHE E 325 24.17 8.97 -56.79
N SER E 326 23.36 8.13 -57.44
CA SER E 326 23.29 6.73 -57.00
C SER E 326 23.26 5.76 -58.15
N GLU E 327 23.66 4.53 -57.87
CA GLU E 327 23.56 3.45 -58.83
C GLU E 327 23.27 2.18 -58.07
N ASP E 328 22.20 1.51 -58.49
CA ASP E 328 21.97 0.08 -58.21
C ASP E 328 21.76 -0.63 -59.57
N ASP E 329 21.27 -1.87 -59.59
CA ASP E 329 21.16 -2.56 -60.89
C ASP E 329 19.87 -2.30 -61.67
N ALA E 330 18.97 -1.52 -61.08
CA ALA E 330 17.89 -0.87 -61.83
C ALA E 330 18.47 0.27 -62.71
N GLY E 331 19.55 0.90 -62.23
CA GLY E 331 20.24 1.92 -63.00
C GLY E 331 20.72 3.09 -62.16
N ARG E 332 21.13 4.16 -62.85
CA ARG E 332 21.70 5.35 -62.27
C ARG E 332 20.65 6.44 -62.12
N LEU E 333 20.61 7.02 -60.92
CA LEU E 333 19.68 8.11 -60.60
C LEU E 333 20.45 9.29 -60.03
N ALA E 334 19.86 10.47 -60.13
CA ALA E 334 20.32 11.66 -59.43
C ALA E 334 19.11 12.27 -58.71
N VAL E 335 19.30 12.66 -57.46
CA VAL E 335 18.24 13.26 -56.66
C VAL E 335 18.71 14.68 -56.41
N ILE E 336 17.95 15.63 -56.94
CA ILE E 336 18.33 17.02 -56.94
C ILE E 336 17.49 17.79 -55.95
N SER E 337 18.15 18.25 -54.88
CA SER E 337 17.54 19.09 -53.89
CA SER E 337 17.54 19.10 -53.87
C SER E 337 17.65 20.55 -54.31
N VAL E 338 16.50 21.22 -54.44
CA VAL E 338 16.47 22.58 -54.93
C VAL E 338 15.93 23.51 -53.87
N VAL E 339 16.46 24.74 -53.89
CA VAL E 339 16.11 25.79 -52.94
C VAL E 339 15.87 27.12 -53.68
N ARG E 340 15.13 28.04 -53.08
CA ARG E 340 15.00 29.40 -53.64
C ARG E 340 16.38 30.03 -53.86
N PRO E 341 16.63 30.58 -55.06
CA PRO E 341 17.99 30.98 -55.43
C PRO E 341 18.65 31.88 -54.39
N ASP E 342 17.85 32.68 -53.69
CA ASP E 342 18.37 33.52 -52.63
C ASP E 342 18.38 32.89 -51.24
N ALA E 343 17.84 31.68 -51.10
CA ALA E 343 17.76 30.99 -49.80
C ALA E 343 19.10 30.98 -49.05
N MSE E 344 20.19 30.99 -49.81
CA MSE E 344 21.52 31.09 -49.22
C MSE E 344 22.19 32.38 -49.66
O MSE E 344 22.90 32.42 -50.68
CB MSE E 344 22.37 29.87 -49.59
CG MSE E 344 21.73 28.52 -49.27
SE MSE E 344 22.75 27.09 -50.04
CE MSE E 344 24.22 26.99 -48.77
N ASP E 345 21.97 33.46 -48.90
CA ASP E 345 22.58 34.76 -49.16
C ASP E 345 22.94 35.48 -47.86
N GLU F 5 19.95 -28.44 -22.45
CA GLU F 5 20.02 -27.00 -22.05
C GLU F 5 18.66 -26.32 -21.98
N GLU F 6 18.29 -25.89 -20.79
CA GLU F 6 17.13 -25.04 -20.63
C GLU F 6 17.60 -23.70 -20.08
N ILE F 7 16.84 -22.66 -20.40
CA ILE F 7 17.03 -21.38 -19.77
C ILE F 7 15.89 -21.32 -18.79
N VAL F 8 16.24 -21.11 -17.52
CA VAL F 8 15.28 -21.11 -16.45
C VAL F 8 15.30 -19.73 -15.74
N LEU F 9 14.14 -19.07 -15.73
CA LEU F 9 13.93 -17.91 -14.87
C LEU F 9 13.27 -18.34 -13.56
N LYS F 10 13.86 -17.96 -12.43
CA LYS F 10 13.24 -18.17 -11.14
C LYS F 10 12.94 -16.83 -10.49
N ALA F 11 11.67 -16.57 -10.22
CA ALA F 11 11.22 -15.32 -9.60
C ALA F 11 10.02 -15.57 -8.71
N GLY F 12 10.15 -15.17 -7.44
CA GLY F 12 9.09 -15.29 -6.45
C GLY F 12 8.46 -16.66 -6.33
N GLY F 13 9.30 -17.67 -6.06
CA GLY F 13 8.85 -19.03 -5.77
C GLY F 13 8.45 -19.84 -6.99
N LYS F 14 8.44 -19.18 -8.15
CA LYS F 14 8.01 -19.78 -9.41
C LYS F 14 9.17 -19.98 -10.37
N ILE F 15 9.05 -20.98 -11.23
CA ILE F 15 10.07 -21.34 -12.22
C ILE F 15 9.48 -21.25 -13.64
N TYR F 16 10.17 -20.55 -14.52
CA TYR F 16 9.70 -20.34 -15.89
C TYR F 16 10.72 -20.84 -16.91
N GLN F 17 10.24 -21.69 -17.82
CA GLN F 17 11.00 -22.36 -18.87
C GLN F 17 10.20 -22.38 -20.16
N GLY F 18 10.87 -22.73 -21.26
CA GLY F 18 10.19 -22.87 -22.55
C GLY F 18 9.90 -21.56 -23.23
N TRP F 19 10.73 -20.56 -22.93
CA TRP F 19 10.80 -19.31 -23.66
C TRP F 19 10.99 -19.52 -25.17
N THR F 20 10.28 -18.72 -25.98
CA THR F 20 10.36 -18.84 -27.43
C THR F 20 11.43 -17.92 -28.04
N LYS F 21 11.75 -16.83 -27.33
CA LYS F 21 12.82 -15.92 -27.71
C LYS F 21 13.59 -15.45 -26.49
N ILE F 22 14.91 -15.45 -26.62
CA ILE F 22 15.85 -15.18 -25.54
C ILE F 22 17.01 -14.34 -26.08
N GLY F 23 17.44 -13.36 -25.27
CA GLY F 23 18.67 -12.62 -25.53
C GLY F 23 19.32 -12.30 -24.20
N ILE F 24 20.52 -12.81 -23.98
CA ILE F 24 21.23 -12.57 -22.72
C ILE F 24 22.57 -11.94 -23.07
N THR F 25 22.83 -10.76 -22.54
CA THR F 25 24.05 -10.05 -22.90
C THR F 25 24.94 -9.90 -21.68
N ARG F 26 26.18 -10.34 -21.80
CA ARG F 26 27.17 -10.09 -20.76
C ARG F 26 28.36 -9.38 -21.41
N SER F 27 28.87 -8.36 -20.74
CA SER F 27 29.89 -7.52 -21.35
C SER F 27 30.87 -7.03 -20.32
N LEU F 28 32.14 -7.05 -20.70
CA LEU F 28 33.21 -6.56 -19.86
C LEU F 28 33.04 -5.07 -19.60
N GLU F 29 32.52 -4.35 -20.59
CA GLU F 29 32.32 -2.89 -20.50
C GLU F 29 31.07 -2.46 -19.75
N ALA F 30 30.20 -3.40 -19.39
CA ALA F 30 28.90 -3.08 -18.80
C ALA F 30 28.86 -3.28 -17.27
N MSE F 31 28.03 -2.49 -16.61
CA MSE F 31 27.86 -2.58 -15.16
C MSE F 31 26.96 -3.73 -14.73
O MSE F 31 26.98 -4.13 -13.57
CB MSE F 31 27.31 -1.26 -14.63
CG MSE F 31 28.41 -0.28 -14.32
SE MSE F 31 29.52 -0.92 -12.83
CE MSE F 31 28.33 -0.44 -11.37
N SER F 32 26.18 -4.22 -15.67
CA SER F 32 25.30 -5.34 -15.37
C SER F 32 24.98 -6.14 -16.62
N GLY F 33 24.84 -7.45 -16.42
CA GLY F 33 24.27 -8.35 -17.41
C GLY F 33 22.80 -7.99 -17.64
N ALA F 34 22.29 -8.35 -18.81
CA ALA F 34 20.93 -8.04 -19.20
C ALA F 34 20.23 -9.27 -19.80
N PHE F 35 18.95 -9.43 -19.52
CA PHE F 35 18.18 -10.48 -20.18
C PHE F 35 16.87 -9.96 -20.77
N ASP F 36 16.48 -10.54 -21.91
CA ASP F 36 15.15 -10.40 -22.46
C ASP F 36 14.59 -11.81 -22.78
N LEU F 37 13.46 -12.15 -22.16
CA LEU F 37 12.82 -13.45 -22.32
C LEU F 37 11.36 -13.29 -22.71
N GLU F 38 10.98 -13.97 -23.80
CA GLU F 38 9.67 -13.82 -24.43
C GLU F 38 9.00 -15.16 -24.70
N MSE F 39 7.70 -15.26 -24.38
CA MSE F 39 6.85 -16.38 -24.74
C MSE F 39 5.75 -15.87 -25.67
O MSE F 39 5.04 -14.94 -25.30
CB MSE F 39 6.16 -16.98 -23.52
CG MSE F 39 6.99 -17.89 -22.67
SE MSE F 39 5.94 -18.58 -21.17
CE MSE F 39 7.43 -19.20 -20.07
N THR F 40 5.61 -16.47 -26.83
CA THR F 40 4.60 -16.07 -27.78
C THR F 40 3.77 -17.27 -28.15
N TYR F 41 2.46 -17.14 -28.07
CA TYR F 41 1.56 -18.21 -28.45
C TYR F 41 0.66 -17.76 -29.61
N LYS F 42 0.70 -18.51 -30.72
CA LYS F 42 -0.21 -18.29 -31.86
C LYS F 42 -1.38 -19.27 -31.88
N PHE F 43 -2.57 -18.75 -32.18
CA PHE F 43 -3.81 -19.52 -32.33
C PHE F 43 -4.49 -18.97 -33.56
N ASN F 46 -11.46 -18.38 -31.65
CA ASN F 46 -11.34 -19.72 -31.08
C ASN F 46 -11.12 -19.69 -29.56
N ASP F 47 -11.05 -20.89 -28.96
CA ASP F 47 -11.10 -21.05 -27.50
C ASP F 47 -9.97 -20.38 -26.70
N ALA F 48 -8.80 -20.20 -27.31
CA ALA F 48 -7.62 -19.69 -26.59
C ALA F 48 -7.30 -18.20 -26.84
N GLN F 49 -8.12 -17.58 -27.68
CA GLN F 49 -8.06 -16.15 -27.98
C GLN F 49 -8.31 -15.32 -26.69
N TYR F 50 -7.51 -14.29 -26.45
CA TYR F 50 -7.74 -13.35 -25.33
C TYR F 50 -7.83 -14.00 -23.94
N LYS F 51 -7.04 -15.05 -23.70
CA LYS F 51 -6.99 -15.73 -22.41
C LYS F 51 -5.54 -15.85 -21.96
N ALA F 52 -5.26 -15.44 -20.74
CA ALA F 52 -3.92 -15.59 -20.20
C ALA F 52 -3.49 -17.06 -20.20
N PHE F 53 -2.23 -17.32 -20.56
CA PHE F 53 -1.69 -18.67 -20.48
C PHE F 53 -0.73 -18.74 -19.31
N ILE F 54 -0.56 -17.61 -18.64
CA ILE F 54 0.30 -17.52 -17.46
C ILE F 54 -0.17 -16.36 -16.56
N GLU F 55 0.10 -16.46 -15.27
CA GLU F 55 -0.13 -15.36 -14.33
C GLU F 55 0.95 -14.29 -14.60
N PRO F 56 0.57 -12.99 -14.67
CA PRO F 56 1.59 -11.96 -14.86
C PRO F 56 2.84 -12.15 -13.99
N ILE F 57 4.03 -11.95 -14.57
CA ILE F 57 5.25 -11.94 -13.78
C ILE F 57 5.41 -10.52 -13.31
N LYS F 58 5.40 -10.28 -12.01
CA LYS F 58 5.47 -8.91 -11.49
C LYS F 58 6.86 -8.32 -11.70
N GLN F 59 6.90 -7.11 -12.26
CA GLN F 59 8.13 -6.31 -12.33
C GLN F 59 8.65 -6.01 -10.91
N GLY F 60 9.96 -5.84 -10.80
CA GLY F 60 10.61 -5.60 -9.50
C GLY F 60 11.07 -6.84 -8.74
N GLN F 61 10.63 -8.01 -9.18
CA GLN F 61 10.86 -9.26 -8.47
C GLN F 61 12.33 -9.68 -8.55
N ALA F 62 12.94 -10.00 -7.42
CA ALA F 62 14.28 -10.61 -7.41
C ALA F 62 14.25 -11.85 -8.31
N CYS F 63 15.35 -12.09 -9.02
CA CYS F 63 15.35 -13.19 -9.96
C CYS F 63 16.73 -13.76 -10.27
N THR F 64 16.74 -14.99 -10.76
CA THR F 64 17.95 -15.59 -11.32
C THR F 64 17.62 -16.12 -12.71
N VAL F 65 18.61 -16.08 -13.60
CA VAL F 65 18.55 -16.78 -14.88
C VAL F 65 19.72 -17.75 -14.99
N ASP F 66 19.39 -19.01 -15.24
CA ASP F 66 20.35 -20.10 -15.46
C ASP F 66 20.28 -20.66 -16.89
N ILE F 67 21.44 -20.93 -17.48
CA ILE F 67 21.53 -21.67 -18.73
C ILE F 67 22.04 -23.06 -18.38
N GLY F 68 21.19 -24.07 -18.57
CA GLY F 68 21.55 -25.43 -18.22
C GLY F 68 22.00 -25.56 -16.78
N GLY F 69 21.33 -24.85 -15.88
CA GLY F 69 21.65 -24.91 -14.46
C GLY F 69 22.84 -24.09 -14.02
N GLU F 70 23.45 -23.34 -14.94
CA GLU F 70 24.58 -22.46 -14.64
C GLU F 70 24.12 -21.01 -14.64
N ARG F 71 24.48 -20.28 -13.58
CA ARG F 71 24.04 -18.90 -13.39
C ARG F 71 24.60 -17.96 -14.44
N VAL F 72 23.71 -17.23 -15.12
CA VAL F 72 24.13 -16.13 -16.00
C VAL F 72 23.62 -14.74 -15.57
N ILE F 73 22.52 -14.68 -14.82
CA ILE F 73 22.00 -13.41 -14.30
C ILE F 73 21.48 -13.56 -12.88
N THR F 74 21.86 -12.61 -12.01
CA THR F 74 21.33 -12.53 -10.67
C THR F 74 20.92 -11.09 -10.35
N GLY F 75 19.61 -10.85 -10.31
CA GLY F 75 19.11 -9.49 -10.10
C GLY F 75 17.61 -9.41 -9.98
N TYR F 76 17.03 -8.54 -10.79
CA TYR F 76 15.62 -8.22 -10.65
C TYR F 76 14.96 -8.15 -12.01
N VAL F 77 13.65 -8.41 -12.04
CA VAL F 77 12.82 -8.14 -13.22
C VAL F 77 12.60 -6.64 -13.23
N ASP F 78 13.02 -6.00 -14.33
CA ASP F 78 12.75 -4.57 -14.58
C ASP F 78 11.38 -4.38 -15.21
N ASP F 79 11.05 -5.20 -16.21
CA ASP F 79 9.88 -4.96 -17.05
C ASP F 79 9.00 -6.18 -17.23
N TRP F 80 7.69 -5.99 -17.00
CA TRP F 80 6.65 -6.94 -17.42
C TRP F 80 6.00 -6.36 -18.69
N VAL F 81 6.08 -7.09 -19.81
CA VAL F 81 5.72 -6.53 -21.12
C VAL F 81 4.74 -7.47 -21.83
N PRO F 82 3.44 -7.38 -21.46
CA PRO F 82 2.46 -8.25 -22.12
C PRO F 82 1.85 -7.59 -23.39
N SER F 83 1.41 -8.41 -24.33
CA SER F 83 0.75 -7.90 -25.53
C SER F 83 -0.08 -8.98 -26.16
N TYR F 84 -1.01 -8.58 -27.02
CA TYR F 84 -1.88 -9.55 -27.65
C TYR F 84 -2.69 -8.91 -28.76
N ASP F 85 -3.16 -9.73 -29.69
CA ASP F 85 -4.06 -9.31 -30.73
C ASP F 85 -5.01 -10.48 -31.01
N GLU F 86 -5.65 -10.45 -32.16
CA GLU F 86 -6.71 -11.41 -32.51
C GLU F 86 -6.24 -12.86 -32.60
N SER F 87 -4.94 -13.06 -32.79
CA SER F 87 -4.41 -14.39 -33.04
C SER F 87 -3.08 -14.69 -32.32
N THR F 88 -2.64 -13.80 -31.43
CA THR F 88 -1.36 -13.98 -30.71
C THR F 88 -1.49 -13.50 -29.27
N ILE F 89 -0.80 -14.17 -28.35
CA ILE F 89 -0.55 -13.59 -27.02
C ILE F 89 0.95 -13.65 -26.76
N THR F 90 1.52 -12.50 -26.38
CA THR F 90 2.95 -12.38 -26.15
C THR F 90 3.25 -11.82 -24.77
N ILE F 91 4.01 -12.55 -23.99
CA ILE F 91 4.53 -12.00 -22.74
C ILE F 91 6.05 -11.98 -22.79
N SER F 92 6.60 -10.94 -22.21
CA SER F 92 8.00 -10.68 -22.23
C SER F 92 8.36 -10.12 -20.86
N VAL F 93 9.46 -10.62 -20.29
CA VAL F 93 10.10 -9.96 -19.16
C VAL F 93 11.53 -9.55 -19.50
N SER F 94 11.94 -8.43 -18.95
CA SER F 94 13.31 -7.96 -19.11
C SER F 94 13.88 -7.58 -17.76
N GLY F 95 15.20 -7.71 -17.61
CA GLY F 95 15.87 -7.35 -16.38
C GLY F 95 17.38 -7.32 -16.47
N ARG F 96 18.02 -7.21 -15.31
CA ARG F 96 19.44 -6.92 -15.22
C ARG F 96 20.00 -7.55 -13.94
N ASP F 97 21.32 -7.65 -13.85
CA ASP F 97 22.00 -8.01 -12.61
C ASP F 97 21.65 -6.98 -11.51
N LYS F 98 21.77 -7.40 -10.25
CA LYS F 98 21.61 -6.52 -9.08
C LYS F 98 22.35 -5.19 -9.19
N THR F 99 23.52 -5.21 -9.83
CA THR F 99 24.39 -4.02 -9.94
C THR F 99 23.69 -2.86 -10.66
N ALA F 100 22.60 -3.16 -11.39
CA ALA F 100 21.75 -2.14 -12.00
C ALA F 100 21.30 -1.06 -11.01
N ASP F 101 21.10 -1.45 -9.75
CA ASP F 101 20.76 -0.51 -8.67
C ASP F 101 21.84 0.56 -8.47
N LEU F 102 23.09 0.20 -8.75
CA LEU F 102 24.23 1.12 -8.63
C LEU F 102 24.23 2.16 -9.74
N VAL F 103 23.55 1.82 -10.83
CA VAL F 103 23.44 2.68 -12.00
C VAL F 103 22.23 3.63 -11.89
N ASP F 104 21.10 3.10 -11.42
CA ASP F 104 19.83 3.84 -11.34
C ASP F 104 19.76 4.81 -10.15
N CYS F 105 20.35 4.44 -9.02
CA CYS F 105 20.03 5.09 -7.72
C CYS F 105 21.11 6.06 -7.23
N SER F 106 20.73 7.01 -6.37
CA SER F 106 21.70 7.99 -5.79
C SER F 106 22.48 7.41 -4.63
N ILE F 107 23.72 7.86 -4.46
CA ILE F 107 24.49 7.57 -3.25
C ILE F 107 23.89 8.38 -2.11
N ASP F 108 23.48 7.70 -1.04
CA ASP F 108 23.11 8.37 0.21
C ASP F 108 24.19 8.10 1.23
N TYR F 109 25.02 9.10 1.44
CA TYR F 109 26.13 9.02 2.36
C TYR F 109 26.25 10.38 3.04
N PRO F 110 25.72 10.50 4.28
CA PRO F 110 25.65 11.77 4.99
C PRO F 110 26.97 12.57 4.98
N SER F 111 28.08 11.89 5.22
CA SER F 111 29.39 12.56 5.25
C SER F 111 29.68 13.36 3.97
N GLY F 112 29.38 12.78 2.81
CA GLY F 112 29.65 13.41 1.53
C GLY F 112 31.08 13.25 1.02
N GLN F 113 31.97 12.75 1.87
CA GLN F 113 33.41 12.64 1.57
C GLN F 113 34.04 11.28 1.90
N PHE F 114 35.08 10.92 1.16
CA PHE F 114 35.94 9.79 1.51
C PHE F 114 37.37 10.27 1.70
N ASN F 115 37.94 9.98 2.87
CA ASN F 115 39.30 10.41 3.20
C ASN F 115 40.28 9.26 3.33
N ASN F 116 41.35 9.32 2.52
CA ASN F 116 42.43 8.31 2.52
C ASN F 116 41.93 6.87 2.32
N GLN F 117 40.93 6.73 1.44
CA GLN F 117 40.26 5.47 1.17
C GLN F 117 40.71 4.91 -0.18
N THR F 118 40.86 3.57 -0.26
CA THR F 118 41.11 2.95 -1.57
C THR F 118 39.78 2.80 -2.30
N LEU F 119 39.85 2.54 -3.61
CA LEU F 119 38.64 2.29 -4.41
C LEU F 119 37.78 1.19 -3.79
N THR F 120 38.43 0.12 -3.36
CA THR F 120 37.76 -1.03 -2.76
C THR F 120 36.97 -0.63 -1.52
N GLN F 121 37.56 0.22 -0.68
CA GLN F 121 36.90 0.72 0.52
C GLN F 121 35.69 1.60 0.18
N ILE F 122 35.87 2.51 -0.79
CA ILE F 122 34.79 3.34 -1.31
C ILE F 122 33.66 2.49 -1.89
N ALA F 123 34.01 1.51 -2.73
CA ALA F 123 33.02 0.61 -3.34
C ALA F 123 32.30 -0.22 -2.28
N ASP F 124 33.05 -0.76 -1.32
CA ASP F 124 32.46 -1.50 -0.20
C ASP F 124 31.35 -0.70 0.45
N ILE F 125 31.62 0.57 0.74
CA ILE F 125 30.69 1.48 1.39
C ILE F 125 29.43 1.83 0.56
N VAL F 126 29.62 2.20 -0.70
CA VAL F 126 28.50 2.66 -1.51
C VAL F 126 27.57 1.52 -1.91
N CYS F 127 28.10 0.29 -1.98
CA CYS F 127 27.31 -0.90 -2.37
C CYS F 127 26.52 -1.53 -1.22
N LYS F 128 26.95 -1.28 0.01
CA LYS F 128 26.39 -1.96 1.18
C LYS F 128 24.85 -1.86 1.30
N PRO F 129 24.27 -0.64 1.24
CA PRO F 129 22.80 -0.54 1.40
C PRO F 129 22.00 -1.22 0.31
N PHE F 130 22.62 -1.45 -0.85
CA PHE F 130 22.01 -2.18 -1.96
C PHE F 130 22.15 -3.70 -1.79
N GLY F 131 22.90 -4.14 -0.79
CA GLY F 131 23.24 -5.56 -0.61
C GLY F 131 24.05 -6.14 -1.76
N ILE F 132 24.99 -5.34 -2.26
CA ILE F 132 25.85 -5.75 -3.37
C ILE F 132 27.25 -5.96 -2.84
N LYS F 133 27.78 -7.16 -3.06
CA LYS F 133 29.11 -7.52 -2.59
C LYS F 133 30.11 -7.07 -3.65
N VAL F 134 31.32 -6.72 -3.23
CA VAL F 134 32.34 -6.21 -4.14
C VAL F 134 33.46 -7.25 -4.27
N ILE F 135 33.76 -7.66 -5.51
CA ILE F 135 34.87 -8.59 -5.78
C ILE F 135 36.01 -7.82 -6.43
N VAL F 136 37.19 -7.88 -5.81
CA VAL F 136 38.38 -7.19 -6.32
C VAL F 136 39.29 -8.22 -6.97
N ASN F 137 39.58 -8.00 -8.26
CA ASN F 137 40.26 -8.99 -9.08
C ASN F 137 41.62 -8.53 -9.61
N THR F 138 42.01 -7.31 -9.21
CA THR F 138 43.21 -6.66 -9.73
C THR F 138 43.74 -5.61 -8.73
N ASP F 139 44.92 -5.08 -9.02
CA ASP F 139 45.54 -4.09 -8.14
C ASP F 139 44.82 -2.72 -8.24
N VAL F 140 44.26 -2.28 -7.12
CA VAL F 140 43.44 -1.07 -7.03
C VAL F 140 44.28 0.21 -6.78
N GLY F 141 45.60 0.03 -6.74
CA GLY F 141 46.54 1.13 -6.54
C GLY F 141 46.41 1.83 -5.20
N GLU F 142 46.90 3.06 -5.13
CA GLU F 142 46.95 3.82 -3.88
C GLU F 142 45.57 4.28 -3.38
N PRO F 143 45.49 4.56 -2.05
CA PRO F 143 44.26 5.19 -1.56
C PRO F 143 44.12 6.59 -2.18
N PHE F 144 42.89 7.09 -2.28
CA PHE F 144 42.63 8.46 -2.73
C PHE F 144 42.70 9.44 -1.56
N GLN F 145 43.42 10.55 -1.73
CA GLN F 145 43.54 11.57 -0.69
C GLN F 145 42.17 11.97 -0.13
N ARG F 146 41.37 12.66 -0.97
CA ARG F 146 40.04 13.13 -0.57
C ARG F 146 39.10 13.19 -1.76
N ILE F 147 38.01 12.42 -1.67
CA ILE F 147 37.00 12.38 -2.73
C ILE F 147 35.71 13.01 -2.24
N GLN F 148 35.13 13.88 -3.07
CA GLN F 148 33.80 14.42 -2.79
C GLN F 148 32.75 13.83 -3.72
N ILE F 149 31.63 13.44 -3.13
CA ILE F 149 30.48 12.95 -3.89
C ILE F 149 29.76 14.14 -4.50
N GLU F 150 29.59 14.10 -5.81
CA GLU F 150 28.91 15.19 -6.52
C GLU F 150 27.41 15.11 -6.25
N GLN F 151 26.73 16.24 -6.33
CA GLN F 151 25.28 16.29 -6.13
C GLN F 151 24.54 15.29 -7.04
N GLY F 152 23.79 14.37 -6.44
CA GLY F 152 22.99 13.40 -7.18
C GLY F 152 23.78 12.28 -7.84
N GLU F 153 25.04 12.15 -7.46
CA GLU F 153 25.93 11.13 -8.02
C GLU F 153 25.50 9.71 -7.64
N THR F 154 25.59 8.80 -8.61
CA THR F 154 25.23 7.41 -8.39
C THR F 154 26.48 6.64 -7.95
N PRO F 155 26.31 5.46 -7.32
CA PRO F 155 27.50 4.67 -7.00
C PRO F 155 28.30 4.33 -8.25
N HIS F 156 27.62 4.00 -9.35
CA HIS F 156 28.31 3.76 -10.61
C HIS F 156 29.15 4.95 -11.10
N GLU F 157 28.59 6.15 -11.09
CA GLU F 157 29.33 7.34 -11.53
C GLU F 157 30.60 7.62 -10.70
N LEU F 158 30.47 7.52 -9.38
CA LEU F 158 31.60 7.73 -8.47
C LEU F 158 32.71 6.70 -8.68
N LEU F 159 32.33 5.42 -8.69
CA LEU F 159 33.30 4.35 -8.85
C LEU F 159 33.97 4.33 -10.24
N ALA F 160 33.22 4.73 -11.27
CA ALA F 160 33.73 4.84 -12.64
C ALA F 160 34.84 5.89 -12.82
N ARG F 161 34.68 7.07 -12.21
CA ARG F 161 35.69 8.12 -12.33
C ARG F 161 36.94 7.85 -11.51
N LEU F 162 36.77 7.16 -10.38
CA LEU F 162 37.88 6.62 -9.58
C LEU F 162 38.62 5.47 -10.28
N ALA F 163 37.87 4.62 -10.98
CA ALA F 163 38.43 3.49 -11.71
C ALA F 163 39.30 3.96 -12.87
N LYS F 164 38.83 5.01 -13.51
CA LYS F 164 39.49 5.63 -14.65
C LYS F 164 40.86 6.23 -14.23
N GLN F 165 40.91 6.72 -13.00
CA GLN F 165 42.14 7.24 -12.41
C GLN F 165 43.14 6.12 -12.18
N ARG F 166 42.65 4.94 -11.79
CA ARG F 166 43.52 3.82 -11.41
C ARG F 166 43.74 2.84 -12.57
N GLY F 167 43.09 3.09 -13.70
CA GLY F 167 43.16 2.16 -14.85
C GLY F 167 42.61 0.76 -14.60
N VAL F 168 41.50 0.67 -13.87
CA VAL F 168 40.83 -0.61 -13.63
C VAL F 168 39.46 -0.58 -14.29
N LEU F 169 38.92 -1.77 -14.55
CA LEU F 169 37.60 -1.89 -15.16
C LEU F 169 36.57 -2.22 -14.10
N LEU F 170 35.35 -1.71 -14.27
CA LEU F 170 34.22 -2.09 -13.42
C LEU F 170 33.17 -2.88 -14.21
N THR F 171 32.83 -4.06 -13.70
CA THR F 171 31.82 -4.90 -14.34
C THR F 171 31.03 -5.64 -13.24
N SER F 172 30.21 -6.62 -13.64
CA SER F 172 29.50 -7.46 -12.69
C SER F 172 29.85 -8.92 -12.95
N ASP F 173 29.57 -9.81 -11.99
CA ASP F 173 29.67 -11.25 -12.24
C ASP F 173 28.24 -11.82 -12.40
N THR F 174 28.12 -13.13 -12.64
CA THR F 174 26.80 -13.71 -12.86
C THR F 174 25.95 -13.76 -11.59
N PHE F 175 26.58 -13.46 -10.44
CA PHE F 175 25.87 -13.42 -9.17
C PHE F 175 25.52 -11.98 -8.77
N GLY F 176 25.64 -11.06 -9.71
CA GLY F 176 25.29 -9.66 -9.48
C GLY F 176 26.17 -8.96 -8.45
N ASN F 177 27.38 -9.46 -8.25
CA ASN F 177 28.38 -8.77 -7.43
C ASN F 177 29.04 -7.74 -8.31
N LEU F 178 29.55 -6.66 -7.73
CA LEU F 178 30.40 -5.72 -8.47
C LEU F 178 31.82 -6.30 -8.56
N VAL F 179 32.40 -6.26 -9.76
CA VAL F 179 33.75 -6.78 -9.99
C VAL F 179 34.70 -5.65 -10.40
N ILE F 180 35.81 -5.52 -9.69
CA ILE F 180 36.87 -4.59 -10.08
C ILE F 180 37.98 -5.42 -10.68
N THR F 181 38.34 -5.17 -11.94
CA THR F 181 39.27 -6.06 -12.65
C THR F 181 40.07 -5.39 -13.76
N ARG F 182 40.86 -6.19 -14.47
CA ARG F 182 41.60 -5.73 -15.66
C ARG F 182 41.41 -6.74 -16.78
N ALA F 183 41.79 -6.35 -18.00
CA ALA F 183 41.77 -7.26 -19.14
C ALA F 183 42.72 -8.40 -18.85
N SER F 184 42.27 -9.64 -19.06
CA SER F 184 43.06 -10.78 -18.61
C SER F 184 43.85 -11.43 -19.76
N LYS F 185 44.60 -12.47 -19.42
CA LYS F 185 45.37 -13.23 -20.40
C LYS F 185 44.92 -14.70 -20.42
N THR F 186 43.74 -14.97 -19.87
CA THR F 186 43.13 -16.29 -19.90
C THR F 186 42.69 -16.61 -21.33
N LYS F 187 43.10 -17.78 -21.81
CA LYS F 187 42.71 -18.21 -23.15
C LYS F 187 41.30 -18.81 -23.14
N ALA F 188 40.55 -18.56 -24.21
CA ALA F 188 39.22 -19.11 -24.36
C ALA F 188 39.27 -20.63 -24.57
N GLY F 189 40.38 -21.13 -25.11
CA GLY F 189 40.58 -22.56 -25.36
C GLY F 189 39.95 -22.96 -26.68
N VAL F 190 39.73 -21.97 -27.53
CA VAL F 190 39.15 -22.19 -28.86
C VAL F 190 39.57 -21.03 -29.76
N SER F 191 39.55 -21.24 -31.07
CA SER F 191 39.84 -20.17 -32.02
C SER F 191 38.62 -19.89 -32.90
N LEU F 192 38.50 -18.66 -33.35
CA LEU F 192 37.49 -18.28 -34.34
C LEU F 192 38.17 -18.22 -35.69
N ILE F 193 37.85 -19.20 -36.54
CA ILE F 193 38.60 -19.41 -37.77
C ILE F 193 37.63 -19.37 -38.94
N LEU F 194 37.91 -18.47 -39.90
CA LEU F 194 37.11 -18.34 -41.11
C LEU F 194 37.05 -19.68 -41.86
N GLY F 195 35.86 -20.12 -42.26
CA GLY F 195 35.72 -21.39 -42.97
C GLY F 195 35.67 -22.59 -42.05
N ASP F 196 35.87 -22.36 -40.74
CA ASP F 196 35.81 -23.42 -39.76
C ASP F 196 34.53 -23.32 -38.95
N ASN F 197 34.51 -22.43 -37.96
CA ASN F 197 33.48 -22.44 -36.94
C ASN F 197 32.72 -21.09 -36.88
N VAL F 198 32.89 -20.27 -37.91
CA VAL F 198 32.19 -18.99 -38.01
C VAL F 198 30.98 -19.11 -38.92
N LYS F 199 29.81 -18.84 -38.37
CA LYS F 199 28.59 -18.82 -39.18
C LYS F 199 28.56 -17.51 -39.97
N ALA F 200 28.73 -16.39 -39.28
CA ALA F 200 28.73 -15.08 -39.90
C ALA F 200 29.64 -14.13 -39.15
N ALA F 201 30.12 -13.09 -39.83
CA ALA F 201 30.93 -12.07 -39.20
C ALA F 201 30.77 -10.73 -39.88
N ARG F 202 30.98 -9.67 -39.12
CA ARG F 202 31.02 -8.33 -39.64
C ARG F 202 31.98 -7.51 -38.81
N GLY F 203 32.46 -6.43 -39.41
CA GLY F 203 33.40 -5.53 -38.76
C GLY F 203 33.27 -4.15 -39.35
N ARG F 204 33.98 -3.20 -38.76
CA ARG F 204 34.02 -1.82 -39.21
C ARG F 204 35.32 -1.27 -38.65
N PHE F 205 36.17 -0.78 -39.54
CA PHE F 205 37.47 -0.22 -39.22
C PHE F 205 37.53 1.19 -39.82
N SER F 206 37.65 2.19 -38.94
CA SER F 206 37.37 3.61 -39.27
C SER F 206 38.51 4.52 -38.85
N TRP F 207 38.73 5.59 -39.62
CA TRP F 207 39.62 6.70 -39.20
C TRP F 207 38.85 7.97 -38.81
N ARG F 208 37.53 7.91 -38.75
CA ARG F 208 36.73 9.11 -38.45
CA ARG F 208 36.71 9.09 -38.44
C ARG F 208 37.18 9.80 -37.17
N GLN F 209 37.52 9.00 -36.15
CA GLN F 209 37.90 9.54 -34.84
C GLN F 209 39.36 9.19 -34.52
N ARG F 210 40.14 8.98 -35.56
CA ARG F 210 41.57 8.73 -35.42
C ARG F 210 42.37 9.93 -35.91
N PHE F 211 43.50 10.17 -35.26
CA PHE F 211 44.35 11.34 -35.47
C PHE F 211 45.83 10.95 -35.44
N SER F 212 46.63 11.65 -36.23
CA SER F 212 48.08 11.44 -36.32
C SER F 212 48.82 11.90 -35.08
N LYS F 213 48.23 12.88 -34.38
CA LYS F 213 48.89 13.51 -33.22
C LYS F 213 47.88 14.07 -32.23
N PHE F 214 48.05 13.69 -30.97
CA PHE F 214 47.27 14.19 -29.86
C PHE F 214 48.12 15.17 -29.06
N THR F 215 47.68 16.42 -28.96
CA THR F 215 48.39 17.42 -28.17
C THR F 215 47.55 17.74 -26.94
N ILE F 216 48.12 17.50 -25.78
CA ILE F 216 47.41 17.77 -24.54
C ILE F 216 48.08 18.99 -23.92
N LYS F 217 47.32 20.09 -23.87
CA LYS F 217 47.78 21.35 -23.33
C LYS F 217 47.09 21.62 -22.00
N ALA F 218 47.85 22.22 -21.09
CA ALA F 218 47.29 22.88 -19.92
C ALA F 218 47.90 24.27 -19.89
N ALA F 219 47.67 25.02 -20.97
CA ALA F 219 48.32 26.33 -21.19
C ALA F 219 47.40 27.49 -20.87
N GLY F 236 53.84 27.49 -20.75
CA GLY F 236 52.77 26.74 -21.40
C GLY F 236 53.09 25.26 -21.43
N ILE F 237 52.43 24.50 -20.57
CA ILE F 237 52.69 23.07 -20.41
C ILE F 237 51.91 22.23 -21.46
N LYS F 238 52.67 21.45 -22.24
CA LYS F 238 52.17 20.77 -23.45
C LYS F 238 52.89 19.45 -23.69
N ALA F 239 52.17 18.48 -24.27
CA ALA F 239 52.76 17.20 -24.68
C ALA F 239 52.13 16.66 -25.96
N ASP F 240 52.98 16.24 -26.90
CA ASP F 240 52.55 15.67 -28.17
C ASP F 240 52.65 14.15 -28.11
N VAL F 241 51.52 13.48 -28.37
CA VAL F 241 51.50 12.02 -28.45
C VAL F 241 51.09 11.64 -29.87
N THR F 242 52.03 11.04 -30.61
CA THR F 242 51.82 10.62 -31.98
C THR F 242 51.07 9.27 -32.05
N ASP F 243 50.26 9.10 -33.08
CA ASP F 243 49.66 7.79 -33.41
C ASP F 243 50.23 7.38 -34.76
N SER F 244 51.21 6.49 -34.72
CA SER F 244 51.92 6.09 -35.94
C SER F 244 51.10 5.27 -36.94
N GLU F 245 49.94 4.74 -36.51
CA GLU F 245 49.00 4.03 -37.41
C GLU F 245 48.35 4.97 -38.45
N ILE F 246 48.24 6.25 -38.10
CA ILE F 246 47.52 7.25 -38.90
C ILE F 246 48.51 8.05 -39.73
N GLY F 247 48.67 7.65 -40.99
CA GLY F 247 49.76 8.17 -41.82
C GLY F 247 49.45 9.40 -42.65
N ARG F 248 48.35 10.09 -42.33
CA ARG F 248 48.03 11.41 -42.88
C ARG F 248 48.04 12.45 -41.75
N TYR F 249 48.43 13.68 -42.06
CA TYR F 249 48.35 14.78 -41.08
C TYR F 249 46.91 15.05 -40.63
N ARG F 250 46.64 14.73 -39.37
CA ARG F 250 45.34 14.88 -38.74
C ARG F 250 45.54 15.20 -37.25
N PRO F 251 45.88 16.46 -36.90
CA PRO F 251 46.14 16.80 -35.50
C PRO F 251 44.86 17.02 -34.67
N LEU F 252 44.91 16.60 -33.41
CA LEU F 252 43.89 16.95 -32.42
C LEU F 252 44.57 17.57 -31.20
N ILE F 253 44.11 18.77 -30.86
CA ILE F 253 44.58 19.49 -29.68
C ILE F 253 43.48 19.47 -28.62
N ILE F 254 43.83 18.97 -27.44
CA ILE F 254 42.90 18.93 -26.30
C ILE F 254 43.47 19.73 -25.13
N VAL F 255 42.65 20.65 -24.61
CA VAL F 255 42.97 21.35 -23.37
C VAL F 255 42.41 20.55 -22.20
N ASN F 256 43.27 20.26 -21.23
CA ASN F 256 42.85 19.56 -20.02
C ASN F 256 43.41 20.28 -18.81
N GLU F 257 42.59 21.17 -18.26
CA GLU F 257 43.01 22.05 -17.16
C GLU F 257 43.41 21.26 -15.91
N GLU F 258 43.12 19.96 -15.91
CA GLU F 258 43.46 19.07 -14.78
C GLU F 258 44.94 18.67 -14.75
N VAL F 259 45.53 18.49 -15.94
CA VAL F 259 46.96 18.18 -16.07
C VAL F 259 47.82 19.34 -15.54
N THR F 260 48.76 19.03 -14.64
CA THR F 260 49.71 20.03 -14.14
C THR F 260 51.16 19.69 -14.49
N THR F 261 51.38 18.48 -15.00
CA THR F 261 52.72 18.01 -15.36
C THR F 261 52.85 17.94 -16.88
N ALA F 262 54.09 17.91 -17.36
CA ALA F 262 54.36 17.53 -18.75
C ALA F 262 54.16 16.02 -18.89
N GLU F 263 54.49 15.31 -17.81
CA GLU F 263 54.30 13.86 -17.71
C GLU F 263 52.83 13.48 -17.61
N GLY F 264 52.06 14.28 -16.86
CA GLY F 264 50.62 14.09 -16.73
C GLY F 264 49.88 14.38 -18.02
N ALA F 265 50.36 15.39 -18.76
CA ALA F 265 49.87 15.74 -20.10
C ALA F 265 50.20 14.64 -21.11
N ALA F 266 51.39 14.05 -21.01
CA ALA F 266 51.76 12.91 -21.86
C ALA F 266 50.90 11.70 -21.51
N LYS F 267 50.64 11.52 -20.22
CA LYS F 267 49.82 10.42 -19.73
C LYS F 267 48.39 10.46 -20.28
N ARG F 268 47.72 11.62 -20.19
CA ARG F 268 46.37 11.74 -20.77
C ARG F 268 46.34 11.67 -22.29
N GLY F 269 47.46 12.02 -22.93
CA GLY F 269 47.62 11.91 -24.37
C GLY F 269 47.61 10.48 -24.90
N GLN F 270 48.35 9.60 -24.22
CA GLN F 270 48.34 8.17 -24.54
C GLN F 270 46.94 7.61 -24.32
N TRP F 271 46.32 7.98 -23.20
CA TRP F 271 44.99 7.55 -22.83
C TRP F 271 43.99 7.90 -23.95
N GLU F 272 44.07 9.14 -24.41
CA GLU F 272 43.23 9.67 -25.49
C GLU F 272 43.40 8.82 -26.78
N ARG F 273 44.65 8.63 -27.17
CA ARG F 273 45.02 7.82 -28.34
C ARG F 273 44.47 6.41 -28.24
N GLN F 274 44.67 5.79 -27.08
CA GLN F 274 44.22 4.42 -26.83
C GLN F 274 42.69 4.34 -26.92
N ARG F 275 42.03 5.33 -26.35
CA ARG F 275 40.57 5.44 -26.42
C ARG F 275 40.05 5.49 -27.86
N SER F 276 40.76 6.24 -28.72
CA SER F 276 40.35 6.44 -30.11
C SER F 276 40.45 5.15 -30.92
N ILE F 277 41.49 4.38 -30.62
CA ILE F 277 41.74 3.10 -31.27
C ILE F 277 40.59 2.16 -30.96
N GLY F 278 40.22 2.08 -29.69
CA GLY F 278 39.16 1.21 -29.23
C GLY F 278 37.77 1.60 -29.72
N LYS F 279 37.61 2.86 -30.07
CA LYS F 279 36.33 3.40 -30.54
C LYS F 279 36.16 3.25 -32.05
N SER F 280 37.26 3.00 -32.74
CA SER F 280 37.30 3.05 -34.19
C SER F 280 37.22 1.70 -34.91
N ASN F 281 37.41 0.63 -34.15
CA ASN F 281 37.36 -0.73 -34.68
C ASN F 281 36.31 -1.59 -34.00
N MSE F 282 35.69 -2.47 -34.79
CA MSE F 282 34.62 -3.35 -34.35
C MSE F 282 34.75 -4.64 -35.15
O MSE F 282 34.99 -4.62 -36.35
CB MSE F 282 33.27 -2.68 -34.62
CG MSE F 282 32.02 -3.44 -34.15
SE MSE F 282 31.22 -4.76 -35.44
CE MSE F 282 30.02 -3.56 -36.39
N ALA F 283 34.60 -5.76 -34.45
CA ALA F 283 34.46 -7.07 -35.07
C ALA F 283 33.56 -7.99 -34.23
N GLU F 284 32.54 -8.54 -34.87
N GLU F 284 32.63 -8.62 -34.91
CA GLU F 284 31.56 -9.41 -34.20
CA GLU F 284 31.59 -9.40 -34.31
C GLU F 284 31.38 -10.72 -34.97
C GLU F 284 31.55 -10.74 -35.04
N TYR F 285 31.64 -11.83 -34.29
CA TYR F 285 31.58 -13.19 -34.86
C TYR F 285 30.34 -13.89 -34.34
N THR F 286 29.58 -14.49 -35.25
CA THR F 286 28.40 -15.26 -34.89
C THR F 286 28.74 -16.73 -35.01
N VAL F 287 28.50 -17.47 -33.93
CA VAL F 287 28.72 -18.92 -33.93
C VAL F 287 27.46 -19.67 -33.50
N THR F 288 27.38 -20.91 -33.93
CA THR F 288 26.28 -21.81 -33.59
C THR F 288 26.40 -22.26 -32.13
N GLY F 289 25.31 -22.15 -31.38
CA GLY F 289 25.29 -22.68 -30.02
C GLY F 289 25.96 -21.76 -29.03
N TRP F 290 25.66 -21.98 -27.76
CA TRP F 290 26.17 -21.12 -26.72
C TRP F 290 27.47 -21.63 -26.09
N ARG F 291 27.76 -22.91 -26.31
CA ARG F 291 28.90 -23.54 -25.63
C ARG F 291 30.06 -23.80 -26.57
N ILE F 292 31.26 -23.71 -26.02
CA ILE F 292 32.47 -24.06 -26.77
C ILE F 292 32.58 -25.60 -26.80
N PRO F 293 32.48 -26.20 -28.01
CA PRO F 293 32.55 -27.65 -28.18
C PRO F 293 33.79 -28.30 -27.53
N GLN F 294 34.96 -27.67 -27.72
CA GLN F 294 36.25 -28.12 -27.15
C GLN F 294 36.21 -28.28 -25.63
N THR F 295 35.51 -27.37 -24.95
CA THR F 295 35.52 -27.31 -23.48
C THR F 295 34.18 -27.65 -22.80
N GLY F 296 33.08 -27.52 -23.54
CA GLY F 296 31.74 -27.66 -22.98
C GLY F 296 31.28 -26.47 -22.13
N LYS F 297 32.09 -25.41 -22.09
CA LYS F 297 31.76 -24.21 -21.33
C LYS F 297 31.14 -23.12 -22.21
N LEU F 298 30.34 -22.25 -21.60
CA LEU F 298 29.79 -21.11 -22.28
C LEU F 298 30.93 -20.18 -22.66
N TRP F 299 30.92 -19.66 -23.89
CA TRP F 299 31.77 -18.52 -24.25
C TRP F 299 31.83 -17.53 -23.08
N ASN F 300 33.03 -17.08 -22.74
CA ASN F 300 33.24 -16.20 -21.59
C ASN F 300 33.89 -14.88 -22.00
N ILE F 301 33.45 -13.79 -21.37
CA ILE F 301 34.05 -12.47 -21.61
C ILE F 301 35.43 -12.38 -21.00
N ASN F 302 36.23 -11.45 -21.52
CA ASN F 302 37.56 -11.23 -20.97
C ASN F 302 38.41 -12.49 -21.12
N THR F 303 38.22 -13.23 -22.22
CA THR F 303 39.13 -14.30 -22.57
C THR F 303 39.74 -14.03 -23.92
N LEU F 304 40.95 -14.54 -24.15
CA LEU F 304 41.65 -14.36 -25.42
C LEU F 304 41.27 -15.45 -26.41
N VAL F 305 40.93 -15.03 -27.63
CA VAL F 305 40.55 -15.94 -28.72
C VAL F 305 41.40 -15.65 -29.95
N PRO F 306 42.19 -16.64 -30.43
CA PRO F 306 42.88 -16.39 -31.71
C PRO F 306 41.86 -16.23 -32.84
N VAL F 307 42.06 -15.24 -33.71
CA VAL F 307 41.20 -15.06 -34.87
C VAL F 307 42.01 -15.14 -36.15
N ILE F 308 41.58 -15.97 -37.09
CA ILE F 308 42.23 -16.07 -38.40
C ILE F 308 41.16 -15.88 -39.46
N ASP F 309 41.25 -14.75 -40.17
CA ASP F 309 40.15 -14.30 -41.03
C ASP F 309 40.69 -13.35 -42.10
N GLU F 310 40.93 -13.86 -43.31
CA GLU F 310 41.46 -13.04 -44.41
C GLU F 310 40.45 -12.06 -45.00
N ILE F 311 39.16 -12.31 -44.79
CA ILE F 311 38.11 -11.40 -45.28
C ILE F 311 38.12 -10.11 -44.46
N MSE F 312 38.05 -10.29 -43.15
CA MSE F 312 38.11 -9.22 -42.16
C MSE F 312 39.48 -8.58 -42.03
O MSE F 312 39.58 -7.43 -41.59
CB MSE F 312 37.76 -9.81 -40.79
CG MSE F 312 37.31 -8.75 -39.83
SE MSE F 312 35.38 -8.59 -39.65
CE MSE F 312 34.70 -9.33 -41.30
N GLY F 313 40.53 -9.33 -42.39
CA GLY F 313 41.90 -8.85 -42.28
C GLY F 313 42.50 -9.07 -40.90
N LEU F 314 42.07 -10.13 -40.21
CA LEU F 314 42.54 -10.42 -38.85
C LEU F 314 43.32 -11.74 -38.81
N ASP F 315 44.42 -11.75 -38.07
CA ASP F 315 45.28 -12.92 -37.97
C ASP F 315 46.08 -12.80 -36.68
N GLU F 316 45.36 -12.65 -35.57
CA GLU F 316 45.96 -12.48 -34.25
C GLU F 316 44.97 -12.80 -33.15
N GLU F 317 45.45 -12.83 -31.91
CA GLU F 317 44.63 -13.04 -30.74
C GLU F 317 43.82 -11.79 -30.44
N MSE F 318 42.54 -11.98 -30.09
CA MSE F 318 41.62 -10.90 -29.78
C MSE F 318 40.97 -11.17 -28.44
O MSE F 318 40.84 -12.32 -28.02
CB MSE F 318 40.54 -10.79 -30.84
CG MSE F 318 41.04 -10.63 -32.27
SE MSE F 318 41.81 -8.88 -32.61
CE MSE F 318 40.13 -7.98 -33.08
N LEU F 319 40.57 -10.11 -27.73
CA LEU F 319 39.84 -10.30 -26.47
C LEU F 319 38.33 -10.20 -26.66
N ILE F 320 37.59 -11.09 -25.99
CA ILE F 320 36.13 -11.06 -26.04
C ILE F 320 35.63 -9.97 -25.10
N ALA F 321 35.03 -8.92 -25.66
CA ALA F 321 34.50 -7.85 -24.88
C ALA F 321 33.07 -8.12 -24.42
N SER F 322 32.25 -8.67 -25.33
CA SER F 322 30.82 -8.91 -25.07
CA SER F 322 30.87 -8.98 -24.99
C SER F 322 30.34 -10.17 -25.77
N ILE F 323 29.26 -10.75 -25.26
CA ILE F 323 28.59 -11.86 -25.92
C ILE F 323 27.12 -11.66 -25.75
N LEU F 324 26.41 -11.73 -26.88
CA LEU F 324 25.00 -11.91 -26.86
C LEU F 324 24.68 -13.39 -27.03
N PHE F 325 23.99 -13.97 -26.04
CA PHE F 325 23.45 -15.30 -26.19
C PHE F 325 22.01 -15.16 -26.65
N SER F 326 21.75 -15.59 -27.89
CA SER F 326 20.40 -15.46 -28.42
C SER F 326 19.78 -16.80 -28.83
N GLU F 327 18.46 -16.89 -28.63
CA GLU F 327 17.69 -18.01 -29.16
C GLU F 327 16.38 -17.52 -29.76
N ASP F 328 16.02 -18.13 -30.87
CA ASP F 328 14.69 -18.00 -31.46
C ASP F 328 14.32 -19.32 -32.15
N ASP F 329 13.28 -19.30 -32.99
CA ASP F 329 12.82 -20.53 -33.70
C ASP F 329 13.91 -21.27 -34.49
N ALA F 330 14.81 -20.54 -35.15
CA ALA F 330 15.95 -21.12 -35.89
C ALA F 330 16.97 -21.87 -35.01
N GLY F 331 17.11 -21.45 -33.75
CA GLY F 331 18.02 -22.10 -32.81
C GLY F 331 18.90 -21.13 -32.04
N ARG F 332 19.98 -21.65 -31.45
CA ARG F 332 20.85 -20.88 -30.57
C ARG F 332 22.11 -20.36 -31.25
N LEU F 333 22.41 -19.10 -30.95
CA LEU F 333 23.60 -18.44 -31.47
C LEU F 333 24.30 -17.66 -30.36
N ALA F 334 25.62 -17.59 -30.45
CA ALA F 334 26.39 -16.64 -29.66
C ALA F 334 26.99 -15.61 -30.62
N VAL F 335 26.82 -14.34 -30.29
CA VAL F 335 27.37 -13.24 -31.08
C VAL F 335 28.46 -12.61 -30.24
N ILE F 336 29.69 -12.76 -30.70
CA ILE F 336 30.86 -12.47 -29.90
C ILE F 336 31.57 -11.24 -30.46
N SER F 337 31.58 -10.18 -29.67
CA SER F 337 32.31 -8.96 -30.01
CA SER F 337 32.31 -8.95 -30.01
C SER F 337 33.76 -9.04 -29.54
N VAL F 338 34.68 -8.93 -30.48
CA VAL F 338 36.10 -9.07 -30.15
C VAL F 338 36.82 -7.76 -30.37
N VAL F 339 37.78 -7.47 -29.50
CA VAL F 339 38.57 -6.27 -29.60
C VAL F 339 40.06 -6.62 -29.59
N ARG F 340 40.86 -5.79 -30.25
CA ARG F 340 42.32 -5.89 -30.16
C ARG F 340 42.64 -5.73 -28.66
N PRO F 341 43.36 -6.69 -28.06
CA PRO F 341 43.50 -6.67 -26.60
C PRO F 341 44.08 -5.39 -25.97
N ASP F 342 44.79 -4.56 -26.74
CA ASP F 342 45.29 -3.27 -26.22
C ASP F 342 44.19 -2.20 -26.13
N ALA F 343 43.08 -2.42 -26.84
CA ALA F 343 41.95 -1.51 -26.76
C ALA F 343 41.26 -1.59 -25.39
N MSE F 344 41.33 -2.75 -24.76
CA MSE F 344 40.77 -2.95 -23.42
C MSE F 344 41.76 -2.62 -22.32
O MSE F 344 41.38 -2.47 -21.16
CB MSE F 344 40.28 -4.38 -23.23
CG MSE F 344 38.82 -4.61 -23.61
SE MSE F 344 37.54 -3.41 -22.74
CE MSE F 344 37.42 -2.15 -24.23
N ASP F 345 43.04 -2.52 -22.68
CA ASP F 345 44.10 -2.28 -21.72
C ASP F 345 44.33 -0.77 -21.59
N ILE F 346 43.40 -0.12 -20.88
CA ILE F 346 43.40 1.32 -20.71
C ILE F 346 44.30 1.74 -19.55
N PRO F 347 45.27 2.63 -19.81
CA PRO F 347 46.18 3.11 -18.75
C PRO F 347 45.43 3.92 -17.67
#